data_8AJO
#
_entry.id   8AJO
#
loop_
_entity.id
_entity.type
_entity.pdbx_description
1 polymer 'DNA damage-binding protein 1'
2 polymer 'DDB1- and CUL4-associated factor 12'
3 polymer 'T-complex protein 1 subunit epsilon'
#
loop_
_entity_poly.entity_id
_entity_poly.type
_entity_poly.pdbx_seq_one_letter_code
_entity_poly.pdbx_strand_id
1 'polypeptide(L)'
;MGSSHHHHHHSAVDENLYFQGGGRMSYNYVVTAQKPTAVNGCVTGHFTSAEDLNLLIAKNTRLEIYVVTAEGLRPVKEVG
MYGKIAVMELFRPKGESKDLLFILTAKYNACILEYKQSGESIDIITRAHGNVQDRIGRPSETGIIGIIDPECRMIGLRLY
DGLFKVIPLDRDNKELKAFNIRLEELHVIDVKFLYGCQAPTICFVYQDPQGRHVKTYEVSLREKEFNKGPWKQENVEAEA
SMVIAVPEPFGGAIIIGQESITYHNGDKYLAIAPPIIKQSTIVCHNRVDPNGSRYLLGDMEGRLFMLLLEKEEQMDGTVT
LKDLRVELLGETSIAECLTYLDNGVVFVGSRLGDSQLVKLNVDSNEQGSYVVAMETFTNLGPIVDMCVVDLERQGQGQLV
TCSGAFKEGSLRIIRNGIGIHEHASIDLPGIKGLWPLRSDPNRETDDTLVLSFVGQTRVLMLNGEEVEETELMGFVDDQQ
TFFCGNVAHQQLIQITSASVRLVSQEPKALVSEWKEPQAKNISVASCNSSQVVVAVGRALYYLQIHPQELRQISHTEMEH
EVACLDITPLGDSNGLSPLCAIGLWTDISARILKLPSFELLHKEMLGGEIIPRSILMTTFESSHYLLCALGDGALFYFGL
NIETGLLSDRKKVTLGTQPTVLRTFRSLSTTNVFACSDRPTVIYSSNHKLVFSNVNLKEVNYMCPLNSDGYPDSLALANN
STLTIGTIDEIQKLHIRTVPLYESPRKICYQEVSQCFGVLSSRIEVQDTSGGTTALRPSASTQALSSSVSSSKLFSSSTA
PHETSFGEEVEVHNLLIIDQHTFEVLHAHQFLQNEYALSLVSCKLGKDPNTYFIVGTAMVYPEEAEPKQGRIVVFQYSDG
KLQTVAEKEVKGAVYSMVEFNGKLLASINSTVRLYEWTTEKELRTECNHYNNIMALYLKTKGDFILVGDLMRSVLLLAYK
PMEGNFEEIARDFNPNWMSAVEILDDDNFLGAENAFNLFVCQKDSAATTDEERQHLQEVGLFHLGEFVNVFCHGSLVMQN
LGETSTPTQGSVLFGTVNGMIGLVTSLSESWYNLLLDMQNRLNKVIKSVGKIEHSFWRSFHTERKTEPATGFIDGDLIES
FLDISRPKMQEVVANLQYDDGSGMKREATADDLIKVVEELTRIH
;
A
2 'polypeptide(L)'
;MDWSHPQFEKSAVDENLYFQGGGRMARKVVSRKRKAPASPGAGSDAQGPQFGWDHSLHKRKRLPPVKRSLVYYLKNREVR
LQNETSYSRVLHGYAAQQLPSLLKEREFHLGTLNKVFASQWLNHRQVVCGTKCNTLFVVDVQTSQITKIPILKDREPGGV
TQQGCGIHAIELNPSRTLLATGGDNPNSLAIYRLPTLDPVCVGDDGHKDWIFSIAWISDTMAVSGSRDGSMGLWEVTDDV
LTKSDARHNVSRVPVYAHITHKALKDIPKEDTNPDNCKVRALAFNNKNKELGAVSLDGYFHLWKAENTLSKLLSTKLPYC
RENVCLAYGSEWSVYAVGSQAHVSFLDPRQPSYNVKSVCSRERGSGIRSVSFYEHIITVGTGQGSLLFYDIRAQRFLEER
LSACYGSKPRLAGENLKLTTGKGWLNHDETWRNYFSDIDFFPNAVYTHCYDSSGTKLFVAGGPLPSGLHGNYAGLWS
;
B
3 'polypeptide(L)'
;MGSSHHHHHHSAVDENLYFQGGGRMASMGTLAFDEYGRPFLIIKDQDRKSRLMGLEALKSHIMAAKAVANTMRTSLGPNG
LDKMMVDKDGDVTVTNDGATILSMMDVDHQIAKLMVELSKSQDDEIGDGTTGVVVLAGALLEEAEQLLDRGIHPIRIADG
YEQAARVAIEHLDKISDSVLVDIKDTEPLIQTAKTTLGSKVVNSCHRQMAEIAVNAVLTVADMERRDVDFELIKVEGKVG
GRLEDTKLIKGVIVDKDFSHPQMPKKVEDAKIAILTCPFEPPKPKTKHKLDVTSVEDYKALQKYEKEKFEEMIQQIKETG
ANLAICQWGFDDEANHLLLQNNLPAVRWVGGPEIELIAIATGGRIVPRFSELTAEKLGFAGLVQEISFGTTKDKMLVIEQ
CKNSRAVTIFIRGGNKMIIEEAKRSLHDALCVIRNLIRDNRVVYGGGAAEISCALAVSQEADKCPTLEQYAMRAFADALE
VIPMALSENSGMNPIQTMTEVRARQVKEMNPALGIDCLHKGTNDMKQQHVIETLIGKKQQISLATQMVRMILKIDDIRKP
GESEE
;
C
#
# COMPACT_ATOMS: atom_id res chain seq x y z
N MET A 25 4.02 -8.26 -23.41
CA MET A 25 3.02 -8.69 -22.45
C MET A 25 2.80 -10.20 -22.55
N SER A 26 2.71 -10.86 -21.39
CA SER A 26 2.47 -12.29 -21.33
C SER A 26 0.99 -12.55 -21.09
N TYR A 27 0.53 -13.70 -21.57
CA TYR A 27 -0.86 -14.10 -21.39
C TYR A 27 -0.90 -15.48 -20.75
N ASN A 28 -1.93 -15.74 -19.96
CA ASN A 28 -1.99 -17.00 -19.22
C ASN A 28 -3.39 -17.59 -19.30
N TYR A 29 -3.45 -18.90 -19.20
CA TYR A 29 -4.70 -19.64 -19.24
C TYR A 29 -4.92 -20.25 -17.86
N VAL A 30 -6.11 -20.03 -17.30
CA VAL A 30 -6.46 -20.49 -15.96
C VAL A 30 -7.69 -21.38 -16.07
N VAL A 31 -7.60 -22.61 -15.57
CA VAL A 31 -8.70 -23.55 -15.60
C VAL A 31 -8.75 -24.29 -14.27
N THR A 32 -9.96 -24.64 -13.84
CA THR A 32 -10.14 -25.44 -12.63
C THR A 32 -10.17 -26.91 -13.01
N ALA A 33 -9.25 -27.70 -12.46
CA ALA A 33 -9.20 -29.14 -12.69
C ALA A 33 -10.11 -29.89 -11.72
N GLN A 34 -10.17 -29.47 -10.46
CA GLN A 34 -11.04 -30.08 -9.46
C GLN A 34 -11.91 -28.99 -8.84
N LYS A 35 -13.23 -29.17 -8.91
CA LYS A 35 -14.15 -28.16 -8.41
C LYS A 35 -13.98 -28.00 -6.90
N PRO A 36 -14.31 -26.82 -6.35
CA PRO A 36 -14.22 -26.63 -4.89
C PRO A 36 -15.06 -27.67 -4.15
N THR A 37 -14.51 -28.16 -3.04
CA THR A 37 -15.16 -29.20 -2.25
C THR A 37 -15.62 -28.75 -0.88
N ALA A 38 -15.10 -27.63 -0.37
CA ALA A 38 -15.51 -27.14 0.95
C ALA A 38 -16.93 -26.61 0.91
N VAL A 39 -17.69 -26.86 1.97
CA VAL A 39 -19.07 -26.42 2.07
C VAL A 39 -19.13 -25.02 2.67
N ASN A 40 -19.83 -24.11 2.00
CA ASN A 40 -20.01 -22.76 2.51
C ASN A 40 -21.42 -22.49 3.02
N GLY A 41 -22.37 -23.39 2.77
CA GLY A 41 -23.71 -23.23 3.30
C GLY A 41 -24.56 -24.41 2.87
N CYS A 42 -25.68 -24.58 3.58
CA CYS A 42 -26.57 -25.69 3.27
C CYS A 42 -27.93 -25.47 3.91
N VAL A 43 -28.99 -25.87 3.20
CA VAL A 43 -30.37 -25.61 3.61
C VAL A 43 -31.22 -26.86 3.38
N THR A 44 -32.39 -26.89 4.04
CA THR A 44 -33.36 -27.95 3.85
C THR A 44 -34.73 -27.38 3.52
N GLY A 45 -35.47 -28.09 2.68
CA GLY A 45 -36.80 -27.67 2.30
C GLY A 45 -37.30 -28.46 1.10
N HIS A 46 -38.43 -28.02 0.55
CA HIS A 46 -39.06 -28.71 -0.57
C HIS A 46 -38.61 -28.03 -1.86
N PHE A 47 -37.46 -28.47 -2.39
CA PHE A 47 -36.84 -27.84 -3.54
C PHE A 47 -37.09 -28.58 -4.84
N THR A 48 -37.06 -29.92 -4.84
CA THR A 48 -37.28 -30.68 -6.06
C THR A 48 -38.71 -31.13 -6.22
N SER A 49 -39.46 -31.24 -5.13
CA SER A 49 -40.86 -31.64 -5.19
C SER A 49 -41.56 -31.06 -3.97
N ALA A 50 -42.88 -31.07 -4.01
CA ALA A 50 -43.68 -30.52 -2.92
C ALA A 50 -43.71 -31.43 -1.70
N GLU A 51 -43.46 -32.72 -1.88
CA GLU A 51 -43.55 -33.68 -0.79
C GLU A 51 -42.22 -34.12 -0.24
N ASP A 52 -41.18 -34.22 -1.07
CA ASP A 52 -39.90 -34.71 -0.62
C ASP A 52 -39.09 -33.60 0.04
N LEU A 53 -38.29 -33.98 1.03
CA LEU A 53 -37.35 -33.06 1.64
C LEU A 53 -36.07 -33.07 0.83
N ASN A 54 -35.51 -31.88 0.60
CA ASN A 54 -34.28 -31.75 -0.17
C ASN A 54 -33.21 -31.09 0.68
N LEU A 55 -31.97 -31.46 0.39
CA LEU A 55 -30.80 -30.89 1.04
C LEU A 55 -29.93 -30.27 -0.05
N LEU A 56 -29.62 -28.99 0.11
CA LEU A 56 -28.82 -28.27 -0.86
C LEU A 56 -27.51 -27.88 -0.21
N ILE A 57 -26.41 -28.15 -0.90
CA ILE A 57 -25.07 -27.85 -0.41
C ILE A 57 -24.44 -26.83 -1.35
N ALA A 58 -23.91 -25.76 -0.78
CA ALA A 58 -23.17 -24.76 -1.53
C ALA A 58 -21.70 -24.90 -1.19
N LYS A 59 -20.89 -25.15 -2.22
CA LYS A 59 -19.45 -25.30 -2.11
C LYS A 59 -18.85 -24.19 -2.96
N ASN A 60 -18.67 -23.02 -2.33
CA ASN A 60 -18.18 -21.83 -3.05
C ASN A 60 -18.96 -21.58 -4.33
N THR A 61 -18.37 -21.92 -5.48
CA THR A 61 -18.98 -21.65 -6.78
C THR A 61 -19.87 -22.77 -7.28
N ARG A 62 -19.94 -23.89 -6.56
CA ARG A 62 -20.70 -25.05 -7.00
C ARG A 62 -21.93 -25.23 -6.13
N LEU A 63 -23.07 -25.46 -6.77
CA LEU A 63 -24.31 -25.79 -6.07
C LEU A 63 -24.65 -27.24 -6.37
N GLU A 64 -24.84 -28.03 -5.31
CA GLU A 64 -25.16 -29.45 -5.45
C GLU A 64 -26.50 -29.73 -4.81
N ILE A 65 -27.37 -30.44 -5.53
CA ILE A 65 -28.73 -30.75 -5.07
C ILE A 65 -28.77 -32.21 -4.66
N TYR A 66 -29.27 -32.47 -3.45
CA TYR A 66 -29.41 -33.82 -2.94
C TYR A 66 -30.86 -34.05 -2.51
N VAL A 67 -31.33 -35.28 -2.69
CA VAL A 67 -32.65 -35.70 -2.23
C VAL A 67 -32.50 -36.41 -0.90
N VAL A 68 -33.32 -36.02 0.07
CA VAL A 68 -33.26 -36.62 1.40
C VAL A 68 -34.03 -37.95 1.37
N THR A 69 -33.36 -39.04 1.75
CA THR A 69 -33.97 -40.35 1.84
C THR A 69 -33.61 -40.97 3.19
N ALA A 70 -34.28 -42.08 3.51
CA ALA A 70 -33.96 -42.80 4.75
C ALA A 70 -32.55 -43.37 4.70
N GLU A 71 -32.07 -43.74 3.51
CA GLU A 71 -30.75 -44.33 3.37
C GLU A 71 -29.63 -43.30 3.41
N GLY A 72 -29.90 -42.08 2.95
CA GLY A 72 -28.86 -41.05 2.91
C GLY A 72 -29.23 -39.96 1.93
N LEU A 73 -28.20 -39.31 1.40
CA LEU A 73 -28.36 -38.20 0.45
C LEU A 73 -28.07 -38.69 -0.96
N ARG A 74 -29.02 -38.47 -1.88
CA ARG A 74 -28.84 -38.88 -3.26
C ARG A 74 -28.65 -37.65 -4.15
N PRO A 75 -27.46 -37.44 -4.72
CA PRO A 75 -27.26 -36.32 -5.64
C PRO A 75 -28.06 -36.51 -6.92
N VAL A 76 -28.66 -35.42 -7.40
CA VAL A 76 -29.44 -35.42 -8.63
C VAL A 76 -28.79 -34.55 -9.71
N LYS A 77 -28.29 -33.39 -9.33
CA LYS A 77 -27.75 -32.44 -10.27
C LYS A 77 -26.73 -31.57 -9.55
N GLU A 78 -25.72 -31.14 -10.29
CA GLU A 78 -24.76 -30.17 -9.79
C GLU A 78 -24.50 -29.15 -10.88
N VAL A 79 -24.43 -27.89 -10.52
CA VAL A 79 -24.25 -26.81 -11.46
C VAL A 79 -23.15 -25.90 -10.95
N GLY A 80 -22.38 -25.35 -11.88
CA GLY A 80 -21.36 -24.38 -11.56
C GLY A 80 -21.92 -22.97 -11.71
N MET A 81 -21.78 -22.18 -10.65
CA MET A 81 -22.27 -20.81 -10.68
C MET A 81 -21.11 -19.85 -10.90
N TYR A 82 -21.39 -18.74 -11.58
CA TYR A 82 -20.40 -17.70 -11.81
C TYR A 82 -20.34 -16.76 -10.60
N GLY A 83 -19.83 -17.29 -9.49
CA GLY A 83 -19.69 -16.48 -8.29
C GLY A 83 -19.63 -17.35 -7.05
N LYS A 84 -19.09 -16.74 -5.98
CA LYS A 84 -18.94 -17.40 -4.69
C LYS A 84 -20.23 -17.26 -3.88
N ILE A 85 -20.81 -18.37 -3.46
CA ILE A 85 -22.10 -18.36 -2.76
C ILE A 85 -21.89 -17.93 -1.31
N ALA A 86 -22.59 -16.87 -0.89
CA ALA A 86 -22.58 -16.43 0.50
C ALA A 86 -23.91 -16.58 1.20
N VAL A 87 -25.02 -16.42 0.47
CA VAL A 87 -26.36 -16.58 1.01
C VAL A 87 -27.07 -17.64 0.16
N MET A 88 -27.75 -18.55 0.83
CA MET A 88 -28.56 -19.56 0.14
C MET A 88 -29.73 -19.89 1.04
N GLU A 89 -30.95 -19.62 0.58
CA GLU A 89 -32.13 -19.83 1.40
C GLU A 89 -33.29 -20.29 0.52
N LEU A 90 -34.17 -21.11 1.08
CA LEU A 90 -35.37 -21.57 0.39
C LEU A 90 -36.58 -20.74 0.83
N PHE A 91 -37.50 -20.52 -0.10
CA PHE A 91 -38.71 -19.76 0.16
C PHE A 91 -39.79 -20.20 -0.81
N ARG A 92 -41.06 -19.95 -0.46
CA ARG A 92 -42.19 -20.40 -1.27
C ARG A 92 -43.21 -19.29 -1.49
N PRO A 93 -43.07 -18.53 -2.57
CA PRO A 93 -44.07 -17.49 -2.88
C PRO A 93 -45.44 -18.09 -3.12
N LYS A 94 -46.49 -17.30 -2.86
CA LYS A 94 -47.85 -17.76 -3.05
C LYS A 94 -48.07 -18.20 -4.49
N GLY A 95 -48.67 -19.38 -4.66
CA GLY A 95 -48.90 -19.95 -5.96
C GLY A 95 -47.87 -20.95 -6.42
N GLU A 96 -46.73 -21.07 -5.73
CA GLU A 96 -45.71 -22.03 -6.09
C GLU A 96 -45.95 -23.36 -5.38
N SER A 97 -45.63 -24.45 -6.08
CA SER A 97 -45.84 -25.79 -5.53
C SER A 97 -44.66 -26.27 -4.68
N LYS A 98 -43.48 -25.68 -4.85
CA LYS A 98 -42.28 -26.09 -4.14
C LYS A 98 -41.46 -24.85 -3.81
N ASP A 99 -40.55 -24.98 -2.85
CA ASP A 99 -39.73 -23.85 -2.43
C ASP A 99 -38.76 -23.45 -3.55
N LEU A 100 -38.55 -22.14 -3.69
CA LEU A 100 -37.56 -21.61 -4.60
C LEU A 100 -36.25 -21.38 -3.85
N LEU A 101 -35.14 -21.43 -4.57
CA LEU A 101 -33.82 -21.31 -3.98
C LEU A 101 -33.20 -19.99 -4.43
N PHE A 102 -32.89 -19.12 -3.48
CA PHE A 102 -32.24 -17.85 -3.78
C PHE A 102 -30.78 -17.89 -3.38
N ILE A 103 -29.91 -17.33 -4.22
CA ILE A 103 -28.49 -17.24 -3.94
C ILE A 103 -28.03 -15.81 -4.12
N LEU A 104 -27.21 -15.33 -3.19
CA LEU A 104 -26.52 -14.06 -3.32
C LEU A 104 -25.03 -14.32 -3.21
N THR A 105 -24.29 -13.98 -4.26
CA THR A 105 -22.87 -14.29 -4.28
C THR A 105 -22.05 -13.13 -3.71
N ALA A 106 -20.79 -13.42 -3.39
CA ALA A 106 -19.88 -12.38 -2.92
C ALA A 106 -19.62 -11.32 -3.98
N LYS A 107 -19.92 -11.62 -5.24
CA LYS A 107 -19.82 -10.69 -6.35
C LYS A 107 -21.13 -9.97 -6.63
N TYR A 108 -22.01 -9.88 -5.63
CA TYR A 108 -23.27 -9.14 -5.70
C TYR A 108 -24.24 -9.68 -6.73
N ASN A 109 -24.07 -10.92 -7.18
CA ASN A 109 -24.97 -11.48 -8.17
C ASN A 109 -26.12 -12.19 -7.45
N ALA A 110 -27.33 -11.68 -7.66
CA ALA A 110 -28.54 -12.22 -7.05
C ALA A 110 -29.29 -13.06 -8.07
N CYS A 111 -29.82 -14.19 -7.63
CA CYS A 111 -30.62 -15.00 -8.53
C CYS A 111 -31.58 -15.87 -7.76
N ILE A 112 -32.71 -16.19 -8.40
CA ILE A 112 -33.69 -17.12 -7.87
C ILE A 112 -33.72 -18.33 -8.80
N LEU A 113 -33.58 -19.52 -8.22
CA LEU A 113 -33.48 -20.75 -8.97
C LEU A 113 -34.67 -21.64 -8.65
N GLU A 114 -35.07 -22.44 -9.62
CA GLU A 114 -36.13 -23.42 -9.43
C GLU A 114 -35.68 -24.74 -10.04
N TYR A 115 -36.04 -25.84 -9.39
CA TYR A 115 -35.65 -27.16 -9.88
C TYR A 115 -36.62 -27.61 -10.97
N LYS A 116 -36.07 -28.05 -12.10
CA LYS A 116 -36.89 -28.55 -13.20
C LYS A 116 -36.34 -29.87 -13.70
N GLN A 117 -37.21 -30.84 -13.89
CA GLN A 117 -36.81 -32.15 -14.41
C GLN A 117 -37.81 -32.59 -15.47
N SER A 118 -37.30 -33.13 -16.57
CA SER A 118 -38.12 -33.67 -17.64
C SER A 118 -37.55 -35.03 -18.02
N GLY A 119 -38.27 -36.10 -17.67
CA GLY A 119 -37.74 -37.42 -17.92
C GLY A 119 -36.44 -37.62 -17.16
N GLU A 120 -35.40 -38.05 -17.88
CA GLU A 120 -34.10 -38.27 -17.28
C GLU A 120 -33.23 -37.01 -17.24
N SER A 121 -33.68 -35.92 -17.84
CA SER A 121 -32.88 -34.69 -17.92
C SER A 121 -33.20 -33.79 -16.73
N ILE A 122 -32.17 -33.46 -15.96
CA ILE A 122 -32.32 -32.63 -14.76
C ILE A 122 -31.50 -31.36 -14.92
N ASP A 123 -32.10 -30.22 -14.62
CA ASP A 123 -31.38 -28.95 -14.65
C ASP A 123 -32.05 -27.97 -13.69
N ILE A 124 -31.38 -26.85 -13.45
CA ILE A 124 -31.89 -25.78 -12.58
C ILE A 124 -32.17 -24.57 -13.45
N ILE A 125 -33.41 -24.08 -13.42
CA ILE A 125 -33.84 -22.97 -14.25
C ILE A 125 -33.87 -21.70 -13.40
N THR A 126 -33.26 -20.63 -13.91
CA THR A 126 -33.27 -19.37 -13.19
C THR A 126 -34.60 -18.66 -13.40
N ARG A 127 -35.23 -18.23 -12.30
CA ARG A 127 -36.47 -17.49 -12.37
C ARG A 127 -36.25 -15.99 -12.45
N ALA A 128 -35.19 -15.50 -11.82
CA ALA A 128 -34.88 -14.07 -11.82
C ALA A 128 -33.41 -13.91 -11.50
N HIS A 129 -32.83 -12.80 -11.95
CA HIS A 129 -31.42 -12.56 -11.69
C HIS A 129 -31.11 -11.08 -11.88
N GLY A 130 -29.97 -10.68 -11.35
CA GLY A 130 -29.48 -9.33 -11.52
C GLY A 130 -28.36 -9.03 -10.56
N ASN A 131 -27.51 -8.06 -10.88
CA ASN A 131 -26.43 -7.70 -9.98
C ASN A 131 -26.84 -6.49 -9.14
N VAL A 132 -26.46 -6.51 -7.86
CA VAL A 132 -26.83 -5.48 -6.91
C VAL A 132 -25.61 -4.70 -6.41
N GLN A 133 -24.49 -4.76 -7.14
CA GLN A 133 -23.29 -4.07 -6.68
C GLN A 133 -23.43 -2.56 -6.86
N ASP A 134 -22.94 -1.81 -5.88
CA ASP A 134 -22.91 -0.35 -5.95
C ASP A 134 -21.51 0.14 -6.30
N ARG A 135 -21.46 1.26 -7.02
CA ARG A 135 -20.18 1.85 -7.40
C ARG A 135 -19.40 2.35 -6.19
N ILE A 136 -20.09 2.87 -5.18
CA ILE A 136 -19.47 3.39 -3.97
C ILE A 136 -20.08 2.67 -2.77
N GLY A 137 -19.27 2.44 -1.76
CA GLY A 137 -19.76 1.82 -0.53
C GLY A 137 -18.72 0.90 0.10
N ARG A 138 -18.78 0.81 1.43
CA ARG A 138 -17.86 -0.05 2.18
C ARG A 138 -18.51 -1.42 2.37
N PRO A 139 -17.93 -2.50 1.86
CA PRO A 139 -18.53 -3.83 2.08
C PRO A 139 -18.64 -4.13 3.56
N SER A 140 -19.71 -4.81 3.94
CA SER A 140 -20.00 -5.06 5.35
C SER A 140 -18.87 -5.83 6.01
N GLU A 141 -18.50 -5.41 7.22
CA GLU A 141 -17.42 -6.06 7.96
C GLU A 141 -17.84 -7.40 8.55
N THR A 142 -19.14 -7.67 8.66
CA THR A 142 -19.61 -8.95 9.18
C THR A 142 -19.85 -9.99 8.08
N GLY A 143 -19.55 -9.66 6.83
CA GLY A 143 -19.76 -10.57 5.72
C GLY A 143 -21.10 -10.37 5.05
N ILE A 144 -21.33 -11.17 4.00
CA ILE A 144 -22.56 -11.08 3.21
C ILE A 144 -23.66 -11.89 3.89
N ILE A 145 -24.77 -11.22 4.23
CA ILE A 145 -25.90 -11.85 4.89
C ILE A 145 -27.15 -11.54 4.10
N GLY A 146 -28.03 -12.53 3.97
CA GLY A 146 -29.27 -12.35 3.24
C GLY A 146 -30.39 -13.14 3.88
N ILE A 147 -31.60 -12.58 3.82
CA ILE A 147 -32.79 -13.18 4.41
C ILE A 147 -33.97 -12.99 3.47
N ILE A 148 -34.96 -13.87 3.58
CA ILE A 148 -36.14 -13.84 2.73
C ILE A 148 -37.37 -13.77 3.63
N ASP A 149 -38.28 -12.85 3.32
CA ASP A 149 -39.46 -12.68 4.14
C ASP A 149 -40.33 -13.95 4.06
N PRO A 150 -40.90 -14.39 5.19
CA PRO A 150 -41.77 -15.57 5.17
C PRO A 150 -42.93 -15.49 4.17
N GLU A 151 -43.47 -14.31 3.90
CA GLU A 151 -44.54 -14.16 2.93
C GLU A 151 -44.03 -13.91 1.52
N CYS A 152 -42.71 -13.86 1.33
CA CYS A 152 -42.08 -13.68 0.01
C CYS A 152 -42.42 -12.33 -0.60
N ARG A 153 -42.47 -11.28 0.23
CA ARG A 153 -42.66 -9.94 -0.29
C ARG A 153 -41.35 -9.27 -0.69
N MET A 154 -40.24 -9.66 -0.06
CA MET A 154 -38.96 -9.08 -0.43
C MET A 154 -37.82 -9.93 0.14
N ILE A 155 -36.64 -9.75 -0.44
CA ILE A 155 -35.40 -10.34 0.05
C ILE A 155 -34.55 -9.22 0.61
N GLY A 156 -34.07 -9.40 1.84
CA GLY A 156 -33.21 -8.42 2.48
C GLY A 156 -31.77 -8.86 2.44
N LEU A 157 -30.90 -7.96 1.98
CA LEU A 157 -29.49 -8.27 1.82
C LEU A 157 -28.65 -7.22 2.53
N ARG A 158 -27.61 -7.66 3.23
CA ARG A 158 -26.67 -6.77 3.88
C ARG A 158 -25.33 -6.90 3.17
N LEU A 159 -25.06 -5.97 2.25
CA LEU A 159 -23.82 -5.97 1.51
C LEU A 159 -22.85 -4.90 1.96
N TYR A 160 -23.34 -3.76 2.43
CA TYR A 160 -22.52 -2.64 2.85
C TYR A 160 -22.88 -2.22 4.26
N ASP A 161 -21.91 -1.65 4.97
CA ASP A 161 -22.17 -1.17 6.33
C ASP A 161 -23.19 -0.04 6.31
N GLY A 162 -24.22 -0.16 7.15
CA GLY A 162 -25.23 0.87 7.29
C GLY A 162 -26.32 0.88 6.25
N LEU A 163 -26.26 -0.02 5.26
CA LEU A 163 -27.25 -0.05 4.19
C LEU A 163 -27.89 -1.44 4.13
N PHE A 164 -29.22 -1.46 4.04
CA PHE A 164 -29.97 -2.71 3.93
C PHE A 164 -30.65 -2.73 2.57
N LYS A 165 -30.31 -3.72 1.75
CA LYS A 165 -30.85 -3.82 0.40
C LYS A 165 -32.12 -4.65 0.42
N VAL A 166 -33.16 -4.16 -0.25
CA VAL A 166 -34.42 -4.86 -0.38
C VAL A 166 -34.68 -5.14 -1.85
N ILE A 167 -35.01 -6.38 -2.17
CA ILE A 167 -35.37 -6.81 -3.51
C ILE A 167 -36.83 -7.24 -3.49
N PRO A 168 -37.75 -6.48 -4.10
CA PRO A 168 -39.14 -6.92 -4.14
C PRO A 168 -39.28 -8.20 -4.96
N LEU A 169 -40.11 -9.12 -4.46
CA LEU A 169 -40.35 -10.39 -5.14
C LEU A 169 -41.61 -10.36 -5.97
N ASP A 170 -41.76 -9.34 -6.81
CA ASP A 170 -42.87 -9.32 -7.75
C ASP A 170 -42.64 -10.36 -8.84
N ARG A 171 -43.72 -10.98 -9.30
CA ARG A 171 -43.60 -12.03 -10.30
C ARG A 171 -42.99 -11.53 -11.60
N ASP A 172 -43.12 -10.25 -11.90
CA ASP A 172 -42.58 -9.66 -13.12
C ASP A 172 -41.22 -9.02 -12.90
N ASN A 173 -40.61 -9.19 -11.72
CA ASN A 173 -39.33 -8.56 -11.43
C ASN A 173 -38.20 -9.46 -11.96
N LYS A 174 -38.10 -9.49 -13.29
CA LYS A 174 -37.09 -10.33 -13.93
C LYS A 174 -35.69 -9.94 -13.48
N GLU A 175 -35.43 -8.65 -13.34
CA GLU A 175 -34.14 -8.16 -12.87
C GLU A 175 -34.23 -7.94 -11.37
N LEU A 176 -33.36 -8.60 -10.62
CA LEU A 176 -33.40 -8.49 -9.16
C LEU A 176 -32.66 -7.23 -8.70
N LYS A 177 -33.22 -6.09 -9.06
CA LYS A 177 -32.67 -4.82 -8.60
C LYS A 177 -32.98 -4.62 -7.13
N ALA A 178 -32.06 -3.99 -6.42
CA ALA A 178 -32.20 -3.76 -4.99
C ALA A 178 -32.08 -2.27 -4.68
N PHE A 179 -32.78 -1.84 -3.65
CA PHE A 179 -32.70 -0.46 -3.19
C PHE A 179 -32.11 -0.40 -1.80
N ASN A 180 -31.39 0.68 -1.51
CA ASN A 180 -30.71 0.83 -0.23
C ASN A 180 -31.60 1.62 0.73
N ILE A 181 -31.92 1.01 1.87
CA ILE A 181 -32.62 1.70 2.94
C ILE A 181 -31.62 1.93 4.07
N ARG A 182 -31.56 3.16 4.56
CA ARG A 182 -30.60 3.47 5.61
C ARG A 182 -31.03 2.85 6.92
N LEU A 183 -30.09 2.18 7.58
CA LEU A 183 -30.32 1.61 8.91
C LEU A 183 -29.42 2.34 9.90
N GLU A 184 -29.99 2.73 11.05
CA GLU A 184 -29.21 3.45 12.04
C GLU A 184 -28.05 2.61 12.56
N GLU A 185 -28.26 1.31 12.70
CA GLU A 185 -27.22 0.40 13.19
C GLU A 185 -26.34 -0.02 12.02
N LEU A 186 -25.08 0.41 12.02
CA LEU A 186 -24.21 0.15 10.88
C LEU A 186 -23.66 -1.27 10.88
N HIS A 187 -23.24 -1.78 12.04
CA HIS A 187 -22.59 -3.08 12.15
C HIS A 187 -23.57 -4.10 12.72
N VAL A 188 -24.06 -5.00 11.86
CA VAL A 188 -25.01 -6.04 12.26
C VAL A 188 -24.36 -7.39 12.00
N ILE A 189 -24.41 -8.26 13.02
CA ILE A 189 -23.78 -9.58 12.92
C ILE A 189 -24.70 -10.58 12.24
N ASP A 190 -25.99 -10.58 12.61
CA ASP A 190 -26.94 -11.50 12.00
C ASP A 190 -28.31 -10.84 11.99
N VAL A 191 -29.12 -11.22 11.01
CA VAL A 191 -30.44 -10.65 10.79
C VAL A 191 -31.36 -11.76 10.31
N LYS A 192 -32.62 -11.73 10.76
CA LYS A 192 -33.62 -12.69 10.30
C LYS A 192 -34.99 -12.01 10.28
N PHE A 193 -35.85 -12.48 9.39
CA PHE A 193 -37.24 -12.04 9.41
C PHE A 193 -37.99 -12.78 10.52
N LEU A 194 -38.95 -12.07 11.15
CA LEU A 194 -39.75 -12.67 12.21
C LEU A 194 -41.00 -13.32 11.62
N TYR A 195 -41.40 -14.45 12.19
CA TYR A 195 -42.63 -15.12 11.81
C TYR A 195 -43.79 -14.65 12.69
N GLY A 196 -44.99 -14.65 12.12
CA GLY A 196 -46.19 -14.26 12.84
C GLY A 196 -46.57 -12.80 12.73
N CYS A 197 -45.75 -11.96 12.12
CA CYS A 197 -46.05 -10.54 11.98
C CYS A 197 -46.88 -10.29 10.72
N GLN A 198 -47.78 -9.30 10.83
CA GLN A 198 -48.60 -8.93 9.67
C GLN A 198 -47.78 -8.16 8.64
N ALA A 199 -46.90 -7.28 9.10
CA ALA A 199 -46.04 -6.54 8.20
C ALA A 199 -44.67 -7.21 8.12
N PRO A 200 -43.93 -7.04 7.03
CA PRO A 200 -42.56 -7.59 6.98
C PRO A 200 -41.74 -7.01 8.12
N THR A 201 -41.24 -7.90 8.98
CA THR A 201 -40.57 -7.49 10.20
C THR A 201 -39.23 -8.19 10.31
N ILE A 202 -38.19 -7.41 10.57
CA ILE A 202 -36.82 -7.91 10.64
C ILE A 202 -36.33 -7.77 12.07
N CYS A 203 -35.67 -8.82 12.57
CA CYS A 203 -35.02 -8.79 13.87
C CYS A 203 -33.53 -9.02 13.68
N PHE A 204 -32.70 -8.24 14.36
CA PHE A 204 -31.27 -8.39 14.14
C PHE A 204 -30.50 -8.13 15.43
N VAL A 205 -29.29 -8.67 15.47
CA VAL A 205 -28.36 -8.46 16.58
C VAL A 205 -27.22 -7.59 16.05
N TYR A 206 -26.92 -6.52 16.76
CA TYR A 206 -25.86 -5.61 16.35
C TYR A 206 -25.00 -5.28 17.56
N GLN A 207 -23.76 -4.88 17.28
CA GLN A 207 -22.79 -4.66 18.34
C GLN A 207 -22.51 -3.16 18.49
N ASP A 208 -22.75 -2.64 19.67
CA ASP A 208 -22.40 -1.29 20.08
C ASP A 208 -21.18 -1.33 20.97
N PRO A 209 -20.49 -0.18 21.15
CA PRO A 209 -19.37 -0.16 22.10
C PRO A 209 -19.76 -0.54 23.51
N GLN A 210 -21.05 -0.47 23.83
CA GLN A 210 -21.56 -0.81 25.16
C GLN A 210 -22.07 -2.23 25.24
N GLY A 211 -21.92 -3.02 24.19
CA GLY A 211 -22.42 -4.38 24.16
C GLY A 211 -23.38 -4.60 23.00
N ARG A 212 -23.83 -5.84 22.87
CA ARG A 212 -24.70 -6.21 21.76
C ARG A 212 -26.16 -6.09 22.15
N HIS A 213 -26.98 -5.66 21.19
CA HIS A 213 -28.40 -5.48 21.41
C HIS A 213 -29.17 -6.05 20.23
N VAL A 214 -30.44 -6.41 20.48
CA VAL A 214 -31.31 -6.98 19.47
C VAL A 214 -32.48 -6.02 19.27
N LYS A 215 -32.71 -5.62 18.02
CA LYS A 215 -33.77 -4.68 17.69
C LYS A 215 -34.55 -5.21 16.49
N THR A 216 -35.80 -4.75 16.36
CA THR A 216 -36.64 -5.15 15.25
C THR A 216 -37.31 -3.94 14.61
N TYR A 217 -37.53 -4.02 13.30
CA TYR A 217 -38.16 -2.94 12.55
C TYR A 217 -38.99 -3.54 11.42
N GLU A 218 -39.94 -2.76 10.93
CA GLU A 218 -40.75 -3.16 9.78
C GLU A 218 -40.18 -2.53 8.52
N VAL A 219 -40.35 -3.22 7.39
CA VAL A 219 -39.79 -2.80 6.11
C VAL A 219 -40.92 -2.25 5.25
N SER A 220 -40.79 -0.99 4.84
CA SER A 220 -41.74 -0.37 3.92
C SER A 220 -41.07 -0.23 2.55
N LEU A 221 -41.54 -1.00 1.58
CA LEU A 221 -40.93 -0.96 0.25
C LEU A 221 -41.28 0.31 -0.51
N ARG A 222 -42.49 0.85 -0.30
CA ARG A 222 -42.90 2.05 -1.01
C ARG A 222 -42.25 3.30 -0.43
N GLU A 223 -42.02 3.32 0.87
CA GLU A 223 -41.41 4.47 1.52
C GLU A 223 -39.90 4.38 1.56
N LYS A 224 -39.33 3.19 1.37
CA LYS A 224 -37.89 2.99 1.47
C LYS A 224 -37.38 3.37 2.85
N GLU A 225 -38.14 3.00 3.89
CA GLU A 225 -37.81 3.40 5.25
C GLU A 225 -38.21 2.29 6.22
N PHE A 226 -37.54 2.29 7.37
CA PHE A 226 -37.80 1.32 8.42
C PHE A 226 -38.60 1.96 9.55
N ASN A 227 -39.60 1.25 10.04
CA ASN A 227 -40.43 1.72 11.13
C ASN A 227 -40.24 0.82 12.35
N LYS A 228 -40.59 1.34 13.53
CA LYS A 228 -40.43 0.56 14.75
C LYS A 228 -41.23 -0.74 14.65
N GLY A 229 -40.60 -1.84 15.02
CA GLY A 229 -41.22 -3.14 14.95
C GLY A 229 -42.18 -3.40 16.08
N PRO A 230 -42.67 -4.65 16.17
CA PRO A 230 -43.66 -4.98 17.21
C PRO A 230 -43.14 -4.89 18.65
N TRP A 231 -41.82 -4.89 18.85
CA TRP A 231 -41.29 -4.82 20.22
C TRP A 231 -39.96 -4.05 20.23
N LYS A 232 -39.65 -3.48 21.39
CA LYS A 232 -38.49 -2.62 21.57
C LYS A 232 -37.20 -3.43 21.70
N GLN A 233 -36.09 -2.79 21.37
CA GLN A 233 -34.78 -3.44 21.47
C GLN A 233 -34.48 -3.83 22.91
N GLU A 234 -33.87 -5.00 23.08
CA GLU A 234 -33.52 -5.52 24.40
C GLU A 234 -32.03 -5.81 24.46
N ASN A 235 -31.44 -5.60 25.64
CA ASN A 235 -30.03 -5.91 25.82
C ASN A 235 -29.85 -7.43 25.93
N VAL A 236 -28.81 -7.94 25.25
CA VAL A 236 -28.54 -9.37 25.20
C VAL A 236 -27.07 -9.61 25.51
N GLU A 237 -26.71 -10.89 25.62
CA GLU A 237 -25.33 -11.27 25.90
C GLU A 237 -24.37 -10.60 24.93
N ALA A 238 -23.24 -10.12 25.47
CA ALA A 238 -22.28 -9.39 24.64
C ALA A 238 -21.75 -10.23 23.49
N GLU A 239 -21.85 -11.55 23.58
CA GLU A 239 -21.40 -12.45 22.52
C GLU A 239 -22.54 -12.90 21.62
N ALA A 240 -23.74 -12.34 21.80
CA ALA A 240 -24.88 -12.72 20.98
C ALA A 240 -24.53 -12.51 19.51
N SER A 241 -24.81 -13.52 18.69
CA SER A 241 -24.41 -13.40 17.29
C SER A 241 -25.43 -14.04 16.35
N MET A 242 -25.81 -15.28 16.62
CA MET A 242 -26.65 -16.01 15.68
C MET A 242 -28.12 -15.79 15.98
N VAL A 243 -28.92 -15.60 14.93
CA VAL A 243 -30.35 -15.39 15.05
C VAL A 243 -31.07 -16.50 14.30
N ILE A 244 -32.01 -17.16 14.98
CA ILE A 244 -32.84 -18.19 14.36
C ILE A 244 -34.22 -17.61 14.16
N ALA A 245 -34.68 -17.61 12.90
CA ALA A 245 -36.08 -17.29 12.63
C ALA A 245 -36.93 -18.48 13.05
N VAL A 246 -37.97 -18.21 13.83
CA VAL A 246 -38.77 -19.27 14.44
C VAL A 246 -40.13 -19.30 13.74
N PRO A 247 -40.40 -20.31 12.91
CA PRO A 247 -41.69 -20.38 12.22
C PRO A 247 -42.85 -20.57 13.21
N GLU A 248 -44.06 -20.26 12.72
CA GLU A 248 -45.25 -20.52 13.52
C GLU A 248 -45.38 -22.02 13.76
N PRO A 249 -46.12 -22.43 14.81
CA PRO A 249 -46.89 -21.62 15.77
C PRO A 249 -46.03 -20.80 16.72
N PHE A 250 -44.74 -21.13 16.89
CA PHE A 250 -43.92 -20.42 17.87
C PHE A 250 -43.77 -18.95 17.50
N GLY A 251 -43.25 -18.67 16.30
CA GLY A 251 -43.02 -17.29 15.89
C GLY A 251 -41.82 -16.69 16.61
N GLY A 252 -41.53 -15.42 16.30
CA GLY A 252 -40.44 -14.74 16.97
C GLY A 252 -39.07 -15.19 16.47
N ALA A 253 -38.07 -14.98 17.32
CA ALA A 253 -36.70 -15.35 16.96
C ALA A 253 -35.91 -15.73 18.21
N ILE A 254 -34.87 -16.53 18.01
CA ILE A 254 -33.99 -16.98 19.07
C ILE A 254 -32.59 -16.41 18.83
N ILE A 255 -32.01 -15.79 19.85
CA ILE A 255 -30.69 -15.18 19.78
C ILE A 255 -29.71 -16.07 20.54
N ILE A 256 -28.63 -16.47 19.88
CA ILE A 256 -27.66 -17.40 20.45
C ILE A 256 -26.34 -16.66 20.66
N GLY A 257 -25.82 -16.72 21.89
CA GLY A 257 -24.54 -16.15 22.23
C GLY A 257 -23.50 -17.22 22.57
N GLN A 258 -22.55 -16.87 23.43
CA GLN A 258 -21.51 -17.79 23.83
C GLN A 258 -21.94 -18.67 25.00
N GLU A 259 -22.58 -18.07 26.00
CA GLU A 259 -23.02 -18.79 27.19
C GLU A 259 -24.52 -18.97 27.30
N SER A 260 -25.32 -18.10 26.69
CA SER A 260 -26.76 -18.15 26.88
C SER A 260 -27.50 -17.94 25.56
N ILE A 261 -28.77 -18.32 25.57
CA ILE A 261 -29.69 -18.16 24.45
C ILE A 261 -30.91 -17.40 24.94
N THR A 262 -31.31 -16.37 24.18
CA THR A 262 -32.44 -15.52 24.55
C THR A 262 -33.48 -15.51 23.43
N TYR A 263 -34.76 -15.61 23.81
CA TYR A 263 -35.85 -15.60 22.85
C TYR A 263 -36.64 -14.31 22.96
N HIS A 264 -36.94 -13.70 21.81
CA HIS A 264 -37.68 -12.44 21.74
C HIS A 264 -38.92 -12.63 20.88
N ASN A 265 -40.08 -12.22 21.42
CA ASN A 265 -41.31 -12.24 20.62
C ASN A 265 -42.34 -11.36 21.33
N GLY A 266 -42.53 -10.14 20.81
CA GLY A 266 -43.50 -9.24 21.42
C GLY A 266 -43.14 -8.97 22.86
N ASP A 267 -44.10 -9.19 23.75
CA ASP A 267 -43.89 -8.98 25.18
C ASP A 267 -43.11 -10.11 25.84
N LYS A 268 -42.87 -11.22 25.15
CA LYS A 268 -42.22 -12.38 25.76
C LYS A 268 -40.70 -12.28 25.66
N TYR A 269 -40.05 -12.59 26.78
CA TYR A 269 -38.60 -12.65 26.90
C TYR A 269 -38.25 -13.91 27.68
N LEU A 270 -37.36 -14.74 27.12
CA LEU A 270 -36.93 -15.97 27.80
C LEU A 270 -35.44 -16.17 27.57
N ALA A 271 -34.72 -16.60 28.61
CA ALA A 271 -33.29 -16.80 28.50
C ALA A 271 -32.82 -18.01 29.30
N ILE A 272 -31.91 -18.78 28.71
CA ILE A 272 -31.28 -19.93 29.37
C ILE A 272 -29.79 -19.88 29.12
N ALA A 273 -29.00 -20.43 30.06
CA ALA A 273 -27.54 -20.43 29.97
C ALA A 273 -26.98 -21.83 30.17
N PRO A 274 -27.07 -22.69 29.15
CA PRO A 274 -26.52 -24.05 29.27
C PRO A 274 -25.01 -24.00 29.37
N PRO A 275 -24.43 -24.60 30.41
CA PRO A 275 -22.95 -24.65 30.50
C PRO A 275 -22.31 -25.43 29.37
N ILE A 276 -23.06 -26.33 28.73
CA ILE A 276 -22.49 -27.21 27.72
C ILE A 276 -22.10 -26.47 26.45
N ILE A 277 -22.60 -25.24 26.26
CA ILE A 277 -22.26 -24.45 25.08
C ILE A 277 -21.23 -23.37 25.37
N LYS A 278 -20.86 -23.18 26.64
CA LYS A 278 -19.99 -22.07 27.00
C LYS A 278 -18.57 -22.23 26.47
N GLN A 279 -18.13 -23.45 26.17
CA GLN A 279 -16.77 -23.68 25.73
C GLN A 279 -16.58 -23.51 24.22
N SER A 280 -17.66 -23.26 23.48
CA SER A 280 -17.56 -23.15 22.03
C SER A 280 -18.52 -22.08 21.52
N THR A 281 -18.15 -21.45 20.41
CA THR A 281 -18.98 -20.41 19.80
C THR A 281 -19.85 -21.03 18.72
N ILE A 282 -21.15 -20.74 18.77
CA ILE A 282 -22.10 -21.23 17.77
C ILE A 282 -21.97 -20.38 16.52
N VAL A 283 -21.76 -21.03 15.37
CA VAL A 283 -21.55 -20.32 14.12
C VAL A 283 -22.68 -20.53 13.12
N CYS A 284 -23.47 -21.59 13.25
CA CYS A 284 -24.47 -21.91 12.25
C CYS A 284 -25.63 -22.61 12.93
N HIS A 285 -26.76 -22.63 12.25
CA HIS A 285 -27.96 -23.28 12.78
C HIS A 285 -28.82 -23.73 11.60
N ASN A 286 -29.77 -24.61 11.91
CA ASN A 286 -30.70 -25.07 10.89
C ASN A 286 -31.97 -25.53 11.58
N ARG A 287 -33.09 -25.42 10.85
CA ARG A 287 -34.36 -25.90 11.37
C ARG A 287 -34.39 -27.42 11.33
N VAL A 288 -34.84 -28.04 12.41
CA VAL A 288 -35.02 -29.49 12.45
C VAL A 288 -36.44 -29.87 12.05
N ASP A 289 -37.43 -29.28 12.70
CA ASP A 289 -38.81 -29.63 12.45
C ASP A 289 -39.51 -28.53 11.67
N PRO A 290 -40.43 -28.91 10.77
CA PRO A 290 -41.16 -27.90 9.99
C PRO A 290 -41.91 -26.88 10.83
N ASN A 291 -42.25 -27.22 12.07
CA ASN A 291 -42.97 -26.31 12.96
C ASN A 291 -42.04 -25.50 13.85
N GLY A 292 -40.73 -25.64 13.67
CA GLY A 292 -39.78 -24.88 14.47
C GLY A 292 -39.60 -25.38 15.89
N SER A 293 -40.04 -26.60 16.20
CA SER A 293 -39.90 -27.10 17.57
C SER A 293 -38.45 -27.40 17.94
N ARG A 294 -37.59 -27.69 16.96
CA ARG A 294 -36.21 -28.04 17.23
C ARG A 294 -35.31 -27.39 16.18
N TYR A 295 -34.09 -27.05 16.60
CA TYR A 295 -33.09 -26.47 15.71
C TYR A 295 -31.74 -27.08 16.01
N LEU A 296 -30.87 -27.09 15.00
CA LEU A 296 -29.51 -27.55 15.18
C LEU A 296 -28.61 -26.36 15.48
N LEU A 297 -27.60 -26.59 16.33
CA LEU A 297 -26.59 -25.57 16.60
C LEU A 297 -25.23 -26.22 16.42
N GLY A 298 -24.39 -25.62 15.56
CA GLY A 298 -23.06 -26.12 15.29
C GLY A 298 -22.01 -25.09 15.69
N ASP A 299 -20.75 -25.54 15.75
CA ASP A 299 -19.68 -24.67 16.21
C ASP A 299 -18.36 -25.01 15.53
N MET A 300 -17.34 -24.20 15.83
CA MET A 300 -16.00 -24.40 15.31
C MET A 300 -15.28 -25.58 15.96
N GLU A 301 -15.73 -26.03 17.12
CA GLU A 301 -15.09 -27.13 17.82
C GLU A 301 -15.66 -28.49 17.45
N GLY A 302 -16.67 -28.53 16.58
CA GLY A 302 -17.27 -29.79 16.18
C GLY A 302 -18.26 -30.36 17.17
N ARG A 303 -18.81 -29.56 18.07
CA ARG A 303 -19.80 -30.03 19.04
C ARG A 303 -21.18 -29.74 18.49
N LEU A 304 -21.96 -30.80 18.25
CA LEU A 304 -23.31 -30.67 17.71
C LEU A 304 -24.31 -30.63 18.85
N PHE A 305 -25.15 -29.59 18.87
CA PHE A 305 -26.14 -29.41 19.91
C PHE A 305 -27.55 -29.42 19.32
N MET A 306 -28.50 -29.90 20.12
CA MET A 306 -29.91 -29.88 19.76
C MET A 306 -30.60 -28.81 20.58
N LEU A 307 -31.29 -27.88 19.90
CA LEU A 307 -32.04 -26.82 20.56
C LEU A 307 -33.51 -27.19 20.51
N LEU A 308 -34.16 -27.23 21.67
CA LEU A 308 -35.56 -27.63 21.76
C LEU A 308 -36.41 -26.48 22.27
N LEU A 309 -37.60 -26.33 21.69
CA LEU A 309 -38.52 -25.26 22.03
C LEU A 309 -39.72 -25.87 22.75
N GLU A 310 -39.97 -25.41 23.97
CA GLU A 310 -41.17 -25.80 24.69
C GLU A 310 -42.27 -24.79 24.40
N LYS A 311 -43.45 -25.29 24.03
CA LYS A 311 -44.53 -24.44 23.58
C LYS A 311 -45.56 -24.22 24.69
N GLU A 312 -46.14 -23.03 24.71
CA GLU A 312 -47.27 -22.72 25.59
C GLU A 312 -48.36 -22.09 24.75
N GLU A 313 -49.58 -22.61 24.88
CA GLU A 313 -50.73 -22.04 24.18
C GLU A 313 -51.21 -20.81 24.91
N GLN A 314 -51.46 -19.73 24.18
CA GLN A 314 -51.88 -18.48 24.78
C GLN A 314 -53.40 -18.36 24.79
N MET A 315 -53.90 -17.51 25.69
CA MET A 315 -55.33 -17.32 25.83
C MET A 315 -55.96 -16.66 24.62
N ASP A 316 -55.17 -15.97 23.80
CA ASP A 316 -55.69 -15.30 22.61
C ASP A 316 -55.66 -16.20 21.38
N GLY A 317 -55.31 -17.47 21.54
CA GLY A 317 -55.24 -18.40 20.43
C GLY A 317 -53.88 -18.53 19.79
N THR A 318 -52.91 -17.68 20.14
CA THR A 318 -51.58 -17.77 19.56
C THR A 318 -50.72 -18.74 20.38
N VAL A 319 -49.56 -19.08 19.83
CA VAL A 319 -48.59 -19.96 20.49
C VAL A 319 -47.29 -19.19 20.65
N THR A 320 -46.70 -19.27 21.85
CA THR A 320 -45.44 -18.62 22.13
C THR A 320 -44.49 -19.61 22.80
N LEU A 321 -43.21 -19.25 22.82
CA LEU A 321 -42.22 -20.10 23.48
C LEU A 321 -42.42 -20.07 24.98
N LYS A 322 -42.31 -21.23 25.61
CA LYS A 322 -42.37 -21.34 27.06
C LYS A 322 -41.00 -21.41 27.71
N ASP A 323 -40.06 -22.13 27.11
CA ASP A 323 -38.72 -22.24 27.67
C ASP A 323 -37.77 -22.71 26.57
N LEU A 324 -36.48 -22.73 26.91
CA LEU A 324 -35.43 -23.16 26.01
C LEU A 324 -34.67 -24.32 26.64
N ARG A 325 -34.31 -25.32 25.83
CA ARG A 325 -33.51 -26.46 26.29
C ARG A 325 -32.47 -26.79 25.24
N VAL A 326 -31.24 -27.08 25.69
CA VAL A 326 -30.14 -27.43 24.81
C VAL A 326 -29.49 -28.72 25.30
N GLU A 327 -29.25 -29.65 24.38
CA GLU A 327 -28.60 -30.91 24.71
C GLU A 327 -27.41 -31.12 23.79
N LEU A 328 -26.36 -31.75 24.33
CA LEU A 328 -25.17 -32.07 23.54
C LEU A 328 -25.38 -33.43 22.87
N LEU A 329 -25.29 -33.45 21.54
CA LEU A 329 -25.50 -34.68 20.80
C LEU A 329 -24.20 -35.47 20.62
N GLY A 330 -23.09 -34.81 20.39
CA GLY A 330 -21.83 -35.49 20.19
C GLY A 330 -20.89 -34.65 19.36
N GLU A 331 -19.78 -35.25 18.98
CA GLU A 331 -18.74 -34.57 18.22
C GLU A 331 -18.84 -34.89 16.73
N THR A 332 -18.60 -33.88 15.90
CA THR A 332 -18.61 -34.02 14.44
C THR A 332 -17.38 -33.30 13.91
N SER A 333 -17.19 -33.35 12.59
CA SER A 333 -16.17 -32.51 11.99
C SER A 333 -16.57 -31.04 12.15
N ILE A 334 -15.61 -30.13 11.94
CA ILE A 334 -15.92 -28.71 12.10
C ILE A 334 -17.10 -28.34 11.23
N ALA A 335 -18.10 -27.70 11.82
CA ALA A 335 -19.34 -27.40 11.13
C ALA A 335 -19.33 -25.96 10.62
N GLU A 336 -19.53 -25.80 9.32
CA GLU A 336 -19.80 -24.49 8.73
C GLU A 336 -21.29 -24.24 8.55
N CYS A 337 -22.06 -25.29 8.30
CA CYS A 337 -23.51 -25.20 8.19
C CYS A 337 -24.07 -26.57 8.55
N LEU A 338 -25.27 -26.58 9.11
CA LEU A 338 -25.95 -27.83 9.43
C LEU A 338 -27.23 -27.92 8.61
N THR A 339 -27.64 -29.14 8.30
CA THR A 339 -28.91 -29.35 7.61
C THR A 339 -29.54 -30.61 8.14
N TYR A 340 -30.76 -30.50 8.66
CA TYR A 340 -31.45 -31.69 9.13
C TYR A 340 -32.08 -32.42 7.96
N LEU A 341 -32.00 -33.75 7.98
CA LEU A 341 -32.63 -34.56 6.94
C LEU A 341 -34.02 -34.99 7.40
N ASP A 342 -34.10 -36.19 7.96
CA ASP A 342 -35.34 -36.73 8.53
C ASP A 342 -34.93 -37.92 9.38
N ASN A 343 -35.86 -38.39 10.21
CA ASN A 343 -35.65 -39.60 11.02
C ASN A 343 -34.41 -39.50 11.89
N GLY A 344 -34.12 -38.30 12.41
CA GLY A 344 -32.98 -38.12 13.28
C GLY A 344 -31.63 -38.02 12.59
N VAL A 345 -31.60 -37.92 11.27
CA VAL A 345 -30.35 -37.83 10.52
C VAL A 345 -30.00 -36.36 10.33
N VAL A 346 -28.76 -36.01 10.65
CA VAL A 346 -28.27 -34.64 10.56
C VAL A 346 -27.10 -34.62 9.59
N PHE A 347 -27.12 -33.66 8.66
CA PHE A 347 -25.97 -33.42 7.79
C PHE A 347 -25.14 -32.28 8.38
N VAL A 348 -23.84 -32.53 8.51
CA VAL A 348 -22.90 -31.56 9.07
C VAL A 348 -22.02 -31.08 7.92
N GLY A 349 -22.33 -29.90 7.39
CA GLY A 349 -21.52 -29.33 6.34
C GLY A 349 -20.25 -28.73 6.92
N SER A 350 -19.11 -29.04 6.30
CA SER A 350 -17.81 -28.62 6.81
C SER A 350 -17.07 -27.87 5.72
N ARG A 351 -16.50 -26.72 6.09
CA ARG A 351 -15.68 -25.93 5.19
C ARG A 351 -14.20 -26.25 5.33
N LEU A 352 -13.75 -26.57 6.54
CA LEU A 352 -12.34 -26.84 6.83
C LEU A 352 -12.02 -28.33 6.88
N GLY A 353 -12.98 -29.20 6.56
CA GLY A 353 -12.73 -30.62 6.59
C GLY A 353 -13.83 -31.37 5.87
N ASP A 354 -13.78 -32.69 5.94
CA ASP A 354 -14.80 -33.49 5.28
C ASP A 354 -16.16 -33.25 5.93
N SER A 355 -17.19 -33.09 5.10
CA SER A 355 -18.53 -32.98 5.63
C SER A 355 -19.06 -34.36 5.97
N GLN A 356 -19.94 -34.43 6.97
CA GLN A 356 -20.39 -35.72 7.46
C GLN A 356 -21.91 -35.79 7.49
N LEU A 357 -22.44 -36.95 7.13
CA LEU A 357 -23.85 -37.26 7.30
C LEU A 357 -23.94 -38.23 8.48
N VAL A 358 -24.56 -37.80 9.57
CA VAL A 358 -24.54 -38.50 10.84
C VAL A 358 -25.97 -38.76 11.29
N LYS A 359 -26.14 -39.80 12.11
CA LYS A 359 -27.44 -40.12 12.69
C LYS A 359 -27.41 -39.93 14.20
N LEU A 360 -28.53 -39.45 14.75
CA LEU A 360 -28.67 -39.25 16.19
C LEU A 360 -29.32 -40.48 16.80
N ASN A 361 -28.61 -41.14 17.70
CA ASN A 361 -29.11 -42.35 18.34
C ASN A 361 -29.70 -42.04 19.71
N VAL A 362 -30.52 -42.97 20.20
CA VAL A 362 -31.07 -42.86 21.54
C VAL A 362 -30.00 -43.18 22.58
N ASP A 363 -29.25 -44.25 22.35
CA ASP A 363 -28.20 -44.67 23.27
C ASP A 363 -26.86 -44.12 22.81
N SER A 364 -26.04 -43.71 23.78
CA SER A 364 -24.73 -43.16 23.46
C SER A 364 -23.72 -44.29 23.26
N ASN A 365 -22.59 -43.94 22.65
CA ASN A 365 -21.50 -44.89 22.45
C ASN A 365 -20.60 -44.89 23.68
N GLU A 366 -19.48 -45.62 23.61
CA GLU A 366 -18.56 -45.68 24.74
C GLU A 366 -17.92 -44.34 25.04
N GLN A 367 -17.93 -43.40 24.10
CA GLN A 367 -17.39 -42.07 24.30
C GLN A 367 -18.43 -41.08 24.81
N GLY A 368 -19.66 -41.53 25.03
CA GLY A 368 -20.73 -40.65 25.47
C GLY A 368 -21.39 -39.84 24.37
N SER A 369 -21.10 -40.14 23.11
CA SER A 369 -21.67 -39.41 21.99
C SER A 369 -22.92 -40.12 21.47
N TYR A 370 -23.87 -39.32 20.98
CA TYR A 370 -25.07 -39.84 20.34
C TYR A 370 -25.02 -39.72 18.82
N VAL A 371 -23.88 -39.33 18.27
CA VAL A 371 -23.74 -39.03 16.85
C VAL A 371 -22.85 -40.09 16.22
N VAL A 372 -23.40 -40.80 15.24
CA VAL A 372 -22.64 -41.82 14.51
C VAL A 372 -22.69 -41.47 13.02
N ALA A 373 -21.52 -41.37 12.40
CA ALA A 373 -21.46 -41.03 10.99
C ALA A 373 -21.94 -42.19 10.14
N MET A 374 -22.68 -41.86 9.09
CA MET A 374 -23.12 -42.85 8.10
C MET A 374 -22.38 -42.70 6.78
N GLU A 375 -22.11 -41.48 6.34
CA GLU A 375 -21.41 -41.24 5.09
C GLU A 375 -20.53 -40.01 5.23
N THR A 376 -19.46 -39.95 4.44
CA THR A 376 -18.53 -38.83 4.48
C THR A 376 -18.36 -38.25 3.08
N PHE A 377 -18.35 -36.92 2.98
CA PHE A 377 -18.17 -36.22 1.73
C PHE A 377 -16.77 -35.61 1.69
N THR A 378 -15.98 -36.01 0.68
CA THR A 378 -14.58 -35.61 0.58
C THR A 378 -14.45 -34.11 0.41
N ASN A 379 -13.55 -33.51 1.19
CA ASN A 379 -13.23 -32.09 1.08
C ASN A 379 -11.73 -31.96 1.04
N LEU A 380 -11.19 -31.47 -0.08
CA LEU A 380 -9.74 -31.31 -0.20
C LEU A 380 -9.21 -30.16 0.64
N GLY A 381 -10.07 -29.23 1.04
CA GLY A 381 -9.63 -28.05 1.74
C GLY A 381 -9.64 -28.22 3.25
N PRO A 382 -8.83 -27.41 3.96
CA PRO A 382 -7.84 -26.47 3.42
C PRO A 382 -6.67 -27.26 2.85
N ILE A 383 -6.13 -26.87 1.70
CA ILE A 383 -4.96 -27.52 1.13
C ILE A 383 -3.74 -26.77 1.64
N VAL A 384 -2.89 -27.45 2.41
CA VAL A 384 -1.71 -26.80 2.97
C VAL A 384 -0.49 -26.97 2.08
N ASP A 385 -0.33 -28.14 1.46
CA ASP A 385 0.83 -28.41 0.63
C ASP A 385 0.47 -29.50 -0.38
N MET A 386 1.37 -29.71 -1.34
CA MET A 386 1.14 -30.74 -2.35
C MET A 386 2.39 -30.90 -3.22
N CYS A 387 2.49 -32.05 -3.87
CA CYS A 387 3.57 -32.33 -4.80
C CYS A 387 3.08 -33.28 -5.88
N VAL A 388 3.76 -33.27 -7.03
CA VAL A 388 3.40 -34.09 -8.18
C VAL A 388 4.57 -35.00 -8.52
N VAL A 389 4.31 -36.31 -8.60
CA VAL A 389 5.34 -37.29 -8.92
C VAL A 389 4.79 -38.30 -9.91
N ASP A 390 5.66 -38.74 -10.83
CA ASP A 390 5.33 -39.82 -11.75
C ASP A 390 5.71 -41.15 -11.07
N LEU A 391 4.85 -41.59 -10.16
CA LEU A 391 5.14 -42.82 -9.42
C LEU A 391 4.91 -44.05 -10.26
N GLU A 392 4.02 -43.96 -11.25
CA GLU A 392 3.71 -45.04 -12.17
C GLU A 392 4.59 -45.05 -13.41
N ARG A 393 5.50 -44.07 -13.53
CA ARG A 393 6.41 -43.98 -14.67
C ARG A 393 5.66 -43.87 -16.00
N GLN A 394 4.55 -43.14 -16.00
CA GLN A 394 3.74 -42.98 -17.21
C GLN A 394 3.87 -41.61 -17.85
N GLY A 395 4.54 -40.66 -17.18
CA GLY A 395 4.65 -39.31 -17.70
C GLY A 395 3.48 -38.40 -17.37
N GLN A 396 2.48 -38.89 -16.65
CA GLN A 396 1.32 -38.07 -16.30
C GLN A 396 1.54 -37.28 -15.02
N GLY A 397 1.92 -37.99 -13.94
CA GLY A 397 2.10 -37.34 -12.66
C GLY A 397 0.92 -37.51 -11.73
N GLN A 398 1.18 -37.83 -10.47
CA GLN A 398 0.15 -38.00 -9.46
C GLN A 398 0.30 -36.89 -8.44
N LEU A 399 -0.78 -36.19 -8.16
CA LEU A 399 -0.76 -35.10 -7.18
C LEU A 399 -1.30 -35.62 -5.86
N VAL A 400 -0.53 -35.43 -4.79
CA VAL A 400 -0.97 -35.76 -3.44
C VAL A 400 -0.93 -34.49 -2.61
N THR A 401 -2.06 -34.15 -1.98
CA THR A 401 -2.22 -32.91 -1.23
C THR A 401 -2.43 -33.20 0.24
N CYS A 402 -1.95 -32.29 1.09
CA CYS A 402 -2.19 -32.36 2.52
C CYS A 402 -3.41 -31.50 2.85
N SER A 403 -4.39 -32.10 3.54
CA SER A 403 -5.65 -31.42 3.81
C SER A 403 -6.07 -31.63 5.26
N GLY A 404 -6.81 -30.65 5.79
CA GLY A 404 -7.37 -30.75 7.12
C GLY A 404 -6.36 -30.47 8.23
N ALA A 405 -6.80 -30.70 9.47
CA ALA A 405 -5.93 -30.51 10.63
C ALA A 405 -6.45 -31.35 11.79
N PHE A 406 -5.54 -31.65 12.72
CA PHE A 406 -5.86 -32.39 13.96
C PHE A 406 -6.50 -33.73 13.59
N LYS A 407 -7.61 -34.11 14.23
CA LYS A 407 -8.26 -35.38 13.97
C LYS A 407 -8.82 -35.47 12.55
N GLU A 408 -8.95 -34.34 11.85
CA GLU A 408 -9.48 -34.33 10.49
C GLU A 408 -8.39 -34.38 9.43
N GLY A 409 -7.12 -34.42 9.82
CA GLY A 409 -6.05 -34.41 8.84
C GLY A 409 -5.99 -35.68 8.01
N SER A 410 -5.61 -35.54 6.74
CA SER A 410 -5.51 -36.68 5.85
C SER A 410 -4.70 -36.28 4.62
N LEU A 411 -4.30 -37.27 3.86
CA LEU A 411 -3.73 -37.06 2.54
C LEU A 411 -4.82 -37.28 1.50
N ARG A 412 -4.76 -36.51 0.42
CA ARG A 412 -5.72 -36.64 -0.66
C ARG A 412 -4.94 -36.87 -1.95
N ILE A 413 -5.25 -37.97 -2.62
CA ILE A 413 -4.60 -38.33 -3.87
C ILE A 413 -5.53 -37.93 -5.00
N ILE A 414 -5.08 -37.00 -5.84
CA ILE A 414 -5.89 -36.45 -6.92
C ILE A 414 -5.21 -36.78 -8.24
N ARG A 415 -5.97 -37.34 -9.17
CA ARG A 415 -5.44 -37.60 -10.51
C ARG A 415 -6.54 -37.42 -11.53
N ASN A 416 -6.17 -36.99 -12.72
CA ASN A 416 -7.11 -36.91 -13.84
C ASN A 416 -7.42 -38.32 -14.29
N GLY A 417 -8.63 -38.77 -14.01
CA GLY A 417 -9.03 -40.13 -14.30
C GLY A 417 -9.99 -40.65 -13.25
N ILE A 418 -10.43 -41.90 -13.45
CA ILE A 418 -11.39 -42.56 -12.57
C ILE A 418 -10.66 -43.59 -11.72
N GLY A 419 -10.74 -43.45 -10.39
CA GLY A 419 -10.02 -44.35 -9.50
C GLY A 419 -10.78 -45.63 -9.20
N ILE A 420 -10.02 -46.68 -8.88
CA ILE A 420 -10.55 -47.99 -8.49
C ILE A 420 -9.80 -48.46 -7.25
N HIS A 421 -10.54 -49.04 -6.30
CA HIS A 421 -9.95 -49.51 -5.04
C HIS A 421 -9.57 -50.98 -5.18
N GLU A 422 -8.28 -51.30 -5.00
CA GLU A 422 -7.80 -52.66 -5.12
C GLU A 422 -7.98 -53.39 -3.78
N HIS A 423 -8.65 -54.54 -3.82
CA HIS A 423 -8.90 -55.34 -2.63
C HIS A 423 -8.21 -56.70 -2.63
N ALA A 424 -7.87 -57.23 -3.80
CA ALA A 424 -7.21 -58.52 -3.89
C ALA A 424 -6.36 -58.57 -5.15
N SER A 425 -5.33 -59.42 -5.12
CA SER A 425 -4.44 -59.60 -6.27
C SER A 425 -3.94 -61.04 -6.30
N ILE A 426 -3.95 -61.64 -7.49
CA ILE A 426 -3.53 -63.03 -7.68
C ILE A 426 -2.49 -63.08 -8.79
N ASP A 427 -1.49 -63.96 -8.64
CA ASP A 427 -0.42 -64.10 -9.62
C ASP A 427 -0.93 -64.92 -10.80
N LEU A 428 -1.53 -64.24 -11.78
CA LEU A 428 -2.10 -64.89 -12.96
C LEU A 428 -1.59 -64.22 -14.24
N PRO A 429 -0.31 -64.42 -14.56
CA PRO A 429 0.25 -63.81 -15.78
C PRO A 429 -0.30 -64.47 -17.04
N GLY A 430 -0.35 -63.69 -18.12
CA GLY A 430 -0.74 -64.22 -19.41
C GLY A 430 -2.23 -64.32 -19.66
N ILE A 431 -3.04 -63.54 -18.95
CA ILE A 431 -4.49 -63.59 -19.15
C ILE A 431 -4.84 -62.93 -20.48
N LYS A 432 -5.65 -63.63 -21.29
CA LYS A 432 -6.09 -63.12 -22.59
C LYS A 432 -7.56 -62.74 -22.59
N GLY A 433 -8.20 -62.67 -21.43
CA GLY A 433 -9.61 -62.34 -21.35
C GLY A 433 -10.26 -62.83 -20.08
N LEU A 434 -11.32 -62.14 -19.64
CA LEU A 434 -12.02 -62.48 -18.41
C LEU A 434 -13.52 -62.41 -18.65
N TRP A 435 -14.27 -63.30 -18.00
CA TRP A 435 -15.75 -63.25 -18.06
C TRP A 435 -16.38 -63.80 -16.78
N PRO A 436 -17.35 -63.11 -16.19
CA PRO A 436 -18.04 -63.66 -15.02
C PRO A 436 -19.02 -64.75 -15.43
N LEU A 437 -19.26 -65.66 -14.48
CA LEU A 437 -20.27 -66.69 -14.63
C LEU A 437 -21.06 -66.81 -13.34
N ARG A 438 -22.33 -67.20 -13.48
CA ARG A 438 -23.20 -67.52 -12.35
C ARG A 438 -23.42 -69.03 -12.38
N SER A 439 -22.58 -69.75 -11.64
CA SER A 439 -22.69 -71.21 -11.62
C SER A 439 -23.85 -71.69 -10.76
N ASP A 440 -24.26 -70.90 -9.76
CA ASP A 440 -25.41 -71.25 -8.94
C ASP A 440 -26.67 -70.74 -9.62
N PRO A 441 -27.58 -71.61 -10.07
CA PRO A 441 -28.82 -71.15 -10.71
C PRO A 441 -29.76 -70.39 -9.79
N ASN A 442 -29.51 -70.43 -8.48
CA ASN A 442 -30.38 -69.77 -7.50
C ASN A 442 -29.91 -68.37 -7.14
N ARG A 443 -28.90 -67.83 -7.82
CA ARG A 443 -28.34 -66.52 -7.48
C ARG A 443 -28.27 -65.63 -8.71
N GLU A 444 -28.59 -64.35 -8.51
CA GLU A 444 -28.43 -63.33 -9.54
C GLU A 444 -27.04 -62.70 -9.55
N THR A 445 -26.23 -62.92 -8.52
CA THR A 445 -24.90 -62.36 -8.43
C THR A 445 -23.86 -63.33 -8.98
N ASP A 446 -22.66 -62.81 -9.25
CA ASP A 446 -21.58 -63.62 -9.79
C ASP A 446 -20.95 -64.49 -8.71
N ASP A 447 -20.58 -65.70 -9.08
CA ASP A 447 -19.89 -66.61 -8.18
C ASP A 447 -18.69 -67.30 -8.83
N THR A 448 -18.41 -67.02 -10.10
CA THR A 448 -17.30 -67.67 -10.80
C THR A 448 -16.71 -66.67 -11.80
N LEU A 449 -15.38 -66.78 -12.00
CA LEU A 449 -14.68 -65.94 -12.96
C LEU A 449 -13.77 -66.81 -13.82
N VAL A 450 -13.89 -66.71 -15.15
CA VAL A 450 -13.11 -67.52 -16.08
C VAL A 450 -11.90 -66.73 -16.54
N LEU A 451 -10.73 -67.38 -16.52
CA LEU A 451 -9.47 -66.82 -16.99
C LEU A 451 -9.07 -67.52 -18.29
N SER A 452 -8.87 -66.74 -19.35
CA SER A 452 -8.42 -67.27 -20.63
C SER A 452 -6.90 -67.23 -20.72
N PHE A 453 -6.29 -68.35 -21.13
CA PHE A 453 -4.86 -68.41 -21.36
C PHE A 453 -4.60 -69.15 -22.67
N VAL A 454 -3.44 -68.88 -23.28
CA VAL A 454 -3.11 -69.54 -24.54
C VAL A 454 -2.82 -71.00 -24.28
N GLY A 455 -3.60 -71.88 -24.90
CA GLY A 455 -3.44 -73.30 -24.71
C GLY A 455 -4.08 -73.86 -23.46
N GLN A 456 -4.79 -73.06 -22.69
CA GLN A 456 -5.41 -73.57 -21.46
C GLN A 456 -6.42 -72.57 -20.93
N THR A 457 -7.27 -73.04 -20.03
CA THR A 457 -8.24 -72.19 -19.35
C THR A 457 -8.23 -72.51 -17.87
N ARG A 458 -8.44 -71.49 -17.04
CA ARG A 458 -8.52 -71.65 -15.60
C ARG A 458 -9.77 -70.94 -15.07
N VAL A 459 -10.26 -71.40 -13.94
CA VAL A 459 -11.48 -70.86 -13.34
C VAL A 459 -11.18 -70.44 -11.91
N LEU A 460 -11.67 -69.27 -11.52
CA LEU A 460 -11.55 -68.79 -10.15
C LEU A 460 -12.92 -68.83 -9.47
N MET A 461 -12.95 -69.34 -8.25
CA MET A 461 -14.17 -69.32 -7.44
C MET A 461 -14.23 -68.01 -6.65
N LEU A 462 -15.41 -67.40 -6.64
CA LEU A 462 -15.64 -66.15 -5.92
C LEU A 462 -16.40 -66.46 -4.63
N ASN A 463 -15.76 -66.23 -3.50
CA ASN A 463 -16.36 -66.48 -2.18
C ASN A 463 -16.25 -65.20 -1.36
N GLY A 464 -17.25 -64.33 -1.50
CA GLY A 464 -17.19 -63.05 -0.82
C GLY A 464 -16.00 -62.24 -1.30
N GLU A 465 -15.18 -61.80 -0.35
CA GLU A 465 -13.99 -61.01 -0.66
C GLU A 465 -12.81 -61.86 -1.13
N GLU A 466 -12.88 -63.18 -0.98
CA GLU A 466 -11.77 -64.05 -1.33
C GLU A 466 -11.96 -64.66 -2.71
N VAL A 467 -10.85 -64.85 -3.43
CA VAL A 467 -10.85 -65.46 -4.76
C VAL A 467 -9.81 -66.57 -4.79
N GLU A 468 -10.20 -67.76 -5.25
CA GLU A 468 -9.30 -68.91 -5.25
C GLU A 468 -9.44 -69.70 -6.56
N GLU A 469 -8.37 -70.42 -6.91
CA GLU A 469 -8.40 -71.27 -8.10
C GLU A 469 -9.35 -72.45 -7.89
N THR A 470 -10.09 -72.79 -8.94
CA THR A 470 -11.03 -73.91 -8.89
C THR A 470 -11.19 -74.49 -10.29
N GLU A 471 -12.16 -75.38 -10.45
CA GLU A 471 -12.50 -75.96 -11.75
C GLU A 471 -14.01 -76.03 -11.87
N LEU A 472 -14.53 -75.60 -13.02
CA LEU A 472 -15.96 -75.59 -13.28
C LEU A 472 -16.28 -76.70 -14.28
N MET A 473 -17.11 -77.65 -13.85
CA MET A 473 -17.39 -78.82 -14.68
C MET A 473 -18.16 -78.42 -15.95
N GLY A 474 -17.87 -79.11 -17.04
CA GLY A 474 -18.47 -78.82 -18.33
C GLY A 474 -17.66 -77.88 -19.19
N PHE A 475 -16.65 -77.22 -18.63
CA PHE A 475 -15.81 -76.28 -19.34
C PHE A 475 -14.48 -76.93 -19.73
N VAL A 476 -13.94 -76.50 -20.86
CA VAL A 476 -12.71 -77.07 -21.40
C VAL A 476 -11.52 -76.36 -20.76
N ASP A 477 -10.61 -77.13 -20.19
CA ASP A 477 -9.44 -76.57 -19.52
C ASP A 477 -8.18 -76.59 -20.38
N ASP A 478 -8.14 -77.40 -21.44
CA ASP A 478 -6.95 -77.56 -22.27
C ASP A 478 -7.01 -76.71 -23.54
N GLN A 479 -7.94 -75.77 -23.63
CA GLN A 479 -8.07 -74.93 -24.82
C GLN A 479 -8.24 -73.48 -24.39
N GLN A 480 -7.80 -72.57 -25.26
CA GLN A 480 -7.93 -71.14 -24.97
C GLN A 480 -9.40 -70.73 -25.08
N THR A 481 -9.88 -70.02 -24.07
CA THR A 481 -11.24 -69.49 -24.11
C THR A 481 -11.21 -68.08 -24.70
N PHE A 482 -12.07 -67.84 -25.67
CA PHE A 482 -12.14 -66.52 -26.29
C PHE A 482 -13.33 -65.71 -25.82
N PHE A 483 -14.39 -66.38 -25.36
CA PHE A 483 -15.53 -65.70 -24.76
C PHE A 483 -16.37 -66.71 -24.01
N CYS A 484 -16.96 -66.26 -22.91
CA CYS A 484 -17.91 -67.06 -22.15
C CYS A 484 -18.76 -66.12 -21.31
N GLY A 485 -19.85 -66.65 -20.78
CA GLY A 485 -20.72 -65.83 -19.96
C GLY A 485 -22.04 -66.53 -19.69
N ASN A 486 -22.94 -65.80 -19.02
CA ASN A 486 -24.25 -66.33 -18.71
C ASN A 486 -25.19 -66.18 -19.89
N VAL A 487 -26.00 -67.22 -20.13
CA VAL A 487 -26.96 -67.24 -21.22
C VAL A 487 -28.32 -67.66 -20.69
N ALA A 488 -29.34 -67.52 -21.55
CA ALA A 488 -30.70 -67.79 -21.15
C ALA A 488 -30.90 -69.28 -20.85
N HIS A 489 -32.00 -69.58 -20.16
CA HIS A 489 -32.38 -70.95 -19.78
C HIS A 489 -31.48 -71.51 -18.69
N GLN A 490 -30.94 -70.64 -17.83
CA GLN A 490 -30.09 -71.08 -16.72
C GLN A 490 -28.89 -71.89 -17.21
N GLN A 491 -28.17 -71.35 -18.19
CA GLN A 491 -27.02 -72.03 -18.76
C GLN A 491 -25.85 -71.08 -18.86
N LEU A 492 -24.66 -71.66 -18.98
CA LEU A 492 -23.42 -70.94 -19.21
C LEU A 492 -22.85 -71.37 -20.55
N ILE A 493 -22.19 -70.45 -21.24
CA ILE A 493 -21.63 -70.72 -22.56
C ILE A 493 -20.13 -70.49 -22.51
N GLN A 494 -19.37 -71.42 -23.09
CA GLN A 494 -17.92 -71.25 -23.22
C GLN A 494 -17.52 -71.55 -24.66
N ILE A 495 -16.82 -70.62 -25.28
CA ILE A 495 -16.29 -70.80 -26.63
C ILE A 495 -14.77 -70.84 -26.54
N THR A 496 -14.19 -71.94 -26.99
CA THR A 496 -12.74 -72.13 -27.00
C THR A 496 -12.26 -72.32 -28.44
N SER A 497 -10.94 -72.46 -28.59
CA SER A 497 -10.37 -72.65 -29.91
C SER A 497 -10.87 -73.94 -30.56
N ALA A 498 -11.23 -74.94 -29.75
CA ALA A 498 -11.64 -76.23 -30.30
C ALA A 498 -13.14 -76.33 -30.55
N SER A 499 -13.98 -75.78 -29.68
CA SER A 499 -15.42 -75.98 -29.86
C SER A 499 -16.23 -74.99 -29.03
N VAL A 500 -17.53 -74.97 -29.29
CA VAL A 500 -18.50 -74.18 -28.54
C VAL A 500 -19.22 -75.13 -27.57
N ARG A 501 -19.12 -74.85 -26.28
CA ARG A 501 -19.67 -75.73 -25.25
C ARG A 501 -20.77 -75.01 -24.49
N LEU A 502 -21.97 -75.59 -24.50
CA LEU A 502 -23.09 -75.10 -23.71
C LEU A 502 -23.20 -75.94 -22.44
N VAL A 503 -23.01 -75.30 -21.29
CA VAL A 503 -22.96 -75.97 -19.99
C VAL A 503 -24.09 -75.42 -19.14
N SER A 504 -24.92 -76.32 -18.60
CA SER A 504 -26.00 -75.85 -17.74
C SER A 504 -25.45 -75.41 -16.38
N GLN A 505 -26.21 -74.54 -15.71
CA GLN A 505 -25.81 -74.14 -14.36
C GLN A 505 -25.87 -75.31 -13.39
N GLU A 506 -26.81 -76.24 -13.60
CA GLU A 506 -26.95 -77.42 -12.78
C GLU A 506 -27.29 -78.59 -13.68
N PRO A 507 -26.63 -79.75 -13.49
CA PRO A 507 -25.58 -80.04 -12.50
C PRO A 507 -24.20 -79.62 -12.98
N LYS A 508 -24.04 -78.39 -13.47
CA LYS A 508 -22.75 -77.88 -13.93
C LYS A 508 -22.09 -78.83 -14.92
N ALA A 509 -22.86 -79.30 -15.91
CA ALA A 509 -22.36 -80.29 -16.84
C ALA A 509 -22.69 -79.90 -18.27
N LEU A 510 -21.88 -80.39 -19.20
CA LEU A 510 -22.10 -80.13 -20.61
C LEU A 510 -23.44 -80.73 -21.05
N VAL A 511 -24.25 -79.90 -21.70
CA VAL A 511 -25.52 -80.34 -22.24
C VAL A 511 -25.51 -80.38 -23.76
N SER A 512 -24.74 -79.51 -24.42
CA SER A 512 -24.73 -79.47 -25.86
C SER A 512 -23.40 -78.89 -26.33
N GLU A 513 -22.95 -79.34 -27.50
CA GLU A 513 -21.70 -78.85 -28.07
C GLU A 513 -21.86 -78.65 -29.58
N TRP A 514 -21.27 -77.57 -30.08
CA TRP A 514 -21.26 -77.27 -31.51
C TRP A 514 -19.81 -77.16 -31.98
N LYS A 515 -19.55 -77.69 -33.17
CA LYS A 515 -18.20 -77.73 -33.71
C LYS A 515 -18.13 -77.05 -35.08
N GLU A 516 -16.96 -76.51 -35.39
CA GLU A 516 -16.75 -75.79 -36.64
C GLU A 516 -16.77 -76.74 -37.83
N PRO A 517 -17.65 -76.52 -38.81
CA PRO A 517 -17.69 -77.39 -40.01
C PRO A 517 -16.40 -77.41 -40.81
N GLN A 518 -15.55 -76.40 -40.70
CA GLN A 518 -14.30 -76.35 -41.43
C GLN A 518 -13.15 -77.04 -40.71
N ALA A 519 -13.39 -77.53 -39.49
CA ALA A 519 -12.35 -78.17 -38.68
C ALA A 519 -11.16 -77.25 -38.44
N LYS A 520 -11.44 -75.97 -38.23
CA LYS A 520 -10.41 -74.98 -37.98
C LYS A 520 -10.59 -74.37 -36.60
N ASN A 521 -9.50 -73.83 -36.05
CA ASN A 521 -9.51 -73.31 -34.69
C ASN A 521 -10.22 -71.97 -34.62
N ILE A 522 -11.08 -71.82 -33.61
CA ILE A 522 -11.76 -70.55 -33.37
C ILE A 522 -10.77 -69.55 -32.83
N SER A 523 -10.83 -68.31 -33.34
CA SER A 523 -9.91 -67.28 -32.88
C SER A 523 -10.61 -66.14 -32.15
N VAL A 524 -11.92 -65.98 -32.32
CA VAL A 524 -12.68 -64.89 -31.71
C VAL A 524 -14.05 -65.43 -31.33
N ALA A 525 -14.66 -64.85 -30.30
CA ALA A 525 -15.98 -65.30 -29.88
C ALA A 525 -16.70 -64.19 -29.12
N SER A 526 -18.02 -64.29 -29.12
CA SER A 526 -18.87 -63.41 -28.31
C SER A 526 -20.21 -64.10 -28.08
N CYS A 527 -20.82 -63.83 -26.93
CA CYS A 527 -22.09 -64.44 -26.57
C CYS A 527 -22.97 -63.46 -25.82
N ASN A 528 -24.28 -63.65 -25.94
CA ASN A 528 -25.26 -62.94 -25.12
C ASN A 528 -26.33 -63.94 -24.69
N SER A 529 -27.48 -63.42 -24.24
CA SER A 529 -28.48 -64.28 -23.61
C SER A 529 -29.03 -65.33 -24.55
N SER A 530 -29.17 -65.02 -25.84
CA SER A 530 -29.74 -65.97 -26.79
C SER A 530 -28.93 -66.13 -28.07
N GLN A 531 -27.99 -65.24 -28.35
CA GLN A 531 -27.26 -65.23 -29.60
C GLN A 531 -25.80 -65.60 -29.36
N VAL A 532 -25.25 -66.43 -30.23
CA VAL A 532 -23.84 -66.80 -30.20
C VAL A 532 -23.25 -66.56 -31.58
N VAL A 533 -22.13 -65.85 -31.64
CA VAL A 533 -21.42 -65.62 -32.89
C VAL A 533 -19.98 -66.10 -32.72
N VAL A 534 -19.53 -66.93 -33.66
CA VAL A 534 -18.19 -67.52 -33.60
C VAL A 534 -17.45 -67.18 -34.90
N ALA A 535 -16.20 -66.75 -34.75
CA ALA A 535 -15.34 -66.46 -35.90
C ALA A 535 -14.21 -67.47 -35.97
N VAL A 536 -14.17 -68.24 -37.06
CA VAL A 536 -13.10 -69.20 -37.32
C VAL A 536 -12.51 -68.84 -38.67
N GLY A 537 -11.26 -68.40 -38.68
CA GLY A 537 -10.69 -67.91 -39.94
C GLY A 537 -11.54 -66.77 -40.48
N ARG A 538 -12.00 -66.91 -41.71
CA ARG A 538 -12.85 -65.91 -42.33
C ARG A 538 -14.34 -66.13 -42.07
N ALA A 539 -14.72 -67.30 -41.56
CA ALA A 539 -16.11 -67.67 -41.43
C ALA A 539 -16.71 -67.13 -40.14
N LEU A 540 -17.97 -66.71 -40.19
CA LEU A 540 -18.72 -66.26 -39.03
C LEU A 540 -19.98 -67.11 -38.93
N TYR A 541 -20.16 -67.78 -37.81
CA TYR A 541 -21.30 -68.66 -37.59
C TYR A 541 -22.22 -68.07 -36.53
N TYR A 542 -23.52 -68.13 -36.79
CA TYR A 542 -24.53 -67.66 -35.85
C TYR A 542 -25.28 -68.86 -35.29
N LEU A 543 -25.28 -69.01 -33.98
CA LEU A 543 -25.97 -70.09 -33.30
C LEU A 543 -27.02 -69.52 -32.36
N GLN A 544 -28.12 -70.25 -32.19
CA GLN A 544 -29.16 -69.90 -31.23
C GLN A 544 -28.99 -70.73 -29.97
N ILE A 545 -29.28 -70.12 -28.83
CA ILE A 545 -29.20 -70.79 -27.53
C ILE A 545 -30.58 -71.25 -27.13
N HIS A 546 -30.74 -72.56 -27.01
CA HIS A 546 -31.98 -73.19 -26.58
C HIS A 546 -31.71 -74.04 -25.34
N PRO A 547 -32.75 -74.39 -24.58
CA PRO A 547 -32.54 -75.21 -23.37
C PRO A 547 -31.87 -76.53 -23.73
N GLN A 548 -30.66 -76.73 -23.20
CA GLN A 548 -29.90 -77.94 -23.41
C GLN A 548 -29.59 -78.22 -24.89
N GLU A 549 -29.59 -77.19 -25.74
CA GLU A 549 -29.34 -77.43 -27.15
C GLU A 549 -28.77 -76.18 -27.82
N LEU A 550 -27.81 -76.38 -28.71
CA LEU A 550 -27.30 -75.34 -29.60
C LEU A 550 -27.74 -75.66 -31.01
N ARG A 551 -28.13 -74.63 -31.77
CA ARG A 551 -28.59 -74.81 -33.14
C ARG A 551 -27.89 -73.81 -34.05
N GLN A 552 -27.41 -74.30 -35.20
CA GLN A 552 -26.82 -73.43 -36.20
C GLN A 552 -27.89 -72.99 -37.19
N ILE A 553 -28.00 -71.68 -37.39
CA ILE A 553 -28.99 -71.11 -38.31
C ILE A 553 -28.35 -70.70 -39.63
N SER A 554 -27.25 -69.97 -39.58
CA SER A 554 -26.63 -69.46 -40.79
C SER A 554 -25.18 -69.11 -40.50
N HIS A 555 -24.44 -68.86 -41.58
CA HIS A 555 -23.05 -68.45 -41.48
C HIS A 555 -22.67 -67.67 -42.74
N THR A 556 -21.62 -66.88 -42.62
CA THR A 556 -21.11 -66.10 -43.75
C THR A 556 -19.60 -66.21 -43.78
N GLU A 557 -19.01 -65.69 -44.86
CA GLU A 557 -17.55 -65.68 -45.03
C GLU A 557 -17.10 -64.25 -45.28
N MET A 558 -16.18 -63.77 -44.44
CA MET A 558 -15.61 -62.45 -44.62
C MET A 558 -14.44 -62.50 -45.61
N GLU A 559 -14.16 -61.35 -46.22
CA GLU A 559 -13.01 -61.26 -47.12
C GLU A 559 -11.70 -61.50 -46.38
N HIS A 560 -11.65 -61.18 -45.09
CA HIS A 560 -10.45 -61.32 -44.30
C HIS A 560 -10.81 -61.95 -42.95
N GLU A 561 -9.81 -62.53 -42.29
CA GLU A 561 -10.03 -63.15 -40.99
C GLU A 561 -10.46 -62.10 -39.97
N VAL A 562 -11.33 -62.52 -39.05
CA VAL A 562 -11.88 -61.63 -38.04
C VAL A 562 -10.94 -61.61 -36.83
N ALA A 563 -10.54 -60.41 -36.42
CA ALA A 563 -9.70 -60.23 -35.25
C ALA A 563 -10.50 -60.05 -33.97
N CYS A 564 -11.72 -59.55 -34.05
CA CYS A 564 -12.56 -59.35 -32.88
C CYS A 564 -14.01 -59.25 -33.31
N LEU A 565 -14.92 -59.66 -32.43
CA LEU A 565 -16.35 -59.55 -32.68
C LEU A 565 -17.08 -59.38 -31.36
N ASP A 566 -18.21 -58.66 -31.39
CA ASP A 566 -18.98 -58.44 -30.16
C ASP A 566 -20.46 -58.32 -30.45
N ILE A 567 -21.27 -58.99 -29.62
CA ILE A 567 -22.72 -58.90 -29.69
C ILE A 567 -23.30 -58.50 -28.34
N THR A 568 -22.52 -57.76 -27.54
CA THR A 568 -22.96 -57.34 -26.22
C THR A 568 -24.33 -56.65 -26.30
N PRO A 569 -25.27 -56.98 -25.40
CA PRO A 569 -26.60 -56.36 -25.45
C PRO A 569 -26.55 -54.87 -25.16
N LEU A 570 -27.54 -54.14 -25.72
CA LEU A 570 -27.62 -52.70 -25.55
C LEU A 570 -28.96 -52.30 -24.94
N GLY A 571 -28.98 -51.11 -24.35
CA GLY A 571 -30.21 -50.55 -23.82
C GLY A 571 -30.80 -51.39 -22.70
N ASP A 572 -32.10 -51.64 -22.78
CA ASP A 572 -32.84 -52.41 -21.79
C ASP A 572 -33.26 -53.77 -22.32
N SER A 573 -32.62 -54.26 -23.37
CA SER A 573 -32.98 -55.54 -23.95
C SER A 573 -32.61 -56.68 -22.98
N ASN A 574 -33.29 -57.81 -23.14
CA ASN A 574 -33.05 -58.97 -22.28
C ASN A 574 -31.84 -59.77 -22.76
N GLY A 575 -30.70 -59.09 -22.81
CA GLY A 575 -29.48 -59.72 -23.26
C GLY A 575 -29.42 -60.01 -24.74
N LEU A 576 -30.14 -59.24 -25.55
CA LEU A 576 -30.23 -59.49 -26.98
C LEU A 576 -29.63 -58.31 -27.76
N SER A 577 -29.07 -58.62 -28.93
CA SER A 577 -28.56 -57.59 -29.82
C SER A 577 -28.67 -58.02 -31.28
N PRO A 578 -29.43 -57.30 -32.10
CA PRO A 578 -29.60 -57.70 -33.50
C PRO A 578 -28.36 -57.55 -34.36
N LEU A 579 -27.37 -56.80 -33.90
CA LEU A 579 -26.19 -56.49 -34.70
C LEU A 579 -24.94 -57.06 -34.05
N CYS A 580 -23.95 -57.36 -34.88
CA CYS A 580 -22.65 -57.86 -34.42
C CYS A 580 -21.58 -56.97 -35.01
N ALA A 581 -20.71 -56.45 -34.15
CA ALA A 581 -19.58 -55.62 -34.59
C ALA A 581 -18.34 -56.50 -34.71
N ILE A 582 -17.59 -56.34 -35.80
CA ILE A 582 -16.41 -57.15 -36.05
C ILE A 582 -15.23 -56.28 -36.46
N GLY A 583 -14.03 -56.83 -36.30
CA GLY A 583 -12.83 -56.23 -36.85
C GLY A 583 -12.04 -57.27 -37.61
N LEU A 584 -11.17 -56.80 -38.51
CA LEU A 584 -10.45 -57.69 -39.43
C LEU A 584 -8.94 -57.59 -39.24
N TRP A 585 -8.25 -58.67 -39.63
CA TRP A 585 -6.80 -58.78 -39.52
C TRP A 585 -6.04 -58.08 -40.63
N THR A 586 -6.70 -57.62 -41.69
CA THR A 586 -6.00 -57.14 -42.87
C THR A 586 -6.21 -55.64 -43.12
N ASP A 587 -7.44 -55.19 -43.28
CA ASP A 587 -7.71 -53.81 -43.66
C ASP A 587 -7.84 -52.88 -42.46
N ILE A 588 -7.60 -53.39 -41.24
CA ILE A 588 -7.68 -52.60 -40.02
C ILE A 588 -8.94 -51.75 -40.02
N SER A 589 -10.09 -52.39 -39.88
CA SER A 589 -11.37 -51.69 -39.97
C SER A 589 -12.38 -52.34 -39.04
N ALA A 590 -13.52 -51.66 -38.88
CA ALA A 590 -14.63 -52.14 -38.08
C ALA A 590 -15.86 -52.27 -38.97
N ARG A 591 -16.68 -53.29 -38.73
CA ARG A 591 -17.87 -53.51 -39.54
C ARG A 591 -19.05 -53.90 -38.65
N ILE A 592 -20.25 -53.58 -39.12
CA ILE A 592 -21.49 -53.94 -38.44
C ILE A 592 -22.24 -54.93 -39.31
N LEU A 593 -22.51 -56.12 -38.78
CA LEU A 593 -23.23 -57.17 -39.48
C LEU A 593 -24.58 -57.40 -38.81
N LYS A 594 -25.62 -57.62 -39.61
CA LYS A 594 -26.95 -57.88 -39.09
C LYS A 594 -27.18 -59.38 -38.97
N LEU A 595 -27.53 -59.83 -37.76
CA LEU A 595 -27.78 -61.25 -37.51
C LEU A 595 -29.22 -61.60 -37.85
N PRO A 596 -29.51 -62.87 -38.17
CA PRO A 596 -28.60 -64.03 -38.27
C PRO A 596 -27.84 -64.06 -39.59
N SER A 597 -28.28 -63.27 -40.57
CA SER A 597 -27.75 -63.37 -41.92
C SER A 597 -26.37 -62.73 -42.08
N PHE A 598 -25.91 -61.97 -41.08
CA PHE A 598 -24.61 -61.28 -41.16
C PHE A 598 -24.58 -60.28 -42.30
N GLU A 599 -25.70 -59.62 -42.58
CA GLU A 599 -25.73 -58.64 -43.63
C GLU A 599 -24.91 -57.42 -43.23
N LEU A 600 -24.11 -56.91 -44.16
CA LEU A 600 -23.23 -55.78 -43.87
C LEU A 600 -24.02 -54.48 -43.99
N LEU A 601 -24.18 -53.77 -42.88
CA LEU A 601 -24.88 -52.50 -42.86
C LEU A 601 -23.94 -51.30 -42.87
N HIS A 602 -22.74 -51.43 -42.29
CA HIS A 602 -21.83 -50.31 -42.23
C HIS A 602 -20.39 -50.81 -42.16
N LYS A 603 -19.49 -50.10 -42.84
CA LYS A 603 -18.06 -50.39 -42.82
C LYS A 603 -17.33 -49.10 -42.51
N GLU A 604 -16.50 -49.10 -41.47
CA GLU A 604 -15.76 -47.93 -41.04
C GLU A 604 -14.28 -48.25 -40.96
N MET A 605 -13.45 -47.45 -41.63
CA MET A 605 -12.01 -47.67 -41.60
C MET A 605 -11.41 -47.09 -40.33
N LEU A 606 -10.61 -47.89 -39.64
CA LEU A 606 -10.00 -47.45 -38.39
C LEU A 606 -8.62 -46.83 -38.62
N GLY A 607 -7.81 -47.42 -39.50
CA GLY A 607 -6.48 -46.92 -39.73
C GLY A 607 -5.52 -47.35 -38.63
N GLY A 608 -4.37 -46.69 -38.59
CA GLY A 608 -3.36 -47.04 -37.61
C GLY A 608 -2.38 -48.06 -38.13
N GLU A 609 -1.50 -48.50 -37.23
CA GLU A 609 -0.44 -49.45 -37.62
C GLU A 609 -0.77 -50.89 -37.27
N ILE A 610 -1.59 -51.12 -36.25
CA ILE A 610 -1.87 -52.46 -35.76
C ILE A 610 -3.36 -52.74 -35.87
N ILE A 611 -3.70 -53.98 -36.21
CA ILE A 611 -5.07 -54.46 -36.38
C ILE A 611 -5.92 -54.24 -35.12
N PRO A 612 -7.23 -54.18 -35.26
CA PRO A 612 -8.11 -54.09 -34.09
C PRO A 612 -7.98 -55.32 -33.20
N ARG A 613 -7.90 -55.08 -31.89
CA ARG A 613 -7.82 -56.15 -30.91
C ARG A 613 -9.15 -56.43 -30.23
N SER A 614 -10.04 -55.45 -30.17
CA SER A 614 -11.32 -55.61 -29.51
C SER A 614 -12.30 -54.60 -30.09
N ILE A 615 -13.54 -55.03 -30.28
CA ILE A 615 -14.63 -54.14 -30.71
C ILE A 615 -15.81 -54.37 -29.77
N LEU A 616 -16.51 -53.29 -29.43
CA LEU A 616 -17.49 -53.35 -28.36
C LEU A 616 -18.70 -52.51 -28.69
N MET A 617 -19.89 -53.05 -28.42
CA MET A 617 -21.13 -52.29 -28.42
C MET A 617 -21.53 -52.03 -26.97
N THR A 618 -21.86 -50.78 -26.67
CA THR A 618 -22.18 -50.40 -25.29
C THR A 618 -23.33 -49.41 -25.28
N THR A 619 -23.82 -49.12 -24.08
CA THR A 619 -24.91 -48.17 -23.88
C THR A 619 -24.56 -47.23 -22.74
N PHE A 620 -24.77 -45.93 -22.97
CA PHE A 620 -24.58 -44.89 -21.95
C PHE A 620 -25.89 -44.14 -21.78
N GLU A 621 -26.49 -44.25 -20.60
CA GLU A 621 -27.74 -43.55 -20.31
C GLU A 621 -28.79 -43.80 -21.39
N SER A 622 -28.92 -45.08 -21.78
CA SER A 622 -29.87 -45.52 -22.79
C SER A 622 -29.47 -45.13 -24.21
N SER A 623 -28.34 -44.46 -24.40
CA SER A 623 -27.85 -44.08 -25.72
C SER A 623 -26.83 -45.11 -26.20
N HIS A 624 -26.92 -45.47 -27.47
CA HIS A 624 -26.13 -46.56 -28.02
C HIS A 624 -24.85 -46.04 -28.65
N TYR A 625 -23.72 -46.67 -28.32
CA TYR A 625 -22.43 -46.30 -28.88
C TYR A 625 -21.63 -47.54 -29.23
N LEU A 626 -20.73 -47.39 -30.20
CA LEU A 626 -19.81 -48.44 -30.60
C LEU A 626 -18.38 -47.95 -30.44
N LEU A 627 -17.53 -48.82 -29.90
CA LEU A 627 -16.12 -48.49 -29.72
C LEU A 627 -15.27 -49.60 -30.29
N CYS A 628 -14.10 -49.24 -30.81
CA CYS A 628 -13.16 -50.23 -31.33
C CYS A 628 -11.73 -49.77 -31.01
N ALA A 629 -10.91 -50.69 -30.52
CA ALA A 629 -9.55 -50.36 -30.10
C ALA A 629 -8.55 -51.12 -30.97
N LEU A 630 -7.46 -50.45 -31.31
CA LEU A 630 -6.39 -51.03 -32.10
C LEU A 630 -5.27 -51.53 -31.21
N GLY A 631 -4.47 -52.45 -31.75
CA GLY A 631 -3.32 -52.95 -31.00
C GLY A 631 -2.20 -51.96 -30.84
N ASP A 632 -2.29 -50.79 -31.47
CA ASP A 632 -1.28 -49.75 -31.35
C ASP A 632 -1.60 -48.73 -30.28
N GLY A 633 -2.69 -48.93 -29.53
CA GLY A 633 -3.07 -48.02 -28.47
C GLY A 633 -4.06 -46.94 -28.86
N ALA A 634 -4.52 -46.92 -30.11
CA ALA A 634 -5.50 -45.93 -30.54
C ALA A 634 -6.91 -46.43 -30.25
N LEU A 635 -7.78 -45.53 -29.82
CA LEU A 635 -9.18 -45.85 -29.52
C LEU A 635 -10.09 -45.01 -30.40
N PHE A 636 -11.02 -45.67 -31.09
CA PHE A 636 -11.99 -45.02 -31.95
C PHE A 636 -13.38 -45.27 -31.40
N TYR A 637 -14.17 -44.21 -31.25
CA TYR A 637 -15.54 -44.36 -30.76
C TYR A 637 -16.49 -43.56 -31.65
N PHE A 638 -17.67 -44.12 -31.84
CA PHE A 638 -18.67 -43.54 -32.72
C PHE A 638 -20.05 -43.79 -32.14
N GLY A 639 -20.98 -42.88 -32.47
CA GLY A 639 -22.38 -43.13 -32.15
C GLY A 639 -22.92 -44.29 -32.96
N LEU A 640 -23.76 -45.10 -32.33
CA LEU A 640 -24.23 -46.35 -32.94
C LEU A 640 -25.74 -46.29 -33.10
N ASN A 641 -26.20 -46.41 -34.35
CA ASN A 641 -27.63 -46.49 -34.66
C ASN A 641 -27.97 -47.95 -34.90
N ILE A 642 -28.65 -48.57 -33.93
CA ILE A 642 -29.00 -49.99 -34.02
C ILE A 642 -30.02 -50.23 -35.12
N GLU A 643 -31.01 -49.33 -35.24
CA GLU A 643 -32.09 -49.54 -36.20
C GLU A 643 -31.56 -49.63 -37.62
N THR A 644 -30.54 -48.85 -37.94
CA THR A 644 -29.95 -48.86 -39.26
C THR A 644 -28.57 -49.51 -39.32
N GLY A 645 -27.94 -49.72 -38.16
CA GLY A 645 -26.61 -50.32 -38.14
C GLY A 645 -25.54 -49.39 -38.65
N LEU A 646 -25.71 -48.09 -38.48
CA LEU A 646 -24.78 -47.10 -39.01
C LEU A 646 -24.04 -46.41 -37.87
N LEU A 647 -22.85 -45.90 -38.19
CA LEU A 647 -22.03 -45.17 -37.22
C LEU A 647 -21.98 -43.70 -37.60
N SER A 648 -21.88 -42.84 -36.59
CA SER A 648 -21.81 -41.40 -36.81
C SER A 648 -21.04 -40.76 -35.67
N ASP A 649 -20.76 -39.46 -35.83
CA ASP A 649 -20.08 -38.68 -34.79
C ASP A 649 -18.75 -39.32 -34.40
N ARG A 650 -17.95 -39.66 -35.40
CA ARG A 650 -16.69 -40.35 -35.16
C ARG A 650 -15.67 -39.45 -34.48
N LYS A 651 -15.00 -39.97 -33.46
CA LYS A 651 -13.92 -39.26 -32.80
C LYS A 651 -12.81 -40.24 -32.45
N LYS A 652 -11.57 -39.74 -32.39
CA LYS A 652 -10.39 -40.54 -32.11
C LYS A 652 -9.62 -39.99 -30.93
N VAL A 653 -9.22 -40.86 -30.02
CA VAL A 653 -8.39 -40.50 -28.87
C VAL A 653 -7.26 -41.52 -28.77
N THR A 654 -6.04 -41.04 -28.57
CA THR A 654 -4.90 -41.92 -28.37
C THR A 654 -4.65 -42.10 -26.88
N LEU A 655 -4.60 -43.36 -26.44
CA LEU A 655 -4.42 -43.69 -25.04
C LEU A 655 -2.99 -44.08 -24.68
N GLY A 656 -2.33 -44.87 -25.51
CA GLY A 656 -0.98 -45.31 -25.22
C GLY A 656 -0.33 -45.93 -26.43
N THR A 657 0.73 -46.71 -26.17
CA THR A 657 1.47 -47.38 -27.22
C THR A 657 1.26 -48.89 -27.23
N GLN A 658 0.57 -49.43 -26.23
CA GLN A 658 0.33 -50.86 -26.10
C GLN A 658 -1.08 -51.22 -26.56
N PRO A 659 -1.32 -52.50 -26.87
CA PRO A 659 -2.65 -52.90 -27.36
C PRO A 659 -3.74 -52.57 -26.34
N THR A 660 -4.89 -52.13 -26.85
CA THR A 660 -6.03 -51.75 -26.01
C THR A 660 -7.20 -52.70 -26.23
N VAL A 661 -7.82 -53.12 -25.13
CA VAL A 661 -8.95 -54.05 -25.14
C VAL A 661 -10.17 -53.36 -24.55
N LEU A 662 -11.32 -53.52 -25.20
CA LEU A 662 -12.56 -52.86 -24.78
C LEU A 662 -13.57 -53.89 -24.26
N ARG A 663 -14.07 -53.69 -23.04
CA ARG A 663 -15.12 -54.53 -22.49
C ARG A 663 -16.10 -53.67 -21.69
N THR A 664 -17.39 -54.00 -21.79
CA THR A 664 -18.43 -53.28 -21.05
C THR A 664 -18.58 -53.83 -19.63
N PHE A 665 -18.92 -52.95 -18.69
CA PHE A 665 -19.20 -53.35 -17.31
C PHE A 665 -20.36 -52.52 -16.75
N ARG A 666 -21.03 -53.09 -15.74
CA ARG A 666 -22.15 -52.45 -15.05
C ARG A 666 -21.76 -52.21 -13.59
N SER A 667 -21.82 -50.94 -13.16
CA SER A 667 -21.47 -50.59 -11.79
C SER A 667 -22.15 -49.28 -11.42
N LEU A 668 -22.34 -49.07 -10.11
CA LEU A 668 -22.92 -47.84 -9.59
C LEU A 668 -24.28 -47.52 -10.22
N SER A 669 -25.04 -48.56 -10.55
CA SER A 669 -26.36 -48.44 -11.17
C SER A 669 -26.33 -47.93 -12.60
N THR A 670 -25.16 -47.91 -13.25
CA THR A 670 -25.07 -47.42 -14.63
C THR A 670 -24.16 -48.34 -15.44
N THR A 671 -24.14 -48.13 -16.75
CA THR A 671 -23.32 -48.91 -17.67
C THR A 671 -22.18 -48.05 -18.21
N ASN A 672 -20.98 -48.62 -18.24
CA ASN A 672 -19.80 -47.91 -18.73
C ASN A 672 -18.88 -48.89 -19.45
N VAL A 673 -17.76 -48.37 -19.96
CA VAL A 673 -16.79 -49.17 -20.69
C VAL A 673 -15.40 -48.93 -20.11
N PHE A 674 -14.64 -50.00 -19.94
CA PHE A 674 -13.26 -49.91 -19.48
C PHE A 674 -12.34 -50.30 -20.64
N ALA A 675 -11.40 -49.42 -20.95
CA ALA A 675 -10.41 -49.64 -21.99
C ALA A 675 -9.09 -50.03 -21.31
N CYS A 676 -8.67 -51.28 -21.51
CA CYS A 676 -7.46 -51.80 -20.91
C CYS A 676 -6.26 -51.50 -21.80
N SER A 677 -5.29 -50.78 -21.28
CA SER A 677 -4.12 -50.41 -22.06
C SER A 677 -2.99 -50.05 -21.10
N ASP A 678 -1.85 -49.64 -21.66
CA ASP A 678 -0.76 -49.11 -20.84
C ASP A 678 -1.16 -47.82 -20.13
N ARG A 679 -2.21 -47.16 -20.62
CA ARG A 679 -2.80 -45.99 -19.97
C ARG A 679 -4.30 -46.22 -19.91
N PRO A 680 -4.77 -47.04 -18.96
CA PRO A 680 -6.19 -47.43 -18.95
C PRO A 680 -7.11 -46.23 -18.78
N THR A 681 -8.30 -46.32 -19.38
CA THR A 681 -9.27 -45.23 -19.30
C THR A 681 -10.68 -45.78 -19.17
N VAL A 682 -11.53 -45.03 -18.48
CA VAL A 682 -12.95 -45.35 -18.34
C VAL A 682 -13.75 -44.39 -19.21
N ILE A 683 -14.66 -44.93 -20.01
CA ILE A 683 -15.57 -44.15 -20.83
C ILE A 683 -16.89 -44.09 -20.09
N TYR A 684 -17.37 -42.86 -19.83
CA TYR A 684 -18.61 -42.68 -19.11
C TYR A 684 -19.30 -41.43 -19.64
N SER A 685 -20.58 -41.29 -19.28
CA SER A 685 -21.39 -40.17 -19.75
C SER A 685 -21.71 -39.23 -18.59
N SER A 686 -21.56 -37.94 -18.84
CA SER A 686 -21.91 -36.90 -17.89
C SER A 686 -22.66 -35.81 -18.62
N ASN A 687 -23.82 -35.43 -18.09
CA ASN A 687 -24.68 -34.43 -18.74
C ASN A 687 -25.04 -34.86 -20.16
N HIS A 688 -25.23 -36.17 -20.35
CA HIS A 688 -25.61 -36.74 -21.65
C HIS A 688 -24.52 -36.63 -22.70
N LYS A 689 -23.26 -36.46 -22.28
CA LYS A 689 -22.13 -36.39 -23.19
C LYS A 689 -21.01 -37.27 -22.67
N LEU A 690 -20.29 -37.90 -23.59
CA LEU A 690 -19.22 -38.82 -23.21
C LEU A 690 -17.98 -38.08 -22.73
N VAL A 691 -17.37 -38.58 -21.66
CA VAL A 691 -16.11 -38.06 -21.14
C VAL A 691 -15.14 -39.22 -21.02
N PHE A 692 -13.92 -39.01 -21.51
CA PHE A 692 -12.87 -40.04 -21.52
C PHE A 692 -11.81 -39.64 -20.50
N SER A 693 -11.71 -40.41 -19.42
CA SER A 693 -10.77 -40.09 -18.35
C SER A 693 -9.94 -41.32 -18.01
N ASN A 694 -8.66 -41.10 -17.71
CA ASN A 694 -7.73 -42.19 -17.47
C ASN A 694 -8.08 -42.92 -16.17
N VAL A 695 -7.26 -43.90 -15.81
CA VAL A 695 -7.41 -44.64 -14.58
C VAL A 695 -6.10 -44.58 -13.80
N ASN A 696 -6.20 -44.56 -12.48
CA ASN A 696 -5.02 -44.52 -11.62
C ASN A 696 -4.47 -45.92 -11.35
N LEU A 697 -4.06 -46.59 -12.44
CA LEU A 697 -3.48 -47.92 -12.35
C LEU A 697 -2.26 -47.98 -13.26
N LYS A 698 -1.30 -48.85 -12.90
CA LYS A 698 -0.07 -48.96 -13.69
C LYS A 698 -0.36 -49.39 -15.12
N GLU A 699 -1.17 -50.44 -15.29
CA GLU A 699 -1.51 -50.95 -16.62
C GLU A 699 -2.50 -52.10 -16.52
N VAL A 700 -3.34 -52.27 -17.55
CA VAL A 700 -4.28 -53.38 -17.63
C VAL A 700 -4.34 -53.87 -19.07
N ASN A 701 -4.45 -55.18 -19.24
CA ASN A 701 -4.56 -55.79 -20.56
C ASN A 701 -6.00 -56.22 -20.90
N TYR A 702 -6.68 -56.90 -19.98
CA TYR A 702 -8.04 -57.38 -20.21
C TYR A 702 -8.86 -57.16 -18.94
N MET A 703 -10.19 -57.10 -19.10
CA MET A 703 -11.06 -56.89 -17.94
C MET A 703 -12.45 -57.47 -18.18
N CYS A 704 -13.23 -57.58 -17.09
CA CYS A 704 -14.63 -57.96 -17.16
C CYS A 704 -15.36 -57.42 -15.95
N PRO A 705 -16.69 -57.28 -16.01
CA PRO A 705 -17.45 -56.85 -14.83
C PRO A 705 -17.49 -57.92 -13.76
N LEU A 706 -17.62 -57.48 -12.51
CA LEU A 706 -17.85 -58.36 -11.37
C LEU A 706 -19.07 -57.88 -10.60
N ASN A 707 -20.00 -58.79 -10.32
CA ASN A 707 -21.19 -58.47 -9.53
C ASN A 707 -21.44 -59.54 -8.46
N SER A 708 -20.39 -60.00 -7.78
CA SER A 708 -20.56 -61.02 -6.76
C SER A 708 -21.06 -60.41 -5.44
N ASP A 709 -21.41 -61.29 -4.49
CA ASP A 709 -21.91 -60.84 -3.19
C ASP A 709 -20.89 -59.99 -2.45
N GLY A 710 -19.60 -60.33 -2.58
CA GLY A 710 -18.55 -59.59 -1.91
C GLY A 710 -17.96 -58.50 -2.79
N TYR A 711 -18.20 -58.59 -4.09
CA TYR A 711 -17.73 -57.58 -5.05
C TYR A 711 -18.86 -57.09 -5.95
N PRO A 712 -19.89 -56.48 -5.36
CA PRO A 712 -20.91 -55.82 -6.20
C PRO A 712 -20.32 -54.59 -6.86
N ASP A 713 -20.76 -54.31 -8.10
CA ASP A 713 -20.31 -53.13 -8.84
C ASP A 713 -18.79 -53.04 -8.93
N SER A 714 -18.14 -54.16 -9.24
CA SER A 714 -16.67 -54.25 -9.21
C SER A 714 -16.12 -54.60 -10.59
N LEU A 715 -14.79 -54.51 -10.70
CA LEU A 715 -14.08 -54.78 -11.95
C LEU A 715 -12.99 -55.82 -11.72
N ALA A 716 -12.81 -56.69 -12.71
CA ALA A 716 -11.69 -57.63 -12.75
C ALA A 716 -10.71 -57.13 -13.82
N LEU A 717 -9.53 -56.69 -13.40
CA LEU A 717 -8.53 -56.06 -14.27
C LEU A 717 -7.29 -56.92 -14.31
N ALA A 718 -6.99 -57.50 -15.47
CA ALA A 718 -5.82 -58.36 -15.65
C ALA A 718 -4.72 -57.56 -16.34
N ASN A 719 -3.54 -57.50 -15.70
CA ASN A 719 -2.38 -56.83 -16.26
C ASN A 719 -1.39 -57.86 -16.82
N ASN A 720 -0.16 -57.42 -17.08
CA ASN A 720 0.81 -58.29 -17.73
C ASN A 720 1.21 -59.48 -16.85
N SER A 721 1.21 -59.30 -15.54
CA SER A 721 1.71 -60.35 -14.64
C SER A 721 0.72 -60.79 -13.57
N THR A 722 -0.24 -59.96 -13.17
CA THR A 722 -1.14 -60.31 -12.08
C THR A 722 -2.57 -59.92 -12.43
N LEU A 723 -3.51 -60.48 -11.68
CA LEU A 723 -4.93 -60.14 -11.79
C LEU A 723 -5.32 -59.26 -10.62
N THR A 724 -5.88 -58.09 -10.91
CA THR A 724 -6.30 -57.13 -9.89
C THR A 724 -7.81 -57.17 -9.75
N ILE A 725 -8.28 -57.33 -8.50
CA ILE A 725 -9.70 -57.36 -8.18
C ILE A 725 -10.03 -56.14 -7.33
N GLY A 726 -11.02 -55.35 -7.75
CA GLY A 726 -11.36 -54.15 -7.00
C GLY A 726 -12.68 -53.54 -7.40
N THR A 727 -13.01 -52.42 -6.74
CA THR A 727 -14.30 -51.73 -6.88
C THR A 727 -14.12 -50.32 -7.42
N ILE A 728 -15.04 -49.89 -8.30
CA ILE A 728 -14.99 -48.57 -8.92
C ILE A 728 -15.51 -47.52 -7.94
N ASP A 729 -14.80 -46.38 -7.85
CA ASP A 729 -15.21 -45.28 -6.99
C ASP A 729 -16.16 -44.35 -7.74
N GLU A 730 -16.61 -43.29 -7.06
CA GLU A 730 -17.49 -42.31 -7.71
C GLU A 730 -16.85 -41.79 -8.98
N ILE A 731 -17.63 -41.77 -10.07
CA ILE A 731 -17.12 -41.40 -11.39
C ILE A 731 -17.21 -39.89 -11.54
N GLN A 732 -16.06 -39.22 -11.53
CA GLN A 732 -15.96 -37.78 -11.71
C GLN A 732 -14.73 -37.49 -12.54
N LYS A 733 -14.69 -36.32 -13.19
CA LYS A 733 -13.53 -35.98 -14.01
C LYS A 733 -12.23 -36.15 -13.22
N LEU A 734 -12.21 -35.69 -11.98
CA LEU A 734 -11.05 -35.82 -11.10
C LEU A 734 -11.42 -36.71 -9.92
N HIS A 735 -10.65 -37.78 -9.73
CA HIS A 735 -10.89 -38.71 -8.64
C HIS A 735 -10.01 -38.35 -7.45
N ILE A 736 -10.57 -38.52 -6.24
CA ILE A 736 -9.87 -38.22 -4.99
C ILE A 736 -9.92 -39.44 -4.08
N ARG A 737 -8.76 -39.86 -3.59
CA ARG A 737 -8.65 -40.92 -2.59
C ARG A 737 -8.13 -40.30 -1.29
N THR A 738 -8.66 -40.77 -0.15
CA THR A 738 -8.34 -40.19 1.15
C THR A 738 -7.58 -41.20 2.01
N VAL A 739 -6.52 -40.71 2.66
CA VAL A 739 -5.75 -41.49 3.62
C VAL A 739 -5.75 -40.71 4.94
N PRO A 740 -6.65 -41.05 5.87
CA PRO A 740 -6.74 -40.28 7.12
C PRO A 740 -5.45 -40.39 7.94
N LEU A 741 -5.06 -39.26 8.53
CA LEU A 741 -3.93 -39.23 9.46
C LEU A 741 -4.36 -39.15 10.91
N TYR A 742 -5.48 -38.47 11.19
CA TYR A 742 -5.93 -38.18 12.55
C TYR A 742 -5.00 -37.22 13.28
N GLU A 743 -4.13 -36.54 12.53
CA GLU A 743 -3.22 -35.54 13.07
C GLU A 743 -2.98 -34.51 11.96
N SER A 744 -2.46 -33.34 12.34
CA SER A 744 -2.34 -32.22 11.41
C SER A 744 -1.21 -32.40 10.41
N PRO A 745 -1.48 -32.57 9.11
CA PRO A 745 -0.39 -32.56 8.13
C PRO A 745 0.14 -31.15 7.91
N ARG A 746 1.37 -31.07 7.39
CA ARG A 746 2.03 -29.79 7.19
C ARG A 746 2.61 -29.64 5.78
N LYS A 747 3.44 -30.60 5.36
CA LYS A 747 4.13 -30.55 4.09
C LYS A 747 4.20 -31.96 3.51
N ILE A 748 4.39 -32.04 2.19
CA ILE A 748 4.51 -33.32 1.50
C ILE A 748 5.54 -33.22 0.39
N CYS A 749 6.23 -34.32 0.12
CA CYS A 749 7.16 -34.41 -0.99
C CYS A 749 7.24 -35.87 -1.44
N TYR A 750 7.85 -36.08 -2.60
CA TYR A 750 7.93 -37.41 -3.18
C TYR A 750 9.38 -37.86 -3.26
N GLN A 751 9.64 -39.10 -2.85
CA GLN A 751 10.96 -39.72 -2.97
C GLN A 751 10.87 -40.77 -4.06
N GLU A 752 11.40 -40.46 -5.24
CA GLU A 752 11.24 -41.36 -6.39
C GLU A 752 11.95 -42.69 -6.16
N VAL A 753 13.16 -42.64 -5.60
CA VAL A 753 13.98 -43.84 -5.49
C VAL A 753 13.32 -44.89 -4.60
N SER A 754 12.60 -44.46 -3.58
CA SER A 754 11.98 -45.36 -2.63
C SER A 754 10.50 -45.60 -2.93
N GLN A 755 9.95 -44.91 -3.93
CA GLN A 755 8.53 -45.01 -4.25
C GLN A 755 7.65 -44.66 -3.04
N CYS A 756 7.99 -43.56 -2.37
CA CYS A 756 7.24 -43.14 -1.19
C CYS A 756 7.09 -41.63 -1.16
N PHE A 757 6.04 -41.17 -0.49
CA PHE A 757 5.87 -39.76 -0.18
C PHE A 757 6.31 -39.53 1.26
N GLY A 758 6.93 -38.37 1.50
CA GLY A 758 7.22 -37.92 2.85
C GLY A 758 6.21 -36.85 3.23
N VAL A 759 5.72 -36.92 4.47
CA VAL A 759 4.70 -36.00 4.95
C VAL A 759 5.11 -35.54 6.35
N LEU A 760 5.06 -34.23 6.58
CA LEU A 760 5.25 -33.69 7.91
C LEU A 760 3.87 -33.56 8.57
N SER A 761 3.76 -33.98 9.82
CA SER A 761 2.50 -33.87 10.54
C SER A 761 2.78 -33.69 12.02
N SER A 762 1.75 -33.30 12.77
CA SER A 762 1.92 -33.08 14.21
C SER A 762 0.68 -33.53 14.97
N ARG A 763 0.91 -34.03 16.18
CA ARG A 763 -0.15 -34.47 17.08
C ARG A 763 -0.04 -33.71 18.39
N ILE A 764 -1.15 -33.66 19.13
CA ILE A 764 -1.22 -32.94 20.41
C ILE A 764 -1.20 -33.95 21.54
N GLU A 765 -0.25 -33.80 22.46
CA GLU A 765 -0.15 -34.63 23.64
C GLU A 765 -0.30 -33.76 24.87
N VAL A 766 -0.85 -34.32 25.93
CA VAL A 766 -1.01 -33.61 27.20
C VAL A 766 0.05 -34.12 28.16
N GLN A 767 0.80 -33.21 28.77
CA GLN A 767 1.87 -33.59 29.69
C GLN A 767 1.26 -34.00 31.03
N ASP A 768 1.71 -35.16 31.54
CA ASP A 768 1.20 -35.71 32.79
C ASP A 768 2.06 -35.27 33.97
N THR A 769 1.67 -35.71 35.16
CA THR A 769 2.41 -35.37 36.38
C THR A 769 3.74 -36.09 36.46
N SER A 770 3.92 -37.17 35.70
CA SER A 770 5.18 -37.89 35.71
C SER A 770 6.26 -37.20 34.88
N GLY A 771 5.91 -36.17 34.12
CA GLY A 771 6.82 -35.50 33.23
C GLY A 771 6.72 -35.96 31.78
N GLY A 772 6.14 -37.13 31.54
CA GLY A 772 5.91 -37.60 30.20
C GLY A 772 4.63 -37.04 29.61
N THR A 773 4.35 -37.42 28.37
CA THR A 773 3.18 -36.92 27.66
C THR A 773 2.33 -38.10 27.18
N THR A 774 1.02 -37.86 27.06
CA THR A 774 0.10 -38.87 26.55
C THR A 774 -0.69 -38.29 25.39
N ALA A 775 -0.76 -39.03 24.29
CA ALA A 775 -1.51 -38.58 23.12
C ALA A 775 -3.00 -38.56 23.42
N LEU A 776 -3.68 -37.52 22.93
CA LEU A 776 -5.13 -37.45 23.09
C LEU A 776 -5.84 -38.49 22.23
N ARG A 777 -5.33 -38.73 21.02
CA ARG A 777 -5.94 -39.67 20.09
C ARG A 777 -4.85 -40.37 19.28
N PRO A 778 -5.10 -41.60 18.86
CA PRO A 778 -4.14 -42.28 17.98
C PRO A 778 -4.08 -41.61 16.61
N SER A 779 -2.91 -41.68 15.99
CA SER A 779 -2.72 -41.06 14.68
C SER A 779 -1.65 -41.82 13.91
N ALA A 780 -1.47 -41.41 12.65
CA ALA A 780 -0.51 -42.08 11.77
C ALA A 780 0.90 -42.11 12.37
N SER A 781 1.26 -41.08 13.14
CA SER A 781 2.58 -41.05 13.77
C SER A 781 2.72 -42.09 14.88
N THR A 782 1.60 -42.63 15.40
CA THR A 782 1.65 -43.67 16.41
C THR A 782 1.17 -45.02 15.90
N GLN A 783 0.44 -45.04 14.77
CA GLN A 783 -0.10 -46.26 14.19
C GLN A 783 0.78 -46.83 13.07
N ALA A 784 1.96 -46.25 12.83
CA ALA A 784 2.82 -46.69 11.75
C ALA A 784 3.40 -48.08 12.02
N LEU A 785 3.72 -48.80 10.93
CA LEU A 785 4.30 -50.13 11.07
C LEU A 785 5.62 -50.11 11.84
N SER A 786 6.41 -49.06 11.68
CA SER A 786 7.68 -48.91 12.37
C SER A 786 7.89 -47.43 12.64
N SER A 787 8.70 -47.13 13.67
CA SER A 787 8.91 -45.74 14.03
C SER A 787 10.26 -45.58 14.73
N SER A 788 10.72 -44.34 14.80
CA SER A 788 11.97 -44.00 15.47
C SER A 788 11.90 -42.57 15.98
N VAL A 789 12.82 -42.22 16.89
CA VAL A 789 12.87 -40.89 17.48
C VAL A 789 14.26 -40.33 17.28
N SER A 790 14.34 -39.04 16.92
CA SER A 790 15.62 -38.39 16.72
C SER A 790 16.46 -38.41 18.00
N SER A 791 17.75 -38.68 17.85
CA SER A 791 18.68 -38.76 18.98
C SER A 791 19.65 -37.57 19.01
N SER A 792 19.44 -36.57 18.17
CA SER A 792 20.33 -35.42 18.11
C SER A 792 20.19 -34.54 19.35
N LYS A 793 21.31 -33.95 19.78
CA LYS A 793 21.36 -33.10 20.96
C LYS A 793 21.49 -31.62 20.63
N LEU A 794 21.34 -31.24 19.35
CA LEU A 794 21.54 -29.86 18.93
C LEU A 794 20.70 -28.88 19.74
N PHE A 795 19.47 -29.25 20.07
CA PHE A 795 18.55 -28.37 20.77
C PHE A 795 18.41 -28.70 22.25
N SER A 796 19.25 -29.59 22.77
CA SER A 796 19.15 -29.98 24.17
C SER A 796 19.60 -28.87 25.12
N SER A 797 20.25 -27.83 24.61
CA SER A 797 20.76 -26.75 25.45
C SER A 797 19.67 -25.83 25.97
N SER A 798 18.44 -25.95 25.47
CA SER A 798 17.38 -25.03 25.89
C SER A 798 16.06 -25.77 26.03
N THR A 799 15.28 -25.40 27.04
CA THR A 799 13.98 -26.01 27.29
C THR A 799 12.94 -24.92 27.54
N ALA A 800 11.67 -25.31 27.46
CA ALA A 800 10.59 -24.36 27.64
C ALA A 800 10.45 -23.99 29.12
N PRO A 801 9.97 -22.77 29.40
CA PRO A 801 9.66 -22.39 30.79
C PRO A 801 8.58 -23.25 31.42
N HIS A 802 7.75 -23.90 30.61
CA HIS A 802 6.73 -24.82 31.10
C HIS A 802 7.06 -26.26 30.73
N GLU A 803 8.34 -26.56 30.51
CA GLU A 803 8.75 -27.90 30.08
C GLU A 803 8.25 -28.97 31.04
N THR A 804 8.11 -28.64 32.32
CA THR A 804 7.66 -29.59 33.33
C THR A 804 6.25 -29.29 33.85
N SER A 805 5.52 -28.38 33.21
CA SER A 805 4.19 -28.03 33.68
C SER A 805 3.21 -29.16 33.42
N PHE A 806 2.09 -29.13 34.12
CA PHE A 806 1.06 -30.16 34.01
C PHE A 806 -0.18 -29.62 33.31
N GLY A 807 -0.74 -30.45 32.42
CA GLY A 807 -1.96 -30.11 31.72
C GLY A 807 -1.77 -29.29 30.47
N GLU A 808 -0.54 -28.87 30.18
CA GLU A 808 -0.26 -28.07 29.00
C GLU A 808 -0.20 -28.97 27.77
N GLU A 809 -0.72 -28.48 26.65
CA GLU A 809 -0.67 -29.23 25.41
C GLU A 809 0.70 -29.06 24.75
N VAL A 810 1.23 -30.16 24.26
CA VAL A 810 2.55 -30.19 23.61
C VAL A 810 2.35 -30.69 22.18
N GLU A 811 2.86 -29.93 21.22
CA GLU A 811 2.78 -30.33 19.82
C GLU A 811 4.04 -31.10 19.44
N VAL A 812 3.85 -32.30 18.91
CA VAL A 812 4.95 -33.19 18.54
C VAL A 812 4.89 -33.43 17.04
N HIS A 813 6.01 -33.19 16.35
CA HIS A 813 6.10 -33.31 14.90
C HIS A 813 6.70 -34.65 14.51
N ASN A 814 6.24 -35.18 13.38
CA ASN A 814 6.73 -36.44 12.85
C ASN A 814 6.80 -36.38 11.33
N LEU A 815 7.74 -37.13 10.77
CA LEU A 815 7.85 -37.32 9.33
C LEU A 815 7.28 -38.69 9.00
N LEU A 816 6.18 -38.71 8.26
CA LEU A 816 5.51 -39.95 7.89
C LEU A 816 5.96 -40.35 6.49
N ILE A 817 6.17 -41.66 6.29
CA ILE A 817 6.52 -42.21 5.00
C ILE A 817 5.35 -43.07 4.55
N ILE A 818 4.77 -42.74 3.40
CA ILE A 818 3.63 -43.46 2.83
C ILE A 818 3.99 -43.96 1.44
N ASP A 819 3.58 -45.18 1.13
CA ASP A 819 3.89 -45.80 -0.16
C ASP A 819 3.19 -45.04 -1.29
N GLN A 820 3.87 -44.90 -2.42
CA GLN A 820 3.26 -44.20 -3.56
C GLN A 820 2.16 -44.99 -4.23
N HIS A 821 2.10 -46.30 -4.02
CA HIS A 821 1.10 -47.14 -4.68
C HIS A 821 -0.08 -47.48 -3.78
N THR A 822 0.18 -47.77 -2.51
CA THR A 822 -0.87 -48.07 -1.56
C THR A 822 -1.18 -46.91 -0.64
N PHE A 823 -0.27 -45.95 -0.51
CA PHE A 823 -0.48 -44.78 0.34
C PHE A 823 -0.65 -45.16 1.80
N GLU A 824 -0.21 -46.36 2.17
CA GLU A 824 -0.26 -46.78 3.56
C GLU A 824 0.91 -46.17 4.32
N VAL A 825 0.73 -46.02 5.63
CA VAL A 825 1.76 -45.43 6.47
C VAL A 825 2.80 -46.50 6.78
N LEU A 826 3.99 -46.36 6.20
CA LEU A 826 5.04 -47.35 6.38
C LEU A 826 5.90 -47.06 7.60
N HIS A 827 6.23 -45.79 7.84
CA HIS A 827 7.14 -45.44 8.92
C HIS A 827 6.81 -44.05 9.43
N ALA A 828 7.12 -43.80 10.70
CA ALA A 828 6.94 -42.47 11.29
C ALA A 828 8.16 -42.14 12.13
N HIS A 829 8.79 -41.00 11.86
CA HIS A 829 9.95 -40.56 12.60
C HIS A 829 9.58 -39.33 13.44
N GLN A 830 9.82 -39.41 14.74
CA GLN A 830 9.48 -38.32 15.65
C GLN A 830 10.68 -37.39 15.83
N PHE A 831 10.42 -36.09 15.76
CA PHE A 831 11.46 -35.08 15.93
C PHE A 831 11.65 -34.75 17.41
N LEU A 832 12.66 -33.94 17.70
CA LEU A 832 13.00 -33.63 19.08
C LEU A 832 11.94 -32.74 19.72
N GLN A 833 11.82 -32.83 21.05
CA GLN A 833 10.89 -31.99 21.77
C GLN A 833 11.19 -30.52 21.49
N ASN A 834 10.14 -29.75 21.19
CA ASN A 834 10.22 -28.34 20.84
C ASN A 834 10.84 -28.10 19.46
N GLU A 835 11.04 -29.13 18.66
CA GLU A 835 11.55 -28.97 17.30
C GLU A 835 10.39 -29.04 16.32
N TYR A 836 10.19 -27.97 15.55
CA TYR A 836 9.09 -27.87 14.60
C TYR A 836 9.64 -28.00 13.19
N ALA A 837 9.01 -28.86 12.39
CA ALA A 837 9.41 -29.06 11.00
C ALA A 837 8.60 -28.10 10.13
N LEU A 838 9.28 -27.12 9.53
CA LEU A 838 8.61 -26.07 8.78
C LEU A 838 8.52 -26.36 7.29
N SER A 839 9.45 -27.15 6.73
CA SER A 839 9.45 -27.38 5.29
C SER A 839 9.93 -28.80 5.01
N LEU A 840 9.54 -29.30 3.83
CA LEU A 840 9.89 -30.66 3.41
C LEU A 840 10.05 -30.71 1.91
N VAL A 841 11.19 -31.26 1.45
CA VAL A 841 11.43 -31.46 0.02
C VAL A 841 12.17 -32.79 -0.15
N SER A 842 11.86 -33.48 -1.25
CA SER A 842 12.54 -34.72 -1.59
C SER A 842 13.01 -34.65 -3.04
N CYS A 843 14.29 -34.89 -3.28
CA CYS A 843 14.82 -34.72 -4.63
C CYS A 843 16.20 -35.37 -4.73
N LYS A 844 16.70 -35.43 -5.96
CA LYS A 844 18.07 -35.86 -6.21
C LYS A 844 19.03 -34.75 -5.81
N LEU A 845 20.12 -35.11 -5.15
CA LEU A 845 21.08 -34.14 -4.64
C LEU A 845 22.44 -34.36 -5.27
N GLY A 846 23.07 -33.26 -5.70
CA GLY A 846 24.38 -33.36 -6.32
C GLY A 846 24.35 -34.22 -7.57
N LYS A 847 25.29 -35.15 -7.64
CA LYS A 847 25.34 -36.13 -8.73
C LYS A 847 24.79 -37.49 -8.31
N ASP A 848 24.18 -37.56 -7.13
CA ASP A 848 23.69 -38.82 -6.60
C ASP A 848 22.29 -39.09 -7.14
N PRO A 849 22.09 -40.15 -7.93
CA PRO A 849 20.75 -40.46 -8.45
C PRO A 849 19.70 -40.73 -7.39
N ASN A 850 20.12 -41.02 -6.15
CA ASN A 850 19.17 -41.34 -5.09
C ASN A 850 18.48 -40.07 -4.62
N THR A 851 17.17 -40.16 -4.42
CA THR A 851 16.41 -39.04 -3.87
C THR A 851 16.31 -39.18 -2.36
N TYR A 852 16.43 -38.06 -1.65
CA TYR A 852 16.44 -38.06 -0.21
C TYR A 852 15.33 -37.16 0.33
N PHE A 853 14.88 -37.46 1.55
CA PHE A 853 13.93 -36.60 2.25
C PHE A 853 14.71 -35.53 3.00
N ILE A 854 14.48 -34.27 2.67
CA ILE A 854 15.16 -33.16 3.34
C ILE A 854 14.11 -32.39 4.13
N VAL A 855 14.32 -32.28 5.44
CA VAL A 855 13.37 -31.63 6.34
C VAL A 855 14.02 -30.41 6.95
N GLY A 856 13.34 -29.27 6.88
CA GLY A 856 13.79 -28.05 7.52
C GLY A 856 13.07 -27.87 8.83
N THR A 857 13.83 -27.80 9.92
CA THR A 857 13.27 -27.68 11.26
C THR A 857 13.81 -26.45 11.96
N ALA A 858 13.16 -26.10 13.08
CA ALA A 858 13.55 -24.94 13.87
C ALA A 858 13.23 -25.22 15.33
N MET A 859 14.01 -24.59 16.22
CA MET A 859 13.73 -24.65 17.66
C MET A 859 12.80 -23.51 18.01
N VAL A 860 11.57 -23.84 18.41
CA VAL A 860 10.50 -22.86 18.58
C VAL A 860 9.98 -22.91 20.02
N TYR A 861 9.92 -21.74 20.66
CA TYR A 861 9.30 -21.62 21.96
C TYR A 861 8.27 -20.49 21.94
N PRO A 862 7.23 -20.59 22.77
CA PRO A 862 6.18 -19.56 22.79
C PRO A 862 6.68 -18.14 23.03
N GLU A 863 7.77 -17.98 23.79
CA GLU A 863 8.26 -16.64 24.11
C GLU A 863 9.15 -16.06 23.02
N GLU A 864 9.55 -16.84 22.02
CA GLU A 864 10.45 -16.38 20.97
C GLU A 864 9.64 -16.02 19.74
N ALA A 865 9.63 -14.73 19.39
CA ALA A 865 8.89 -14.30 18.20
C ALA A 865 9.47 -14.91 16.94
N GLU A 866 10.78 -15.05 16.88
CA GLU A 866 11.43 -15.60 15.70
C GLU A 866 12.58 -16.51 16.10
N PRO A 867 12.55 -17.78 15.68
CA PRO A 867 13.65 -18.70 16.01
C PRO A 867 14.98 -18.20 15.44
N LYS A 868 16.04 -18.37 16.23
CA LYS A 868 17.38 -18.03 15.80
C LYS A 868 18.20 -19.24 15.42
N GLN A 869 17.74 -20.44 15.75
CA GLN A 869 18.48 -21.66 15.46
C GLN A 869 17.55 -22.71 14.87
N GLY A 870 18.07 -23.46 13.90
CA GLY A 870 17.35 -24.54 13.29
C GLY A 870 18.33 -25.44 12.57
N ARG A 871 17.78 -26.38 11.79
CA ARG A 871 18.67 -27.30 11.08
C ARG A 871 17.94 -27.92 9.91
N ILE A 872 18.71 -28.50 9.00
CA ILE A 872 18.19 -29.25 7.86
C ILE A 872 18.63 -30.71 8.04
N VAL A 873 17.67 -31.62 8.08
CA VAL A 873 17.94 -33.03 8.32
C VAL A 873 17.58 -33.82 7.06
N VAL A 874 18.50 -34.65 6.58
CA VAL A 874 18.30 -35.47 5.41
C VAL A 874 18.10 -36.91 5.86
N PHE A 875 16.99 -37.51 5.42
CA PHE A 875 16.66 -38.90 5.73
C PHE A 875 16.59 -39.69 4.43
N GLN A 876 16.90 -40.99 4.53
CA GLN A 876 16.76 -41.90 3.39
C GLN A 876 15.89 -43.07 3.81
N TYR A 877 14.86 -43.36 3.03
CA TYR A 877 13.98 -44.49 3.31
C TYR A 877 14.40 -45.67 2.45
N SER A 878 14.77 -46.78 3.10
CA SER A 878 15.24 -47.95 2.38
C SER A 878 14.98 -49.20 3.20
N ASP A 879 14.61 -50.28 2.52
CA ASP A 879 14.39 -51.57 3.16
C ASP A 879 13.35 -51.50 4.28
N GLY A 880 12.35 -50.65 4.13
CA GLY A 880 11.29 -50.52 5.10
C GLY A 880 11.58 -49.62 6.28
N LYS A 881 12.79 -49.09 6.41
CA LYS A 881 13.17 -48.25 7.53
C LYS A 881 13.59 -46.87 7.04
N LEU A 882 13.26 -45.84 7.83
CA LEU A 882 13.69 -44.47 7.53
C LEU A 882 14.92 -44.16 8.39
N GLN A 883 16.06 -43.99 7.73
CA GLN A 883 17.33 -43.78 8.43
C GLN A 883 17.79 -42.33 8.21
N THR A 884 18.16 -41.66 9.31
CA THR A 884 18.70 -40.31 9.20
C THR A 884 20.07 -40.36 8.54
N VAL A 885 20.28 -39.54 7.51
CA VAL A 885 21.54 -39.52 6.78
C VAL A 885 22.48 -38.46 7.33
N ALA A 886 22.00 -37.24 7.47
CA ALA A 886 22.85 -36.15 7.91
C ALA A 886 21.99 -35.02 8.45
N GLU A 887 22.63 -34.13 9.21
CA GLU A 887 21.98 -32.94 9.72
C GLU A 887 22.95 -31.77 9.60
N LYS A 888 22.42 -30.60 9.24
CA LYS A 888 23.23 -29.40 9.11
C LYS A 888 22.57 -28.28 9.91
N GLU A 889 23.31 -27.68 10.84
CA GLU A 889 22.78 -26.57 11.61
C GLU A 889 22.79 -25.30 10.76
N VAL A 890 21.71 -24.52 10.88
CA VAL A 890 21.57 -23.27 10.15
C VAL A 890 21.20 -22.16 11.12
N LYS A 891 21.58 -20.93 10.77
CA LYS A 891 21.32 -19.75 11.62
C LYS A 891 19.92 -19.22 11.35
N GLY A 892 18.94 -19.97 11.82
CA GLY A 892 17.56 -19.54 11.71
C GLY A 892 16.62 -20.66 11.33
N ALA A 893 15.32 -20.40 11.34
CA ALA A 893 14.33 -21.40 10.99
C ALA A 893 14.31 -21.59 9.48
N VAL A 894 14.16 -22.83 9.04
CA VAL A 894 14.07 -23.15 7.63
C VAL A 894 12.60 -23.14 7.24
N TYR A 895 12.22 -22.21 6.37
CA TYR A 895 10.83 -22.07 5.97
C TYR A 895 10.50 -22.80 4.66
N SER A 896 11.48 -22.99 3.78
CA SER A 896 11.19 -23.57 2.48
C SER A 896 12.43 -24.24 1.92
N MET A 897 12.21 -25.26 1.09
CA MET A 897 13.29 -25.93 0.39
C MET A 897 12.77 -26.46 -0.94
N VAL A 898 13.60 -26.38 -1.98
CA VAL A 898 13.23 -26.79 -3.34
C VAL A 898 14.43 -27.44 -4.00
N GLU A 899 14.16 -28.33 -4.96
CA GLU A 899 15.19 -28.86 -5.83
C GLU A 899 15.57 -27.81 -6.86
N PHE A 900 16.84 -27.44 -6.91
CA PHE A 900 17.34 -26.47 -7.87
C PHE A 900 18.50 -27.09 -8.65
N ASN A 901 18.18 -27.72 -9.78
CA ASN A 901 19.20 -28.32 -10.65
C ASN A 901 20.10 -29.28 -9.88
N GLY A 902 19.49 -30.08 -9.00
CA GLY A 902 20.26 -31.02 -8.20
C GLY A 902 20.87 -30.43 -6.95
N LYS A 903 20.63 -29.15 -6.67
CA LYS A 903 21.14 -28.50 -5.47
C LYS A 903 19.99 -28.25 -4.51
N LEU A 904 20.31 -28.10 -3.23
CA LEU A 904 19.30 -27.89 -2.20
C LEU A 904 19.21 -26.39 -1.91
N LEU A 905 18.12 -25.77 -2.35
CA LEU A 905 17.89 -24.35 -2.11
C LEU A 905 16.92 -24.22 -0.93
N ALA A 906 17.33 -23.51 0.11
CA ALA A 906 16.55 -23.42 1.34
C ALA A 906 16.39 -21.96 1.76
N SER A 907 15.24 -21.66 2.35
CA SER A 907 14.96 -20.35 2.92
C SER A 907 15.13 -20.43 4.43
N ILE A 908 16.03 -19.63 4.98
CA ILE A 908 16.29 -19.59 6.41
C ILE A 908 16.02 -18.18 6.90
N ASN A 909 14.92 -18.00 7.64
CA ASN A 909 14.51 -16.68 8.10
C ASN A 909 14.46 -15.69 6.92
N SER A 910 15.27 -14.64 7.01
CA SER A 910 15.28 -13.58 6.00
C SER A 910 16.27 -13.86 4.86
N THR A 911 17.03 -14.94 4.92
CA THR A 911 18.06 -15.20 3.92
C THR A 911 17.75 -16.47 3.15
N VAL A 912 17.98 -16.42 1.84
CA VAL A 912 17.86 -17.59 0.98
C VAL A 912 19.26 -18.11 0.72
N ARG A 913 19.49 -19.39 1.00
CA ARG A 913 20.81 -19.98 0.86
C ARG A 913 20.76 -21.20 -0.04
N LEU A 914 21.77 -21.36 -0.89
CA LEU A 914 21.89 -22.49 -1.79
C LEU A 914 22.96 -23.43 -1.26
N TYR A 915 22.59 -24.68 -1.03
CA TYR A 915 23.48 -25.69 -0.44
C TYR A 915 23.90 -26.70 -1.50
N GLU A 916 25.20 -26.97 -1.56
CA GLU A 916 25.74 -28.02 -2.40
C GLU A 916 25.72 -29.35 -1.64
N TRP A 917 25.62 -30.44 -2.38
CA TRP A 917 25.58 -31.78 -1.81
C TRP A 917 26.98 -32.37 -1.86
N THR A 918 27.58 -32.60 -0.69
CA THR A 918 28.94 -33.12 -0.62
C THR A 918 28.95 -34.64 -0.71
N THR A 919 30.15 -35.20 -0.89
CA THR A 919 30.30 -36.66 -0.93
C THR A 919 30.04 -37.30 0.42
N GLU A 920 30.06 -36.52 1.50
CA GLU A 920 29.71 -37.01 2.82
C GLU A 920 28.22 -36.94 3.08
N LYS A 921 27.43 -36.56 2.06
CA LYS A 921 25.99 -36.46 2.19
C LYS A 921 25.58 -35.37 3.17
N GLU A 922 26.32 -34.27 3.19
CA GLU A 922 26.01 -33.13 4.05
C GLU A 922 25.83 -31.89 3.19
N LEU A 923 25.02 -30.96 3.68
CA LEU A 923 24.77 -29.71 2.96
C LEU A 923 25.82 -28.67 3.32
N ARG A 924 26.28 -27.94 2.31
CA ARG A 924 27.22 -26.85 2.49
C ARG A 924 26.76 -25.64 1.68
N THR A 925 26.75 -24.46 2.30
CA THR A 925 26.26 -23.26 1.63
C THR A 925 27.28 -22.80 0.59
N GLU A 926 26.80 -22.54 -0.62
CA GLU A 926 27.63 -21.98 -1.69
C GLU A 926 27.38 -20.50 -1.95
N CYS A 927 26.12 -20.07 -1.91
CA CYS A 927 25.78 -18.68 -2.18
C CYS A 927 24.45 -18.37 -1.51
N ASN A 928 24.11 -17.08 -1.46
CA ASN A 928 22.91 -16.67 -0.75
C ASN A 928 22.41 -15.34 -1.29
N HIS A 929 21.24 -14.94 -0.80
CA HIS A 929 20.60 -13.67 -1.15
C HIS A 929 19.99 -13.09 0.12
N TYR A 930 20.28 -11.81 0.40
CA TYR A 930 19.86 -11.19 1.65
C TYR A 930 18.76 -10.16 1.50
N ASN A 931 18.35 -9.82 0.28
CA ASN A 931 17.38 -8.74 0.09
C ASN A 931 15.95 -9.29 0.21
N ASN A 932 15.61 -9.71 1.43
CA ASN A 932 14.28 -10.24 1.71
C ASN A 932 13.90 -9.95 3.15
N ILE A 933 12.61 -10.09 3.44
CA ILE A 933 12.12 -10.03 4.82
C ILE A 933 12.06 -11.40 5.44
N MET A 934 11.40 -12.33 4.75
CA MET A 934 11.33 -13.71 5.19
C MET A 934 10.84 -14.55 4.01
N ALA A 935 11.71 -15.40 3.49
CA ALA A 935 11.37 -16.22 2.32
C ALA A 935 10.61 -17.43 2.80
N LEU A 936 9.33 -17.52 2.45
CA LEU A 936 8.48 -18.58 2.95
C LEU A 936 8.35 -19.76 2.00
N TYR A 937 8.55 -19.56 0.70
CA TYR A 937 8.32 -20.60 -0.29
C TYR A 937 9.37 -20.49 -1.38
N LEU A 938 9.77 -21.65 -1.91
CA LEU A 938 10.75 -21.72 -2.98
C LEU A 938 10.29 -22.71 -4.03
N LYS A 939 10.32 -22.28 -5.29
CA LYS A 939 10.12 -23.15 -6.44
C LYS A 939 11.02 -22.65 -7.55
N THR A 940 11.53 -23.58 -8.37
CA THR A 940 12.49 -23.19 -9.40
C THR A 940 12.15 -23.85 -10.72
N LYS A 941 12.64 -23.25 -11.80
CA LYS A 941 12.50 -23.79 -13.15
C LYS A 941 13.69 -23.33 -13.96
N GLY A 942 14.39 -24.28 -14.57
CA GLY A 942 15.60 -23.92 -15.30
C GLY A 942 16.60 -23.29 -14.35
N ASP A 943 17.13 -22.13 -14.73
CA ASP A 943 18.10 -21.42 -13.90
C ASP A 943 17.48 -20.28 -13.11
N PHE A 944 16.16 -20.18 -13.08
CA PHE A 944 15.47 -19.09 -12.41
C PHE A 944 14.90 -19.56 -11.08
N ILE A 945 14.95 -18.67 -10.09
CA ILE A 945 14.43 -18.94 -8.76
C ILE A 945 13.34 -17.92 -8.46
N LEU A 946 12.17 -18.40 -8.03
CA LEU A 946 11.08 -17.54 -7.61
C LEU A 946 10.91 -17.68 -6.11
N VAL A 947 11.03 -16.58 -5.37
CA VAL A 947 10.98 -16.60 -3.92
C VAL A 947 9.74 -15.87 -3.45
N GLY A 948 8.94 -16.53 -2.62
CA GLY A 948 7.78 -15.91 -2.01
C GLY A 948 8.13 -15.32 -0.66
N ASP A 949 7.75 -14.06 -0.46
CA ASP A 949 8.10 -13.34 0.76
C ASP A 949 6.91 -13.24 1.70
N LEU A 950 7.22 -12.96 2.98
CA LEU A 950 6.18 -12.84 4.00
C LEU A 950 5.24 -11.67 3.69
N MET A 951 5.80 -10.55 3.21
CA MET A 951 4.99 -9.35 2.96
C MET A 951 5.32 -8.64 1.66
N ARG A 952 6.40 -8.99 0.97
CA ARG A 952 6.84 -8.29 -0.22
C ARG A 952 6.52 -9.05 -1.51
N SER A 953 5.45 -9.85 -1.51
CA SER A 953 5.01 -10.56 -2.72
C SER A 953 6.09 -11.53 -3.15
N VAL A 954 6.52 -11.50 -4.42
CA VAL A 954 7.50 -12.42 -4.98
C VAL A 954 8.64 -11.60 -5.55
N LEU A 955 9.82 -12.20 -5.56
CA LEU A 955 10.99 -11.56 -6.17
C LEU A 955 11.62 -12.53 -7.15
N LEU A 956 12.26 -11.95 -8.18
CA LEU A 956 12.86 -12.72 -9.27
C LEU A 956 14.37 -12.77 -9.04
N LEU A 957 14.88 -13.97 -8.78
CA LEU A 957 16.31 -14.19 -8.68
C LEU A 957 16.76 -15.08 -9.83
N ALA A 958 17.99 -14.87 -10.28
CA ALA A 958 18.57 -15.72 -11.31
C ALA A 958 19.92 -16.22 -10.83
N TYR A 959 20.20 -17.48 -11.12
CA TYR A 959 21.45 -18.11 -10.72
C TYR A 959 22.42 -18.09 -11.89
N LYS A 960 23.68 -17.74 -11.59
CA LYS A 960 24.75 -17.73 -12.58
C LYS A 960 25.80 -18.76 -12.20
N PRO A 961 25.69 -19.99 -12.72
CA PRO A 961 26.68 -21.04 -12.38
C PRO A 961 28.11 -20.65 -12.69
N MET A 962 28.32 -19.75 -13.65
CA MET A 962 29.67 -19.30 -13.98
C MET A 962 30.24 -18.39 -12.89
N GLU A 963 29.38 -17.71 -12.15
CA GLU A 963 29.81 -16.87 -11.05
C GLU A 963 29.66 -17.53 -9.69
N GLY A 964 28.77 -18.52 -9.58
CA GLY A 964 28.55 -19.19 -8.33
C GLY A 964 27.78 -18.37 -7.33
N ASN A 965 26.90 -17.49 -7.80
CA ASN A 965 26.14 -16.63 -6.91
C ASN A 965 24.80 -16.30 -7.54
N PHE A 966 23.98 -15.56 -6.79
CA PHE A 966 22.68 -15.13 -7.26
C PHE A 966 22.73 -13.66 -7.63
N GLU A 967 21.95 -13.30 -8.65
CA GLU A 967 21.76 -11.91 -9.03
C GLU A 967 20.28 -11.60 -9.00
N GLU A 968 19.92 -10.51 -8.33
CA GLU A 968 18.53 -10.10 -8.26
C GLU A 968 18.21 -9.24 -9.48
N ILE A 969 17.19 -9.63 -10.23
CA ILE A 969 16.79 -8.93 -11.44
C ILE A 969 15.69 -7.94 -11.18
N ALA A 970 14.61 -8.39 -10.56
CA ALA A 970 13.44 -7.55 -10.34
C ALA A 970 12.61 -8.19 -9.25
N ARG A 971 11.73 -7.40 -8.65
CA ARG A 971 10.81 -7.94 -7.68
C ARG A 971 9.47 -7.25 -7.80
N ASP A 972 8.44 -7.92 -7.33
CA ASP A 972 7.09 -7.37 -7.39
C ASP A 972 6.94 -6.29 -6.33
N PHE A 973 6.51 -5.11 -6.75
CA PHE A 973 6.28 -4.01 -5.83
C PHE A 973 4.83 -3.93 -5.38
N ASN A 974 3.99 -4.88 -5.78
CA ASN A 974 2.62 -4.93 -5.29
C ASN A 974 2.59 -5.82 -4.05
N PRO A 975 2.41 -5.24 -2.86
CA PRO A 975 2.50 -6.05 -1.63
C PRO A 975 1.44 -7.13 -1.58
N ASN A 976 1.84 -8.30 -1.07
CA ASN A 976 0.92 -9.41 -0.89
C ASN A 976 1.53 -10.40 0.10
N TRP A 977 0.69 -10.96 0.97
CA TRP A 977 1.13 -12.00 1.89
C TRP A 977 1.07 -13.33 1.16
N MET A 978 2.19 -13.76 0.61
CA MET A 978 2.20 -14.94 -0.25
C MET A 978 1.91 -16.21 0.53
N SER A 979 1.16 -17.12 -0.08
CA SER A 979 0.97 -18.46 0.46
C SER A 979 1.79 -19.52 -0.26
N ALA A 980 2.23 -19.26 -1.50
CA ALA A 980 3.09 -20.15 -2.27
C ALA A 980 3.46 -19.47 -3.57
N VAL A 981 4.50 -20.00 -4.24
CA VAL A 981 4.98 -19.46 -5.51
C VAL A 981 5.33 -20.61 -6.46
N GLU A 982 5.31 -20.32 -7.77
CA GLU A 982 5.80 -21.26 -8.77
C GLU A 982 6.07 -20.52 -10.08
N ILE A 983 6.96 -21.08 -10.90
CA ILE A 983 7.39 -20.48 -12.15
C ILE A 983 6.67 -21.18 -13.31
N LEU A 984 6.02 -20.39 -14.16
CA LEU A 984 5.37 -20.95 -15.35
C LEU A 984 6.36 -21.14 -16.49
N ASP A 985 7.23 -20.17 -16.70
CA ASP A 985 8.23 -20.20 -17.76
C ASP A 985 9.39 -19.33 -17.31
N ASP A 986 10.43 -19.24 -18.15
CA ASP A 986 11.58 -18.41 -17.80
C ASP A 986 11.17 -16.96 -17.56
N ASP A 987 10.16 -16.48 -18.30
CA ASP A 987 9.71 -15.10 -18.16
C ASP A 987 8.45 -14.95 -17.33
N ASN A 988 7.62 -15.99 -17.24
CA ASN A 988 6.32 -15.91 -16.56
C ASN A 988 6.41 -16.57 -15.20
N PHE A 989 6.12 -15.80 -14.15
CA PHE A 989 6.17 -16.28 -12.76
C PHE A 989 4.81 -16.05 -12.11
N LEU A 990 4.26 -17.11 -11.52
CA LEU A 990 2.86 -17.12 -11.08
C LEU A 990 2.77 -16.91 -9.57
N GLY A 991 1.82 -16.07 -9.15
CA GLY A 991 1.50 -15.90 -7.75
C GLY A 991 0.01 -15.76 -7.55
N ALA A 992 -0.39 -15.59 -6.29
CA ALA A 992 -1.79 -15.46 -5.91
C ALA A 992 -1.93 -14.36 -4.87
N GLU A 993 -3.07 -13.67 -4.90
CA GLU A 993 -3.34 -12.60 -3.93
C GLU A 993 -4.31 -13.08 -2.86
N ASN A 994 -4.25 -12.43 -1.70
CA ASN A 994 -5.19 -12.74 -0.63
C ASN A 994 -6.60 -12.24 -0.93
N ALA A 995 -6.80 -11.52 -2.02
CA ALA A 995 -8.11 -10.99 -2.39
C ALA A 995 -8.85 -11.87 -3.37
N PHE A 996 -8.45 -13.14 -3.50
CA PHE A 996 -9.07 -14.08 -4.42
C PHE A 996 -8.73 -13.80 -5.88
N ASN A 997 -7.63 -13.11 -6.14
CA ASN A 997 -7.17 -12.81 -7.49
C ASN A 997 -5.84 -13.50 -7.76
N LEU A 998 -5.58 -13.80 -9.04
CA LEU A 998 -4.31 -14.37 -9.48
C LEU A 998 -3.51 -13.30 -10.21
N PHE A 999 -2.19 -13.43 -10.18
CA PHE A 999 -1.33 -12.51 -10.91
C PHE A 999 -0.10 -13.26 -11.43
N VAL A 1000 0.47 -12.76 -12.53
CA VAL A 1000 1.68 -13.33 -13.11
C VAL A 1000 2.69 -12.20 -13.32
N CYS A 1001 3.90 -12.39 -12.83
CA CYS A 1001 4.98 -11.43 -13.00
C CYS A 1001 5.79 -11.77 -14.24
N GLN A 1002 6.22 -10.74 -14.96
CA GLN A 1002 7.05 -10.92 -16.14
C GLN A 1002 8.30 -10.06 -16.02
N LYS A 1003 9.45 -10.63 -16.34
CA LYS A 1003 10.67 -9.84 -16.37
C LYS A 1003 10.54 -8.77 -17.45
N ASP A 1004 10.80 -7.52 -17.06
CA ASP A 1004 10.61 -6.39 -17.98
C ASP A 1004 11.87 -6.22 -18.83
N SER A 1005 11.96 -7.05 -19.87
CA SER A 1005 13.10 -6.97 -20.78
C SER A 1005 13.12 -5.67 -21.58
N ALA A 1006 11.98 -4.98 -21.68
CA ALA A 1006 11.90 -3.71 -22.39
C ALA A 1006 12.25 -2.53 -21.51
N ALA A 1007 12.54 -2.76 -20.23
CA ALA A 1007 12.84 -1.67 -19.31
C ALA A 1007 14.14 -0.99 -19.72
N THR A 1008 14.16 0.34 -19.61
CA THR A 1008 15.36 1.13 -19.89
C THR A 1008 15.97 1.77 -18.66
N THR A 1009 15.21 1.96 -17.60
CA THR A 1009 15.70 2.57 -16.37
C THR A 1009 15.87 1.51 -15.28
N ASP A 1010 16.51 1.92 -14.19
CA ASP A 1010 16.70 0.99 -13.06
C ASP A 1010 15.39 0.75 -12.32
N GLU A 1011 14.53 1.76 -12.23
CA GLU A 1011 13.25 1.58 -11.57
C GLU A 1011 12.38 0.59 -12.33
N GLU A 1012 12.42 0.65 -13.66
CA GLU A 1012 11.63 -0.29 -14.46
C GLU A 1012 12.23 -1.69 -14.43
N ARG A 1013 13.57 -1.79 -14.53
CA ARG A 1013 14.22 -3.09 -14.54
C ARG A 1013 13.98 -3.84 -13.24
N GLN A 1014 13.95 -3.12 -12.12
CA GLN A 1014 13.79 -3.75 -10.81
C GLN A 1014 12.34 -4.03 -10.46
N HIS A 1015 11.38 -3.63 -11.30
CA HIS A 1015 9.96 -3.81 -10.99
C HIS A 1015 9.40 -4.90 -11.90
N LEU A 1016 8.96 -6.00 -11.30
CA LEU A 1016 8.25 -7.01 -12.07
C LEU A 1016 6.89 -6.46 -12.48
N GLN A 1017 6.54 -6.64 -13.75
CA GLN A 1017 5.32 -6.07 -14.27
C GLN A 1017 4.20 -7.10 -14.18
N GLU A 1018 2.99 -6.61 -13.92
CA GLU A 1018 1.81 -7.47 -13.97
C GLU A 1018 1.34 -7.57 -15.40
N VAL A 1019 1.08 -8.80 -15.85
CA VAL A 1019 0.69 -9.07 -17.22
C VAL A 1019 -0.81 -9.28 -17.35
N GLY A 1020 -1.57 -8.92 -16.32
CA GLY A 1020 -3.00 -9.08 -16.32
C GLY A 1020 -3.53 -9.20 -14.91
N LEU A 1021 -4.85 -9.04 -14.79
CA LEU A 1021 -5.52 -9.16 -13.52
C LEU A 1021 -6.69 -10.13 -13.69
N PHE A 1022 -6.75 -11.16 -12.85
CA PHE A 1022 -7.79 -12.17 -12.98
C PHE A 1022 -8.36 -12.49 -11.60
N HIS A 1023 -9.69 -12.46 -11.49
CA HIS A 1023 -10.36 -12.83 -10.25
C HIS A 1023 -10.73 -14.31 -10.30
N LEU A 1024 -10.13 -15.10 -9.42
CA LEU A 1024 -10.38 -16.53 -9.38
C LEU A 1024 -11.57 -16.90 -8.50
N GLY A 1025 -11.83 -16.13 -7.45
CA GLY A 1025 -12.85 -16.49 -6.49
C GLY A 1025 -12.41 -17.47 -5.43
N GLU A 1026 -11.14 -17.89 -5.43
CA GLU A 1026 -10.60 -18.84 -4.48
C GLU A 1026 -9.27 -18.31 -3.97
N PHE A 1027 -8.95 -18.60 -2.71
CA PHE A 1027 -7.65 -18.24 -2.15
C PHE A 1027 -6.69 -19.41 -2.36
N VAL A 1028 -5.66 -19.20 -3.15
CA VAL A 1028 -4.68 -20.25 -3.44
C VAL A 1028 -3.72 -20.37 -2.27
N ASN A 1029 -3.58 -21.59 -1.74
CA ASN A 1029 -2.68 -21.85 -0.63
C ASN A 1029 -1.36 -22.45 -1.05
N VAL A 1030 -1.31 -23.17 -2.17
CA VAL A 1030 -0.11 -23.87 -2.60
C VAL A 1030 0.00 -23.85 -4.12
N PHE A 1031 1.23 -23.75 -4.61
CA PHE A 1031 1.55 -23.92 -6.03
C PHE A 1031 2.52 -25.08 -6.19
N CYS A 1032 2.43 -25.78 -7.32
CA CYS A 1032 3.34 -26.88 -7.62
C CYS A 1032 3.45 -27.04 -9.13
N HIS A 1033 4.69 -27.18 -9.63
CA HIS A 1033 4.85 -27.43 -11.06
C HIS A 1033 4.39 -28.84 -11.39
N GLY A 1034 3.60 -28.98 -12.45
CA GLY A 1034 3.11 -30.28 -12.86
C GLY A 1034 1.71 -30.19 -13.41
N SER A 1035 1.11 -31.36 -13.64
CA SER A 1035 -0.24 -31.45 -14.19
C SER A 1035 -0.87 -32.75 -13.68
N LEU A 1036 -2.20 -32.80 -13.74
CA LEU A 1036 -2.92 -34.02 -13.37
C LEU A 1036 -3.16 -34.93 -14.55
N VAL A 1037 -2.86 -34.47 -15.77
CA VAL A 1037 -3.03 -35.23 -17.00
C VAL A 1037 -1.68 -35.26 -17.71
N MET A 1038 -1.55 -36.19 -18.68
CA MET A 1038 -0.31 -36.39 -19.42
C MET A 1038 0.49 -35.10 -19.64
N GLN A 1039 1.70 -35.04 -19.10
CA GLN A 1039 2.54 -33.86 -19.21
C GLN A 1039 3.37 -33.89 -20.48
N ASN A 1040 3.79 -32.70 -20.93
CA ASN A 1040 4.62 -32.58 -22.13
C ASN A 1040 6.08 -32.97 -21.88
N LEU A 1041 6.55 -32.90 -20.64
CA LEU A 1041 7.91 -33.33 -20.29
C LEU A 1041 8.98 -32.62 -21.11
N GLY A 1042 8.75 -31.33 -21.40
CA GLY A 1042 9.67 -30.56 -22.20
C GLY A 1042 9.35 -30.49 -23.68
N GLU A 1043 8.39 -31.29 -24.16
CA GLU A 1043 8.00 -31.23 -25.56
C GLU A 1043 7.26 -29.93 -25.86
N THR A 1044 7.39 -29.46 -27.09
CA THR A 1044 6.74 -28.24 -27.55
C THR A 1044 5.47 -28.51 -28.34
N SER A 1045 5.03 -29.76 -28.43
CA SER A 1045 3.82 -30.07 -29.18
C SER A 1045 2.57 -29.58 -28.45
N THR A 1046 2.67 -29.30 -27.16
CA THR A 1046 1.52 -28.81 -26.42
C THR A 1046 1.22 -27.37 -26.79
N PRO A 1047 -0.04 -27.03 -27.08
CA PRO A 1047 -0.38 -25.65 -27.48
C PRO A 1047 -0.10 -24.60 -26.42
N THR A 1048 -0.02 -24.98 -25.15
CA THR A 1048 0.28 -24.06 -24.07
C THR A 1048 1.71 -24.32 -23.58
N GLN A 1049 2.27 -23.33 -22.89
CA GLN A 1049 3.64 -23.40 -22.42
C GLN A 1049 3.66 -23.35 -20.89
N GLY A 1050 4.27 -24.35 -20.27
CA GLY A 1050 4.35 -24.43 -18.83
C GLY A 1050 3.15 -25.11 -18.22
N SER A 1051 3.33 -25.64 -17.01
CA SER A 1051 2.23 -26.34 -16.35
C SER A 1051 2.43 -26.26 -14.84
N VAL A 1052 1.59 -25.46 -14.17
CA VAL A 1052 1.65 -25.27 -12.73
C VAL A 1052 0.27 -25.54 -12.15
N LEU A 1053 0.19 -26.47 -11.21
CA LEU A 1053 -1.05 -26.73 -10.47
C LEU A 1053 -1.06 -25.90 -9.19
N PHE A 1054 -2.26 -25.53 -8.74
CA PHE A 1054 -2.40 -24.76 -7.51
C PHE A 1054 -3.58 -25.29 -6.70
N GLY A 1055 -3.44 -25.25 -5.37
CA GLY A 1055 -4.49 -25.64 -4.45
C GLY A 1055 -5.00 -24.46 -3.65
N THR A 1056 -6.26 -24.52 -3.23
CA THR A 1056 -6.94 -23.42 -2.53
C THR A 1056 -7.43 -23.86 -1.16
N VAL A 1057 -7.86 -22.87 -0.36
CA VAL A 1057 -8.40 -23.13 0.96
C VAL A 1057 -9.70 -23.92 0.91
N ASN A 1058 -10.44 -23.85 -0.19
CA ASN A 1058 -11.70 -24.57 -0.31
C ASN A 1058 -11.54 -25.91 -1.01
N GLY A 1059 -10.31 -26.37 -1.23
CA GLY A 1059 -10.11 -27.66 -1.86
C GLY A 1059 -10.18 -27.62 -3.36
N MET A 1060 -10.08 -26.44 -3.96
CA MET A 1060 -10.10 -26.32 -5.41
C MET A 1060 -8.68 -26.45 -5.93
N ILE A 1061 -8.52 -27.19 -7.02
CA ILE A 1061 -7.23 -27.38 -7.67
C ILE A 1061 -7.36 -26.98 -9.13
N GLY A 1062 -6.49 -26.07 -9.58
CA GLY A 1062 -6.52 -25.59 -10.94
C GLY A 1062 -5.17 -25.69 -11.61
N LEU A 1063 -5.15 -25.39 -12.90
CA LEU A 1063 -3.93 -25.37 -13.70
C LEU A 1063 -3.77 -24.01 -14.36
N VAL A 1064 -2.54 -23.49 -14.34
CA VAL A 1064 -2.19 -22.24 -15.02
C VAL A 1064 -1.08 -22.54 -16.02
N THR A 1065 -1.27 -22.10 -17.26
CA THR A 1065 -0.28 -22.26 -18.33
C THR A 1065 -0.13 -20.94 -19.06
N SER A 1066 0.97 -20.80 -19.81
CA SER A 1066 1.21 -19.61 -20.60
C SER A 1066 0.61 -19.75 -21.98
N LEU A 1067 0.16 -18.63 -22.54
CA LEU A 1067 -0.42 -18.59 -23.87
C LEU A 1067 0.43 -17.71 -24.78
N SER A 1068 0.47 -18.08 -26.06
CA SER A 1068 1.07 -17.19 -27.04
C SER A 1068 0.11 -16.06 -27.37
N GLU A 1069 0.60 -15.04 -28.08
CA GLU A 1069 -0.24 -13.90 -28.42
C GLU A 1069 -1.47 -14.34 -29.23
N SER A 1070 -1.27 -15.28 -30.16
CA SER A 1070 -2.38 -15.73 -31.00
C SER A 1070 -3.44 -16.44 -30.18
N TRP A 1071 -3.01 -17.35 -29.28
CA TRP A 1071 -3.97 -18.07 -28.46
C TRP A 1071 -4.76 -17.12 -27.58
N TYR A 1072 -4.09 -16.14 -27.00
CA TYR A 1072 -4.78 -15.21 -26.11
C TYR A 1072 -5.82 -14.42 -26.86
N ASN A 1073 -5.49 -13.88 -28.05
CA ASN A 1073 -6.48 -13.10 -28.77
C ASN A 1073 -7.65 -13.97 -29.25
N LEU A 1074 -7.35 -15.18 -29.73
CA LEU A 1074 -8.41 -16.08 -30.17
C LEU A 1074 -9.34 -16.42 -29.01
N LEU A 1075 -8.77 -16.83 -27.88
CA LEU A 1075 -9.56 -17.23 -26.74
C LEU A 1075 -10.18 -16.05 -26.02
N LEU A 1076 -9.59 -14.86 -26.12
CA LEU A 1076 -10.16 -13.69 -25.49
C LEU A 1076 -11.45 -13.29 -26.18
N ASP A 1077 -11.44 -13.30 -27.53
CA ASP A 1077 -12.68 -13.06 -28.24
C ASP A 1077 -13.71 -14.14 -27.92
N MET A 1078 -13.24 -15.40 -27.82
CA MET A 1078 -14.16 -16.46 -27.42
C MET A 1078 -14.78 -16.21 -26.05
N GLN A 1079 -13.96 -15.78 -25.08
CA GLN A 1079 -14.46 -15.55 -23.73
C GLN A 1079 -15.45 -14.39 -23.70
N ASN A 1080 -15.13 -13.31 -24.41
CA ASN A 1080 -16.03 -12.16 -24.42
C ASN A 1080 -17.37 -12.49 -25.08
N ARG A 1081 -17.35 -13.36 -26.10
CA ARG A 1081 -18.61 -13.75 -26.72
C ARG A 1081 -19.38 -14.75 -25.87
N LEU A 1082 -18.67 -15.68 -25.23
CA LEU A 1082 -19.34 -16.68 -24.40
C LEU A 1082 -19.97 -16.05 -23.17
N ASN A 1083 -19.40 -14.95 -22.68
CA ASN A 1083 -19.89 -14.32 -21.46
C ASN A 1083 -21.34 -13.88 -21.57
N LYS A 1084 -21.84 -13.61 -22.78
CA LYS A 1084 -23.17 -13.06 -22.96
C LYS A 1084 -24.19 -14.08 -23.41
N VAL A 1085 -23.76 -15.30 -23.74
CA VAL A 1085 -24.61 -16.31 -24.33
C VAL A 1085 -24.83 -17.48 -23.39
N ILE A 1086 -23.81 -17.87 -22.63
CA ILE A 1086 -23.88 -19.03 -21.76
C ILE A 1086 -24.82 -18.72 -20.61
N LYS A 1087 -25.87 -19.51 -20.47
CA LYS A 1087 -26.86 -19.33 -19.39
C LYS A 1087 -26.53 -20.33 -18.28
N SER A 1088 -25.62 -19.95 -17.39
CA SER A 1088 -25.33 -20.78 -16.23
C SER A 1088 -26.40 -20.61 -15.17
N VAL A 1089 -26.32 -21.44 -14.13
CA VAL A 1089 -27.26 -21.38 -13.02
C VAL A 1089 -27.32 -19.96 -12.48
N GLY A 1090 -28.53 -19.42 -12.36
CA GLY A 1090 -28.67 -18.05 -11.93
C GLY A 1090 -28.51 -17.02 -13.02
N LYS A 1091 -28.13 -17.45 -14.24
CA LYS A 1091 -27.97 -16.55 -15.37
C LYS A 1091 -27.09 -15.36 -15.00
N ILE A 1092 -26.02 -15.62 -14.26
CA ILE A 1092 -25.14 -14.55 -13.81
C ILE A 1092 -24.15 -14.19 -14.91
N GLU A 1093 -23.97 -12.90 -15.16
CA GLU A 1093 -23.00 -12.46 -16.15
C GLU A 1093 -21.61 -12.93 -15.75
N HIS A 1094 -20.94 -13.62 -16.66
CA HIS A 1094 -19.61 -14.15 -16.35
C HIS A 1094 -18.56 -13.05 -16.29
N SER A 1095 -18.71 -12.03 -17.14
CA SER A 1095 -17.68 -10.98 -17.22
C SER A 1095 -17.49 -10.27 -15.89
N PHE A 1096 -18.55 -10.17 -15.08
CA PHE A 1096 -18.43 -9.52 -13.78
C PHE A 1096 -17.75 -10.44 -12.78
N TRP A 1097 -18.11 -11.72 -12.79
CA TRP A 1097 -17.54 -12.67 -11.84
C TRP A 1097 -16.02 -12.69 -11.92
N ARG A 1098 -15.47 -12.73 -13.12
CA ARG A 1098 -14.03 -12.83 -13.30
C ARG A 1098 -13.32 -11.48 -13.26
N SER A 1099 -14.06 -10.38 -13.16
CA SER A 1099 -13.41 -9.08 -13.10
C SER A 1099 -12.58 -8.96 -11.83
N PHE A 1100 -11.44 -8.26 -11.93
CA PHE A 1100 -10.55 -8.11 -10.79
C PHE A 1100 -11.31 -7.48 -9.63
N HIS A 1101 -11.25 -8.11 -8.46
CA HIS A 1101 -12.09 -7.72 -7.33
C HIS A 1101 -11.25 -7.51 -6.08
N THR A 1102 -11.35 -6.30 -5.52
CA THR A 1102 -10.78 -5.97 -4.22
C THR A 1102 -11.85 -5.22 -3.41
N GLU A 1103 -11.58 -5.04 -2.11
CA GLU A 1103 -12.52 -4.26 -1.30
C GLU A 1103 -12.60 -2.81 -1.74
N ARG A 1104 -11.58 -2.32 -2.44
CA ARG A 1104 -11.52 -0.92 -2.84
C ARG A 1104 -12.10 -0.67 -4.24
N LYS A 1105 -11.83 -1.55 -5.19
CA LYS A 1105 -12.25 -1.27 -6.57
C LYS A 1105 -12.41 -2.57 -7.34
N THR A 1106 -13.19 -2.49 -8.41
CA THR A 1106 -13.38 -3.60 -9.35
C THR A 1106 -12.86 -3.17 -10.73
N GLU A 1107 -12.13 -4.06 -11.38
CA GLU A 1107 -11.59 -3.76 -12.70
C GLU A 1107 -11.84 -4.92 -13.65
N PRO A 1108 -12.03 -4.63 -14.93
CA PRO A 1108 -12.26 -5.69 -15.91
C PRO A 1108 -11.06 -6.63 -16.01
N ALA A 1109 -11.35 -7.92 -16.20
CA ALA A 1109 -10.27 -8.90 -16.32
C ALA A 1109 -9.52 -8.70 -17.62
N THR A 1110 -8.19 -8.85 -17.56
CA THR A 1110 -7.35 -8.73 -18.75
C THR A 1110 -6.11 -9.58 -18.57
N GLY A 1111 -5.59 -10.08 -19.69
CA GLY A 1111 -4.37 -10.86 -19.68
C GLY A 1111 -4.52 -12.32 -19.32
N PHE A 1112 -5.71 -12.76 -18.93
CA PHE A 1112 -5.95 -14.15 -18.56
C PHE A 1112 -7.14 -14.67 -19.33
N ILE A 1113 -7.11 -15.96 -19.66
CA ILE A 1113 -8.23 -16.65 -20.29
C ILE A 1113 -8.86 -17.56 -19.26
N ASP A 1114 -10.18 -17.46 -19.09
CA ASP A 1114 -10.89 -18.28 -18.12
C ASP A 1114 -11.35 -19.56 -18.82
N GLY A 1115 -10.70 -20.68 -18.49
CA GLY A 1115 -11.12 -21.96 -19.05
C GLY A 1115 -12.37 -22.52 -18.40
N ASP A 1116 -12.72 -22.02 -17.22
CA ASP A 1116 -13.91 -22.49 -16.54
C ASP A 1116 -15.17 -22.06 -17.27
N LEU A 1117 -15.11 -20.93 -18.00
CA LEU A 1117 -16.27 -20.49 -18.76
C LEU A 1117 -16.65 -21.50 -19.83
N ILE A 1118 -15.67 -22.01 -20.58
CA ILE A 1118 -15.96 -23.01 -21.60
C ILE A 1118 -16.42 -24.31 -20.96
N GLU A 1119 -15.72 -24.74 -19.91
CA GLU A 1119 -16.11 -26.01 -19.29
C GLU A 1119 -17.47 -25.94 -18.60
N SER A 1120 -17.92 -24.76 -18.20
CA SER A 1120 -19.24 -24.63 -17.61
C SER A 1120 -20.34 -25.01 -18.58
N PHE A 1121 -20.04 -25.04 -19.88
CA PHE A 1121 -21.03 -25.46 -20.86
C PHE A 1121 -21.42 -26.91 -20.69
N LEU A 1122 -20.56 -27.72 -20.06
CA LEU A 1122 -20.87 -29.12 -19.83
C LEU A 1122 -21.86 -29.33 -18.70
N ASP A 1123 -22.10 -28.31 -17.87
CA ASP A 1123 -23.02 -28.44 -16.75
C ASP A 1123 -24.46 -28.14 -17.14
N ILE A 1124 -24.68 -27.25 -18.10
CA ILE A 1124 -26.03 -26.92 -18.52
C ILE A 1124 -26.61 -28.06 -19.35
N SER A 1125 -27.88 -28.36 -19.12
CA SER A 1125 -28.52 -29.44 -19.86
C SER A 1125 -28.75 -29.03 -21.31
N ARG A 1126 -28.96 -30.03 -22.18
CA ARG A 1126 -29.17 -29.80 -23.61
C ARG A 1126 -30.14 -28.68 -23.94
N PRO A 1127 -31.33 -28.60 -23.31
CA PRO A 1127 -32.27 -27.51 -23.62
C PRO A 1127 -31.65 -26.14 -23.54
N LYS A 1128 -30.64 -25.96 -22.70
CA LYS A 1128 -29.93 -24.68 -22.63
C LYS A 1128 -28.81 -24.58 -23.66
N MET A 1129 -28.21 -25.73 -24.03
CA MET A 1129 -27.13 -25.70 -25.01
C MET A 1129 -27.61 -25.07 -26.31
N GLN A 1130 -28.83 -25.42 -26.73
CA GLN A 1130 -29.32 -24.87 -28.00
C GLN A 1130 -29.43 -23.35 -27.97
N GLU A 1131 -29.88 -22.79 -26.84
CA GLU A 1131 -30.02 -21.34 -26.74
C GLU A 1131 -28.67 -20.65 -26.65
N VAL A 1132 -27.70 -21.28 -25.98
CA VAL A 1132 -26.38 -20.68 -25.82
C VAL A 1132 -25.68 -20.59 -27.17
N VAL A 1133 -25.71 -21.68 -27.94
CA VAL A 1133 -24.96 -21.72 -29.20
C VAL A 1133 -25.62 -20.85 -30.27
N ALA A 1134 -26.94 -20.68 -30.20
CA ALA A 1134 -27.65 -19.91 -31.21
C ALA A 1134 -27.16 -18.48 -31.20
N ASN A 1135 -26.85 -17.94 -32.38
CA ASN A 1135 -26.35 -16.58 -32.55
C ASN A 1135 -24.98 -16.37 -31.93
N LEU A 1136 -24.28 -17.45 -31.58
CA LEU A 1136 -22.94 -17.36 -31.01
C LEU A 1136 -21.92 -17.72 -32.08
N GLN A 1137 -20.88 -16.90 -32.19
CA GLN A 1137 -19.77 -17.17 -33.09
C GLN A 1137 -18.66 -17.86 -32.29
N TYR A 1138 -18.28 -19.06 -32.72
CA TYR A 1138 -17.28 -19.86 -32.01
C TYR A 1138 -16.07 -20.08 -32.91
N ASP A 1139 -14.88 -19.92 -32.32
CA ASP A 1139 -13.63 -20.15 -33.03
C ASP A 1139 -13.07 -21.50 -32.62
N ASP A 1140 -12.97 -22.42 -33.57
CA ASP A 1140 -12.51 -23.77 -33.28
C ASP A 1140 -10.99 -23.88 -33.23
N GLY A 1141 -10.28 -22.77 -33.29
CA GLY A 1141 -8.82 -22.77 -33.33
C GLY A 1141 -8.24 -22.47 -34.69
N SER A 1142 -9.04 -22.55 -35.75
CA SER A 1142 -8.55 -22.21 -37.08
C SER A 1142 -8.55 -20.71 -37.34
N GLY A 1143 -9.18 -19.92 -36.46
CA GLY A 1143 -9.30 -18.50 -36.66
C GLY A 1143 -10.56 -18.07 -37.38
N MET A 1144 -11.33 -19.02 -37.90
CA MET A 1144 -12.57 -18.73 -38.61
C MET A 1144 -13.72 -18.71 -37.61
N LYS A 1145 -14.62 -17.73 -37.77
CA LYS A 1145 -15.77 -17.60 -36.91
C LYS A 1145 -17.00 -18.15 -37.63
N ARG A 1146 -17.67 -19.12 -37.00
CA ARG A 1146 -18.88 -19.70 -37.54
C ARG A 1146 -19.86 -19.88 -36.40
N GLU A 1147 -21.15 -19.96 -36.71
CA GLU A 1147 -22.14 -20.13 -35.66
C GLU A 1147 -21.89 -21.44 -34.92
N ALA A 1148 -21.95 -21.37 -33.60
CA ALA A 1148 -21.64 -22.53 -32.77
C ALA A 1148 -22.81 -23.52 -32.79
N THR A 1149 -22.49 -24.80 -32.62
CA THR A 1149 -23.47 -25.83 -32.37
C THR A 1149 -23.20 -26.44 -30.99
N ALA A 1150 -24.17 -27.22 -30.49
CA ALA A 1150 -24.00 -27.81 -29.16
C ALA A 1150 -22.75 -28.67 -29.08
N ASP A 1151 -22.46 -29.40 -30.15
CA ASP A 1151 -21.32 -30.30 -30.16
C ASP A 1151 -19.98 -29.56 -30.24
N ASP A 1152 -19.97 -28.30 -30.66
CA ASP A 1152 -18.70 -27.58 -30.76
C ASP A 1152 -18.14 -27.24 -29.39
N LEU A 1153 -19.00 -26.69 -28.51
CA LEU A 1153 -18.56 -26.38 -27.17
C LEU A 1153 -18.33 -27.64 -26.35
N ILE A 1154 -19.13 -28.70 -26.57
CA ILE A 1154 -18.82 -29.94 -25.87
C ILE A 1154 -17.48 -30.52 -26.31
N LYS A 1155 -17.20 -30.50 -27.61
CA LYS A 1155 -15.97 -31.09 -28.13
C LYS A 1155 -14.75 -30.38 -27.56
N VAL A 1156 -14.78 -29.04 -27.52
CA VAL A 1156 -13.65 -28.33 -26.95
C VAL A 1156 -13.50 -28.64 -25.48
N VAL A 1157 -14.61 -28.81 -24.75
CA VAL A 1157 -14.49 -29.17 -23.34
C VAL A 1157 -13.79 -30.51 -23.17
N GLU A 1158 -14.13 -31.47 -24.02
CA GLU A 1158 -13.45 -32.76 -23.96
C GLU A 1158 -11.97 -32.61 -24.17
N GLU A 1159 -11.56 -31.71 -25.07
CA GLU A 1159 -10.13 -31.46 -25.23
C GLU A 1159 -9.54 -30.76 -24.00
N LEU A 1160 -10.29 -29.82 -23.42
CA LEU A 1160 -9.79 -29.06 -22.27
C LEU A 1160 -9.55 -29.98 -21.08
N THR A 1161 -10.39 -30.99 -20.91
CA THR A 1161 -10.18 -31.94 -19.82
C THR A 1161 -8.93 -32.79 -20.00
N ARG A 1162 -8.28 -32.71 -21.16
CA ARG A 1162 -7.06 -33.46 -21.43
C ARG A 1162 -5.80 -32.64 -21.27
N ILE A 1163 -5.92 -31.36 -20.91
CA ILE A 1163 -4.77 -30.50 -20.68
C ILE A 1163 -4.55 -30.17 -19.22
N HIS A 1164 -5.47 -30.55 -18.33
CA HIS A 1164 -5.33 -30.25 -16.91
C HIS A 1164 -5.82 -31.40 -16.04
N PRO B 64 -0.28 -22.33 30.82
CA PRO B 64 -0.09 -22.24 29.37
C PRO B 64 0.52 -20.90 28.95
N PRO B 65 1.71 -20.94 28.35
CA PRO B 65 2.36 -19.69 27.91
C PRO B 65 1.71 -19.12 26.67
N VAL B 66 1.93 -17.82 26.45
CA VAL B 66 1.42 -17.15 25.25
C VAL B 66 2.37 -17.44 24.09
N LYS B 67 1.81 -17.87 22.96
CA LYS B 67 2.60 -18.16 21.77
C LYS B 67 2.63 -16.92 20.88
N ARG B 68 3.81 -16.33 20.73
CA ARG B 68 4.01 -15.16 19.89
C ARG B 68 4.84 -15.46 18.65
N SER B 69 5.30 -16.70 18.49
CA SER B 69 6.18 -17.04 17.38
C SER B 69 5.42 -17.01 16.06
N LEU B 70 6.11 -16.54 15.01
CA LEU B 70 5.54 -16.55 13.66
C LEU B 70 5.42 -17.96 13.09
N VAL B 71 6.11 -18.94 13.68
CA VAL B 71 6.00 -20.32 13.19
C VAL B 71 4.57 -20.84 13.36
N TYR B 72 3.98 -20.58 14.52
CA TYR B 72 2.59 -20.99 14.74
C TYR B 72 1.66 -20.28 13.78
N TYR B 73 1.93 -19.01 13.52
CA TYR B 73 1.13 -18.26 12.55
C TYR B 73 1.18 -18.94 11.18
N LEU B 74 2.37 -19.30 10.72
CA LEU B 74 2.50 -19.88 9.38
C LEU B 74 1.75 -21.19 9.28
N LYS B 75 1.89 -22.06 10.28
CA LYS B 75 1.22 -23.36 10.18
C LYS B 75 -0.30 -23.25 10.37
N ASN B 76 -0.76 -22.26 11.16
CA ASN B 76 -2.20 -22.08 11.31
C ASN B 76 -2.81 -21.37 10.11
N ARG B 77 -2.06 -20.47 9.48
CA ARG B 77 -2.56 -19.74 8.32
C ARG B 77 -2.85 -20.68 7.16
N GLU B 78 -2.06 -21.75 7.03
CA GLU B 78 -2.26 -22.69 5.93
C GLU B 78 -3.61 -23.38 6.02
N VAL B 79 -4.16 -23.52 7.22
CA VAL B 79 -5.44 -24.17 7.43
C VAL B 79 -6.55 -23.20 7.78
N ARG B 80 -6.22 -22.02 8.30
CA ARG B 80 -7.23 -21.04 8.69
C ARG B 80 -8.22 -21.65 9.67
N LEU B 81 -7.72 -22.53 10.53
CA LEU B 81 -8.54 -23.18 11.54
C LEU B 81 -8.51 -22.32 12.78
N GLN B 82 -9.37 -21.30 12.78
CA GLN B 82 -9.41 -20.34 13.88
C GLN B 82 -8.04 -19.71 14.11
N ASN B 83 -7.35 -19.35 13.02
CA ASN B 83 -6.04 -18.74 13.17
C ASN B 83 -6.19 -17.43 13.93
N GLU B 84 -5.35 -17.23 14.94
CA GLU B 84 -5.47 -16.06 15.79
C GLU B 84 -4.90 -14.82 15.08
N THR B 85 -5.48 -13.67 15.41
CA THR B 85 -5.00 -12.38 14.90
C THR B 85 -3.92 -11.79 15.78
N SER B 86 -3.62 -12.43 16.91
CA SER B 86 -2.59 -11.93 17.81
C SER B 86 -1.20 -12.00 17.18
N TYR B 87 -1.04 -12.78 16.12
CA TYR B 87 0.24 -12.89 15.44
C TYR B 87 0.52 -11.73 14.51
N SER B 88 -0.50 -10.94 14.16
CA SER B 88 -0.30 -9.83 13.23
C SER B 88 0.68 -8.80 13.78
N ARG B 89 0.67 -8.59 15.10
CA ARG B 89 1.61 -7.63 15.69
C ARG B 89 3.05 -8.02 15.44
N VAL B 90 3.38 -9.31 15.63
CA VAL B 90 4.74 -9.77 15.38
C VAL B 90 5.05 -9.77 13.89
N LEU B 91 4.11 -10.23 13.06
CA LEU B 91 4.33 -10.26 11.63
C LEU B 91 4.75 -8.88 11.12
N HIS B 92 3.94 -7.87 11.42
CA HIS B 92 4.23 -6.53 10.93
C HIS B 92 5.44 -5.93 11.63
N GLY B 93 5.60 -6.13 12.94
CA GLY B 93 6.76 -5.54 13.62
C GLY B 93 8.07 -6.09 13.11
N TYR B 94 8.14 -7.42 12.92
CA TYR B 94 9.33 -8.04 12.36
C TYR B 94 9.66 -7.42 11.02
N ALA B 95 8.67 -7.35 10.11
CA ALA B 95 8.96 -6.72 8.83
C ALA B 95 9.28 -5.23 8.98
N ALA B 96 8.66 -4.55 9.94
CA ALA B 96 8.85 -3.11 10.08
C ALA B 96 10.30 -2.78 10.39
N GLN B 97 11.00 -3.68 11.07
CA GLN B 97 12.42 -3.43 11.32
C GLN B 97 13.30 -3.68 10.10
N GLN B 98 12.96 -4.64 9.25
CA GLN B 98 13.81 -5.02 8.13
C GLN B 98 13.47 -4.31 6.83
N LEU B 99 12.20 -3.92 6.67
CA LEU B 99 11.75 -3.26 5.44
C LEU B 99 12.46 -1.94 5.14
N PRO B 100 12.67 -1.04 6.10
CA PRO B 100 13.19 0.29 5.74
C PRO B 100 14.53 0.28 5.02
N SER B 101 15.37 -0.73 5.24
CA SER B 101 16.68 -0.77 4.62
C SER B 101 16.68 -1.44 3.26
N LEU B 102 15.58 -2.07 2.85
CA LEU B 102 15.49 -2.78 1.59
C LEU B 102 14.66 -2.05 0.55
N LEU B 103 14.18 -0.85 0.85
CA LEU B 103 13.30 -0.14 -0.06
C LEU B 103 14.06 0.48 -1.22
N LYS B 104 13.44 0.48 -2.40
CA LYS B 104 13.98 1.11 -3.59
C LYS B 104 13.15 2.34 -3.93
N GLU B 105 13.79 3.34 -4.54
CA GLU B 105 13.14 4.61 -4.84
C GLU B 105 12.47 4.56 -6.21
N ARG B 106 11.22 5.01 -6.28
CA ARG B 106 10.49 5.16 -7.53
C ARG B 106 9.99 6.59 -7.64
N GLU B 107 10.74 7.46 -8.31
CA GLU B 107 10.36 8.86 -8.41
C GLU B 107 9.34 9.06 -9.51
N PHE B 108 8.41 9.98 -9.28
CA PHE B 108 7.38 10.32 -10.25
C PHE B 108 7.53 11.79 -10.67
N HIS B 109 7.07 12.10 -11.87
CA HIS B 109 7.09 13.47 -12.38
C HIS B 109 5.72 14.08 -12.14
N LEU B 110 5.67 15.14 -11.32
CA LEU B 110 4.43 15.78 -10.94
C LEU B 110 4.06 16.96 -11.82
N GLY B 111 4.90 17.29 -12.81
CA GLY B 111 4.62 18.45 -13.63
C GLY B 111 4.98 19.74 -12.92
N THR B 112 4.12 20.76 -13.05
CA THR B 112 4.40 22.09 -12.54
C THR B 112 3.67 22.39 -11.22
N LEU B 113 3.22 21.38 -10.50
CA LEU B 113 2.53 21.61 -9.23
C LEU B 113 3.47 22.27 -8.21
N ASN B 114 2.91 23.18 -7.41
CA ASN B 114 3.73 24.02 -6.53
C ASN B 114 4.52 23.18 -5.52
N LYS B 115 3.81 22.40 -4.70
CA LYS B 115 4.39 21.57 -3.65
C LYS B 115 3.35 20.53 -3.29
N VAL B 116 3.77 19.44 -2.63
CA VAL B 116 2.85 18.47 -2.05
C VAL B 116 2.99 18.52 -0.54
N PHE B 117 1.88 18.77 0.15
CA PHE B 117 1.90 18.92 1.61
C PHE B 117 1.25 17.76 2.36
N ALA B 118 0.38 16.98 1.70
CA ALA B 118 -0.37 15.94 2.37
C ALA B 118 -0.66 14.83 1.38
N SER B 119 -0.74 13.60 1.89
CA SER B 119 -1.06 12.48 1.02
C SER B 119 -1.65 11.33 1.82
N GLN B 120 -2.52 10.55 1.18
CA GLN B 120 -3.15 9.40 1.80
C GLN B 120 -3.31 8.28 0.78
N TRP B 121 -3.27 7.04 1.26
CA TRP B 121 -3.49 5.90 0.38
C TRP B 121 -5.00 5.75 0.12
N LEU B 122 -5.39 5.78 -1.14
CA LEU B 122 -6.79 5.59 -1.51
C LEU B 122 -7.05 4.20 -2.04
N ASN B 123 -6.05 3.59 -2.68
CA ASN B 123 -6.15 2.24 -3.20
C ASN B 123 -4.77 1.63 -3.18
N HIS B 124 -4.67 0.37 -3.61
CA HIS B 124 -3.38 -0.28 -3.69
C HIS B 124 -2.50 0.33 -4.77
N ARG B 125 -3.10 1.06 -5.71
CA ARG B 125 -2.39 1.60 -6.86
C ARG B 125 -2.26 3.12 -6.84
N GLN B 126 -3.05 3.83 -6.04
CA GLN B 126 -3.07 5.29 -6.10
C GLN B 126 -3.00 5.90 -4.71
N VAL B 127 -2.31 7.05 -4.63
CA VAL B 127 -2.19 7.85 -3.41
C VAL B 127 -2.65 9.27 -3.74
N VAL B 128 -3.56 9.81 -2.92
CA VAL B 128 -4.01 11.19 -3.10
C VAL B 128 -2.94 12.14 -2.57
N CYS B 129 -2.80 13.29 -3.23
CA CYS B 129 -1.84 14.31 -2.83
C CYS B 129 -2.48 15.69 -2.92
N GLY B 130 -2.26 16.51 -1.88
CA GLY B 130 -2.69 17.89 -1.88
C GLY B 130 -1.53 18.82 -2.18
N THR B 131 -1.83 20.02 -2.68
CA THR B 131 -0.79 20.92 -3.15
C THR B 131 -0.98 22.33 -2.63
N LYS B 132 0.10 23.12 -2.71
CA LYS B 132 0.09 24.52 -2.31
C LYS B 132 -0.82 25.37 -3.20
N CYS B 133 -1.06 24.93 -4.43
CA CYS B 133 -1.91 25.65 -5.37
C CYS B 133 -3.36 25.22 -5.30
N ASN B 134 -3.73 24.43 -4.28
CA ASN B 134 -5.08 23.92 -4.06
C ASN B 134 -5.49 22.84 -5.04
N THR B 135 -4.57 22.39 -5.90
CA THR B 135 -4.86 21.31 -6.82
C THR B 135 -4.77 19.98 -6.08
N LEU B 136 -5.80 19.17 -6.22
CA LEU B 136 -5.85 17.83 -5.62
C LEU B 136 -5.65 16.81 -6.72
N PHE B 137 -4.79 15.81 -6.47
CA PHE B 137 -4.51 14.82 -7.50
C PHE B 137 -4.12 13.50 -6.84
N VAL B 138 -4.11 12.44 -7.64
CA VAL B 138 -3.74 11.10 -7.19
C VAL B 138 -2.58 10.60 -8.03
N VAL B 139 -1.58 10.01 -7.38
CA VAL B 139 -0.44 9.40 -8.05
C VAL B 139 -0.72 7.91 -8.15
N ASP B 140 -0.79 7.40 -9.37
CA ASP B 140 -0.96 5.96 -9.60
C ASP B 140 0.43 5.34 -9.56
N VAL B 141 0.80 4.78 -8.40
CA VAL B 141 2.12 4.20 -8.23
C VAL B 141 2.28 2.88 -8.96
N GLN B 142 1.17 2.24 -9.34
CA GLN B 142 1.25 0.99 -10.08
C GLN B 142 1.58 1.22 -11.54
N THR B 143 1.07 2.29 -12.13
CA THR B 143 1.35 2.63 -13.52
C THR B 143 2.19 3.90 -13.66
N SER B 144 2.56 4.55 -12.56
CA SER B 144 3.38 5.76 -12.60
C SER B 144 2.68 6.87 -13.39
N GLN B 145 1.38 7.02 -13.20
CA GLN B 145 0.61 8.04 -13.91
C GLN B 145 0.06 9.06 -12.93
N ILE B 146 -0.13 10.29 -13.41
CA ILE B 146 -0.66 11.39 -12.60
C ILE B 146 -2.06 11.73 -13.10
N THR B 147 -3.04 11.68 -12.20
CA THR B 147 -4.42 12.05 -12.51
C THR B 147 -4.86 13.16 -11.59
N LYS B 148 -5.38 14.25 -12.16
CA LYS B 148 -5.83 15.39 -11.36
C LYS B 148 -7.32 15.28 -11.02
N ILE B 149 -7.71 15.95 -9.94
CA ILE B 149 -9.09 15.96 -9.45
C ILE B 149 -9.59 17.40 -9.52
N PRO B 150 -10.81 17.66 -10.02
CA PRO B 150 -11.31 19.03 -10.08
C PRO B 150 -11.37 19.69 -8.71
N ILE B 151 -11.03 20.98 -8.68
CA ILE B 151 -11.07 21.75 -7.43
C ILE B 151 -12.48 22.27 -7.20
N LEU B 152 -13.04 21.97 -6.03
CA LEU B 152 -14.41 22.35 -5.72
C LEU B 152 -14.49 23.77 -5.17
N LYS B 153 -15.54 24.49 -5.57
CA LYS B 153 -15.76 25.87 -5.14
C LYS B 153 -16.64 25.91 -3.89
N ASP B 154 -16.66 27.07 -3.23
CA ASP B 154 -17.47 27.27 -2.04
C ASP B 154 -18.91 27.62 -2.41
N ARG B 155 -19.74 27.79 -1.38
CA ARG B 155 -21.14 28.19 -1.60
C ARG B 155 -21.25 29.64 -2.04
N GLU B 156 -20.28 30.48 -1.66
CA GLU B 156 -20.25 31.88 -2.06
C GLU B 156 -18.84 32.26 -2.46
N PRO B 157 -18.69 33.19 -3.42
CA PRO B 157 -17.36 33.62 -3.91
C PRO B 157 -16.66 34.57 -2.93
N GLY B 158 -16.35 34.06 -1.75
CA GLY B 158 -15.68 34.85 -0.73
C GLY B 158 -14.22 34.48 -0.57
N CYS B 165 -0.65 29.31 1.50
CA CYS B 165 -1.96 28.67 1.58
C CYS B 165 -1.93 27.25 1.00
N GLY B 166 -2.95 26.87 0.24
CA GLY B 166 -3.00 25.54 -0.35
C GLY B 166 -3.58 24.51 0.60
N ILE B 167 -3.38 23.24 0.24
CA ILE B 167 -3.89 22.11 1.02
C ILE B 167 -2.76 21.60 1.90
N HIS B 168 -2.84 21.87 3.20
CA HIS B 168 -1.81 21.45 4.14
C HIS B 168 -2.08 20.10 4.79
N ALA B 169 -3.28 19.55 4.68
CA ALA B 169 -3.58 18.27 5.31
C ALA B 169 -4.65 17.53 4.53
N ILE B 170 -4.55 16.20 4.51
CA ILE B 170 -5.56 15.33 3.91
C ILE B 170 -5.78 14.16 4.86
N GLU B 171 -7.04 13.75 5.03
CA GLU B 171 -7.36 12.64 5.91
C GLU B 171 -8.52 11.83 5.33
N LEU B 172 -8.55 10.54 5.67
CA LEU B 172 -9.58 9.61 5.24
C LEU B 172 -10.44 9.23 6.44
N ASN B 173 -11.76 9.10 6.23
CA ASN B 173 -12.63 8.69 7.33
C ASN B 173 -12.36 7.23 7.69
N PRO B 174 -12.73 6.81 8.92
CA PRO B 174 -12.43 5.42 9.33
C PRO B 174 -12.99 4.37 8.39
N SER B 175 -14.05 4.69 7.65
CA SER B 175 -14.66 3.78 6.70
C SER B 175 -14.02 3.83 5.32
N ARG B 176 -13.11 4.77 5.08
CA ARG B 176 -12.46 4.92 3.77
C ARG B 176 -13.47 5.18 2.66
N THR B 177 -14.51 5.96 2.96
CA THR B 177 -15.51 6.31 1.96
C THR B 177 -15.57 7.80 1.66
N LEU B 178 -15.02 8.66 2.52
CA LEU B 178 -15.06 10.10 2.32
C LEU B 178 -13.65 10.67 2.43
N LEU B 179 -13.27 11.49 1.45
CA LEU B 179 -11.97 12.14 1.40
C LEU B 179 -12.15 13.61 1.73
N ALA B 180 -11.41 14.11 2.71
CA ALA B 180 -11.50 15.49 3.16
C ALA B 180 -10.23 16.24 2.79
N THR B 181 -10.35 17.25 1.93
CA THR B 181 -9.21 18.06 1.50
C THR B 181 -9.59 19.53 1.50
N GLY B 182 -8.60 20.40 1.36
CA GLY B 182 -8.89 21.81 1.19
C GLY B 182 -9.50 22.09 -0.17
N GLY B 183 -10.37 23.10 -0.22
CA GLY B 183 -11.07 23.47 -1.43
C GLY B 183 -10.36 24.58 -2.21
N ASP B 184 -11.10 25.16 -3.17
CA ASP B 184 -10.54 26.27 -3.94
C ASP B 184 -10.14 27.41 -3.03
N ASN B 185 -10.95 27.67 -2.00
CA ASN B 185 -10.61 28.66 -0.99
C ASN B 185 -9.91 27.95 0.16
N PRO B 186 -8.69 28.35 0.53
CA PRO B 186 -7.96 27.62 1.59
C PRO B 186 -8.69 27.57 2.92
N ASN B 187 -9.67 28.43 3.15
CA ASN B 187 -10.42 28.42 4.40
C ASN B 187 -11.62 27.49 4.36
N SER B 188 -11.83 26.77 3.26
CA SER B 188 -12.99 25.91 3.09
C SER B 188 -12.57 24.47 2.95
N LEU B 189 -13.40 23.57 3.47
CA LEU B 189 -13.18 22.13 3.36
C LEU B 189 -13.98 21.58 2.19
N ALA B 190 -13.33 20.78 1.35
CA ALA B 190 -13.96 20.12 0.22
C ALA B 190 -14.00 18.62 0.46
N ILE B 191 -15.10 17.97 0.11
CA ILE B 191 -15.31 16.55 0.36
C ILE B 191 -15.41 15.82 -0.98
N TYR B 192 -14.63 14.75 -1.14
CA TYR B 192 -14.63 13.94 -2.34
C TYR B 192 -15.05 12.51 -2.00
N ARG B 193 -15.66 11.84 -2.98
CA ARG B 193 -16.15 10.47 -2.79
C ARG B 193 -15.06 9.49 -3.19
N LEU B 194 -14.90 8.43 -2.40
CA LEU B 194 -13.97 7.37 -2.75
C LEU B 194 -14.75 6.10 -3.09
N PRO B 195 -14.22 5.23 -3.97
CA PRO B 195 -12.95 5.34 -4.72
C PRO B 195 -13.11 6.12 -6.02
N THR B 196 -14.31 6.63 -6.32
CA THR B 196 -14.58 7.25 -7.61
C THR B 196 -14.04 8.67 -7.73
N LEU B 197 -13.69 9.31 -6.62
CA LEU B 197 -13.24 10.70 -6.61
C LEU B 197 -14.36 11.69 -6.95
N ASP B 198 -15.61 11.24 -6.91
CA ASP B 198 -16.72 12.12 -7.25
C ASP B 198 -16.91 13.17 -6.15
N PRO B 199 -17.28 14.40 -6.51
CA PRO B 199 -17.55 15.42 -5.48
C PRO B 199 -18.69 14.99 -4.56
N VAL B 200 -18.55 15.30 -3.28
CA VAL B 200 -19.55 14.98 -2.27
C VAL B 200 -20.28 16.23 -1.78
N CYS B 201 -19.54 17.28 -1.44
CA CYS B 201 -20.15 18.47 -0.85
C CYS B 201 -19.46 19.75 -1.30
N VAL B 202 -20.19 20.86 -1.15
CA VAL B 202 -19.69 22.19 -1.48
C VAL B 202 -18.69 22.65 -0.41
N GLY B 203 -17.71 23.44 -0.83
CA GLY B 203 -16.79 24.05 0.11
C GLY B 203 -17.49 24.93 1.13
N ASP B 204 -17.15 24.78 2.40
CA ASP B 204 -17.81 25.51 3.48
C ASP B 204 -17.16 26.87 3.68
N ASP B 205 -17.79 27.69 4.52
CA ASP B 205 -17.24 28.99 4.90
C ASP B 205 -17.18 29.14 6.42
N GLY B 206 -17.10 28.02 7.14
CA GLY B 206 -17.14 28.07 8.59
C GLY B 206 -15.95 28.78 9.20
N HIS B 207 -14.77 28.59 8.63
CA HIS B 207 -13.56 29.21 9.14
C HIS B 207 -13.38 30.61 8.54
N LYS B 208 -12.80 31.50 9.34
CA LYS B 208 -12.48 32.85 8.89
C LYS B 208 -11.05 32.97 8.37
N ASP B 209 -10.29 31.87 8.39
CA ASP B 209 -8.90 31.88 7.96
C ASP B 209 -8.56 30.54 7.33
N TRP B 210 -7.33 30.42 6.83
CA TRP B 210 -6.93 29.22 6.10
C TRP B 210 -6.96 27.98 7.00
N ILE B 211 -7.33 26.85 6.41
CA ILE B 211 -7.35 25.58 7.10
C ILE B 211 -5.97 24.93 6.95
N PHE B 212 -5.34 24.59 8.06
CA PHE B 212 -4.03 23.95 8.04
C PHE B 212 -4.05 22.49 8.46
N SER B 213 -5.15 22.01 9.04
CA SER B 213 -5.21 20.64 9.53
C SER B 213 -6.61 20.08 9.34
N ILE B 214 -6.67 18.77 9.07
CA ILE B 214 -7.92 18.04 8.90
C ILE B 214 -7.78 16.70 9.60
N ALA B 215 -8.85 16.26 10.27
CA ALA B 215 -8.85 14.94 10.91
C ALA B 215 -10.29 14.41 10.96
N TRP B 216 -10.47 13.15 10.57
CA TRP B 216 -11.80 12.51 10.62
C TRP B 216 -11.98 11.84 11.96
N ILE B 217 -12.91 12.36 12.77
CA ILE B 217 -13.18 11.79 14.09
C ILE B 217 -14.19 10.64 14.03
N SER B 218 -14.97 10.53 12.96
CA SER B 218 -15.92 9.44 12.81
C SER B 218 -16.18 9.25 11.32
N ASP B 219 -17.03 8.27 10.99
CA ASP B 219 -17.37 8.03 9.59
C ASP B 219 -18.17 9.19 8.99
N THR B 220 -18.86 9.96 9.81
CA THR B 220 -19.66 11.08 9.33
C THR B 220 -19.15 12.45 9.77
N MET B 221 -18.31 12.50 10.80
CA MET B 221 -17.85 13.78 11.36
C MET B 221 -16.38 14.01 11.06
N ALA B 222 -16.03 15.26 10.78
CA ALA B 222 -14.65 15.67 10.54
C ALA B 222 -14.41 17.01 11.22
N VAL B 223 -13.19 17.20 11.72
CA VAL B 223 -12.78 18.44 12.38
C VAL B 223 -11.61 19.03 11.61
N SER B 224 -11.68 20.34 11.35
CA SER B 224 -10.62 21.04 10.63
C SER B 224 -10.14 22.23 11.45
N GLY B 225 -8.81 22.42 11.51
CA GLY B 225 -8.22 23.51 12.25
C GLY B 225 -7.97 24.74 11.38
N SER B 226 -7.39 25.76 11.99
CA SER B 226 -7.14 27.00 11.24
C SER B 226 -6.05 27.83 11.92
N ARG B 227 -5.65 28.89 11.22
CA ARG B 227 -4.59 29.78 11.71
C ARG B 227 -5.01 30.50 12.99
N ASP B 228 -6.30 30.75 13.17
CA ASP B 228 -6.78 31.48 14.34
C ASP B 228 -6.98 30.58 15.55
N GLY B 229 -6.62 29.30 15.44
CA GLY B 229 -6.76 28.37 16.54
C GLY B 229 -8.12 27.73 16.67
N SER B 230 -9.07 28.06 15.80
CA SER B 230 -10.39 27.47 15.88
C SER B 230 -10.39 26.11 15.19
N MET B 231 -11.35 25.28 15.57
CA MET B 231 -11.56 23.97 14.97
C MET B 231 -13.04 23.84 14.64
N GLY B 232 -13.35 23.70 13.35
CA GLY B 232 -14.72 23.54 12.91
C GLY B 232 -15.15 22.08 13.00
N LEU B 233 -16.37 21.88 13.50
CA LEU B 233 -16.96 20.55 13.64
C LEU B 233 -18.05 20.40 12.59
N TRP B 234 -17.83 19.51 11.63
CA TRP B 234 -18.78 19.23 10.56
C TRP B 234 -19.33 17.83 10.73
N GLU B 235 -20.65 17.68 10.62
CA GLU B 235 -21.30 16.39 10.80
C GLU B 235 -22.23 16.11 9.63
N VAL B 236 -22.14 14.91 9.06
CA VAL B 236 -23.06 14.43 8.04
C VAL B 236 -24.12 13.59 8.74
N THR B 237 -25.38 13.97 8.57
CA THR B 237 -26.49 13.23 9.17
C THR B 237 -26.80 11.98 8.34
N ASP B 238 -27.61 11.08 8.93
CA ASP B 238 -27.98 9.87 8.22
C ASP B 238 -28.73 10.18 6.93
N ASP B 239 -29.57 11.21 6.95
CA ASP B 239 -30.35 11.57 5.77
C ASP B 239 -29.47 12.13 4.67
N VAL B 240 -28.50 12.99 5.03
CA VAL B 240 -27.60 13.57 4.04
C VAL B 240 -26.74 12.49 3.40
N LEU B 241 -26.18 11.61 4.22
CA LEU B 241 -25.32 10.54 3.70
C LEU B 241 -26.12 9.58 2.84
N THR B 242 -27.35 9.24 3.27
CA THR B 242 -28.17 8.31 2.50
C THR B 242 -28.50 8.89 1.12
N LYS B 243 -28.93 10.15 1.07
CA LYS B 243 -29.25 10.75 -0.22
C LYS B 243 -28.00 10.93 -1.09
N SER B 244 -26.87 11.31 -0.48
CA SER B 244 -25.64 11.48 -1.24
C SER B 244 -25.21 10.16 -1.89
N ASP B 245 -25.23 9.07 -1.11
CA ASP B 245 -24.87 7.76 -1.65
C ASP B 245 -25.87 7.30 -2.71
N ALA B 246 -27.16 7.52 -2.46
CA ALA B 246 -28.17 7.11 -3.42
C ALA B 246 -27.98 7.80 -4.76
N ARG B 247 -27.69 9.11 -4.73
CA ARG B 247 -27.48 9.84 -5.96
C ARG B 247 -26.25 9.34 -6.73
N HIS B 248 -25.15 9.07 -6.01
CA HIS B 248 -23.95 8.65 -6.71
C HIS B 248 -24.10 7.26 -7.33
N ASN B 249 -24.83 6.35 -6.68
CA ASN B 249 -24.96 5.01 -7.25
C ASN B 249 -26.03 4.93 -8.33
N VAL B 250 -27.04 5.79 -8.26
CA VAL B 250 -28.12 5.77 -9.25
C VAL B 250 -27.77 6.60 -10.48
N SER B 251 -27.28 7.81 -10.26
CA SER B 251 -26.98 8.75 -11.34
C SER B 251 -25.51 8.65 -11.70
N ARG B 252 -25.22 8.38 -12.98
CA ARG B 252 -23.82 8.32 -13.43
C ARG B 252 -23.10 9.62 -13.17
N VAL B 253 -23.80 10.74 -13.30
CA VAL B 253 -23.23 12.06 -13.03
C VAL B 253 -23.40 12.35 -11.54
N PRO B 254 -22.32 12.58 -10.80
CA PRO B 254 -22.45 12.82 -9.35
C PRO B 254 -23.07 14.18 -9.05
N VAL B 255 -23.75 14.26 -7.90
CA VAL B 255 -24.37 15.49 -7.41
C VAL B 255 -23.91 15.73 -5.98
N TYR B 256 -23.33 16.91 -5.73
CA TYR B 256 -22.80 17.27 -4.42
C TYR B 256 -23.87 17.97 -3.59
N ALA B 257 -23.77 17.80 -2.28
CA ALA B 257 -24.71 18.41 -1.32
C ALA B 257 -24.10 19.67 -0.72
N HIS B 258 -24.97 20.56 -0.24
CA HIS B 258 -24.52 21.78 0.45
C HIS B 258 -24.40 21.52 1.94
N ILE B 259 -23.30 22.01 2.55
CA ILE B 259 -22.99 21.75 3.95
C ILE B 259 -22.55 23.02 4.67
N THR B 260 -22.71 23.01 5.99
CA THR B 260 -22.20 24.02 6.90
C THR B 260 -21.66 23.33 8.14
N HIS B 261 -20.84 24.03 8.92
CA HIS B 261 -20.28 23.45 10.14
C HIS B 261 -21.33 23.39 11.25
N LYS B 262 -21.28 22.31 12.03
CA LYS B 262 -22.22 22.14 13.13
C LYS B 262 -21.91 23.08 14.28
N ALA B 263 -20.63 23.23 14.61
CA ALA B 263 -20.21 24.08 15.71
C ALA B 263 -18.77 24.49 15.44
N LEU B 264 -18.34 25.58 16.09
CA LEU B 264 -16.96 26.05 15.98
C LEU B 264 -16.41 26.30 17.37
N LYS B 265 -15.33 25.62 17.72
CA LYS B 265 -14.75 25.69 19.06
C LYS B 265 -13.28 26.04 18.95
N ASP B 266 -12.76 26.79 19.93
CA ASP B 266 -11.36 27.17 19.93
C ASP B 266 -10.58 26.29 20.90
N ILE B 267 -9.29 26.12 20.62
CA ILE B 267 -8.42 25.38 21.54
C ILE B 267 -8.35 26.15 22.85
N PRO B 268 -8.11 25.47 23.98
CA PRO B 268 -8.06 26.17 25.26
C PRO B 268 -6.91 27.18 25.29
N LYS B 269 -7.14 28.28 26.00
CA LYS B 269 -6.10 29.30 26.16
C LYS B 269 -5.29 28.98 27.41
N GLU B 270 -4.02 28.65 27.23
CA GLU B 270 -3.13 28.29 28.32
C GLU B 270 -2.19 29.46 28.63
N ASP B 271 -1.28 29.23 29.57
CA ASP B 271 -0.31 30.25 29.95
C ASP B 271 0.76 30.49 28.89
N THR B 272 0.73 29.73 27.80
CA THR B 272 1.64 29.94 26.69
C THR B 272 1.07 30.99 25.75
N ASN B 273 1.80 31.29 24.68
CA ASN B 273 1.42 32.33 23.74
C ASN B 273 -0.01 32.14 23.23
N PRO B 274 -0.94 33.00 23.65
CA PRO B 274 -2.33 32.89 23.17
C PRO B 274 -2.51 33.34 21.74
N ASP B 275 -1.57 34.11 21.18
CA ASP B 275 -1.71 34.61 19.83
C ASP B 275 -1.29 33.55 18.80
N ASN B 276 -0.19 32.85 19.06
CA ASN B 276 0.27 31.77 18.20
C ASN B 276 -0.49 30.49 18.53
N CYS B 277 -1.81 30.56 18.39
CA CYS B 277 -2.71 29.48 18.75
C CYS B 277 -3.11 28.65 17.54
N LYS B 278 -2.45 28.84 16.41
CA LYS B 278 -2.79 28.13 15.19
C LYS B 278 -2.64 26.62 15.40
N VAL B 279 -3.62 25.88 14.87
CA VAL B 279 -3.60 24.42 14.93
C VAL B 279 -3.02 23.93 13.61
N ARG B 280 -1.81 23.39 13.65
CA ARG B 280 -1.15 22.96 12.42
C ARG B 280 -1.38 21.48 12.09
N ALA B 281 -1.64 20.65 13.08
CA ALA B 281 -1.81 19.23 12.84
C ALA B 281 -2.88 18.65 13.75
N LEU B 282 -3.62 17.68 13.23
CA LEU B 282 -4.65 16.97 14.00
C LEU B 282 -4.48 15.48 13.78
N ALA B 283 -4.79 14.69 14.81
CA ALA B 283 -4.75 13.24 14.71
C ALA B 283 -5.83 12.65 15.61
N PHE B 284 -6.50 11.60 15.13
CA PHE B 284 -7.61 10.99 15.83
C PHE B 284 -7.24 9.59 16.31
N ASN B 285 -7.52 9.31 17.58
CA ASN B 285 -7.31 7.98 18.15
C ASN B 285 -8.62 7.21 18.06
N ASN B 286 -8.66 6.21 17.17
CA ASN B 286 -9.89 5.46 16.98
C ASN B 286 -10.24 4.59 18.19
N LYS B 287 -9.23 4.19 18.97
CA LYS B 287 -9.47 3.30 20.11
C LYS B 287 -10.15 4.03 21.26
N ASN B 288 -9.65 5.23 21.59
CA ASN B 288 -10.18 6.03 22.68
C ASN B 288 -11.04 7.19 22.21
N LYS B 289 -11.25 7.32 20.89
CA LYS B 289 -12.07 8.39 20.33
C LYS B 289 -11.56 9.78 20.72
N GLU B 290 -10.25 9.96 20.72
CA GLU B 290 -9.64 11.22 21.08
C GLU B 290 -9.15 11.95 19.84
N LEU B 291 -9.26 13.28 19.87
CA LEU B 291 -8.74 14.13 18.81
C LEU B 291 -7.58 14.93 19.40
N GLY B 292 -6.37 14.63 18.96
CA GLY B 292 -5.20 15.37 19.39
C GLY B 292 -4.93 16.55 18.45
N ALA B 293 -4.35 17.61 19.00
CA ALA B 293 -4.05 18.79 18.20
C ALA B 293 -2.72 19.37 18.63
N VAL B 294 -1.93 19.81 17.65
CA VAL B 294 -0.64 20.43 17.91
C VAL B 294 -0.74 21.90 17.53
N SER B 295 -0.46 22.78 18.49
CA SER B 295 -0.37 24.20 18.22
C SER B 295 1.10 24.62 18.13
N LEU B 296 1.32 25.81 17.59
CA LEU B 296 2.66 26.35 17.47
C LEU B 296 3.07 27.17 18.69
N ASP B 297 2.22 27.24 19.71
CA ASP B 297 2.59 27.90 20.95
C ASP B 297 3.40 26.99 21.88
N GLY B 298 3.69 25.78 21.43
CA GLY B 298 4.45 24.84 22.22
C GLY B 298 3.63 23.90 23.08
N TYR B 299 2.31 23.97 23.01
CA TYR B 299 1.45 23.09 23.80
C TYR B 299 0.68 22.13 22.91
N PHE B 300 0.42 20.95 23.46
CA PHE B 300 -0.42 19.95 22.81
C PHE B 300 -1.77 19.93 23.50
N HIS B 301 -2.83 19.84 22.70
CA HIS B 301 -4.18 19.85 23.21
C HIS B 301 -4.88 18.56 22.85
N LEU B 302 -5.62 18.00 23.82
CA LEU B 302 -6.37 16.77 23.63
C LEU B 302 -7.84 17.05 23.82
N TRP B 303 -8.65 16.70 22.82
CA TRP B 303 -10.08 16.93 22.82
C TRP B 303 -10.80 15.59 22.67
N LYS B 304 -11.98 15.48 23.26
CA LYS B 304 -12.82 14.32 23.04
C LYS B 304 -13.63 14.52 21.76
N ALA B 305 -13.72 13.46 20.96
CA ALA B 305 -14.44 13.53 19.69
C ALA B 305 -15.22 12.24 19.45
N GLU B 306 -15.75 11.65 20.52
CA GLU B 306 -16.54 10.43 20.41
C GLU B 306 -17.95 10.72 19.89
N ASN B 307 -18.55 11.81 20.35
CA ASN B 307 -19.89 12.19 19.94
C ASN B 307 -19.97 13.70 19.73
N THR B 308 -19.29 14.46 20.60
CA THR B 308 -19.23 15.91 20.49
C THR B 308 -17.82 16.39 20.82
N LEU B 309 -17.49 17.60 20.36
CA LEU B 309 -16.15 18.16 20.50
C LEU B 309 -16.02 18.89 21.83
N SER B 310 -15.14 18.41 22.70
CA SER B 310 -14.95 18.98 24.04
C SER B 310 -13.51 18.76 24.49
N LYS B 311 -12.95 19.75 25.20
CA LYS B 311 -11.56 19.67 25.63
C LYS B 311 -11.39 18.65 26.76
N LEU B 312 -10.27 17.94 26.74
CA LEU B 312 -9.91 16.98 27.78
C LEU B 312 -8.68 17.39 28.57
N LEU B 313 -7.56 17.66 27.90
CA LEU B 313 -6.31 17.89 28.60
C LEU B 313 -5.36 18.68 27.70
N SER B 314 -4.34 19.28 28.33
CA SER B 314 -3.26 19.93 27.61
C SER B 314 -1.94 19.57 28.27
N THR B 315 -0.90 19.43 27.46
CA THR B 315 0.43 19.08 27.95
C THR B 315 1.47 20.00 27.33
N LYS B 316 2.61 20.13 27.99
CA LYS B 316 3.65 21.04 27.53
C LYS B 316 4.65 20.28 26.65
N LEU B 317 5.00 20.88 25.50
CA LEU B 317 6.02 20.29 24.65
C LEU B 317 7.41 20.79 25.07
N PRO B 318 8.42 19.93 24.93
CA PRO B 318 9.80 20.36 25.23
C PRO B 318 10.30 21.45 24.30
N TYR B 319 9.71 21.58 23.12
CA TYR B 319 10.12 22.60 22.15
C TYR B 319 8.87 23.27 21.62
N CYS B 320 8.99 24.57 21.36
CA CYS B 320 7.86 25.37 20.88
C CYS B 320 8.10 25.92 19.48
N ARG B 321 8.97 25.28 18.70
CA ARG B 321 9.34 25.78 17.38
C ARG B 321 9.07 24.71 16.34
N GLU B 322 8.40 25.09 15.25
CA GLU B 322 8.18 24.21 14.11
C GLU B 322 7.41 22.95 14.50
N ASN B 323 6.44 23.09 15.40
CA ASN B 323 5.62 21.94 15.80
C ASN B 323 4.50 21.78 14.77
N VAL B 324 4.85 21.21 13.63
CA VAL B 324 3.96 21.21 12.47
C VAL B 324 3.36 19.85 12.13
N CYS B 325 3.81 18.78 12.77
CA CYS B 325 3.32 17.46 12.41
C CYS B 325 2.92 16.68 13.66
N LEU B 326 1.87 15.89 13.52
CA LEU B 326 1.34 15.09 14.61
C LEU B 326 0.98 13.71 14.09
N ALA B 327 1.34 12.68 14.85
CA ALA B 327 0.92 11.32 14.54
C ALA B 327 0.66 10.58 15.83
N TYR B 328 -0.19 9.56 15.76
CA TYR B 328 -0.57 8.80 16.94
C TYR B 328 -0.22 7.33 16.76
N GLY B 329 0.48 6.76 17.74
CA GLY B 329 0.79 5.35 17.74
C GLY B 329 -0.27 4.54 18.46
N SER B 330 -1.11 3.84 17.71
CA SER B 330 -2.24 3.13 18.31
C SER B 330 -1.81 1.95 19.17
N GLU B 331 -0.63 1.38 18.90
CA GLU B 331 -0.13 0.25 19.67
C GLU B 331 0.67 0.68 20.89
N TRP B 332 0.91 1.97 21.04
CA TRP B 332 1.70 2.50 22.15
C TRP B 332 0.98 3.59 22.92
N SER B 333 -0.14 4.11 22.42
CA SER B 333 -0.87 5.19 23.08
C SER B 333 0.01 6.42 23.26
N VAL B 334 0.82 6.72 22.26
CA VAL B 334 1.76 7.83 22.32
C VAL B 334 1.47 8.79 21.17
N TYR B 335 1.41 10.08 21.49
CA TYR B 335 1.30 11.11 20.46
C TYR B 335 2.70 11.61 20.12
N ALA B 336 3.01 11.62 18.82
CA ALA B 336 4.30 12.09 18.34
C ALA B 336 4.11 13.50 17.79
N VAL B 337 4.84 14.46 18.33
CA VAL B 337 4.77 15.86 17.92
C VAL B 337 6.13 16.29 17.40
N GLY B 338 6.16 16.80 16.18
CA GLY B 338 7.41 17.26 15.60
C GLY B 338 7.86 18.59 16.19
N SER B 339 9.08 18.97 15.84
CA SER B 339 9.63 20.24 16.30
C SER B 339 10.75 20.66 15.36
N GLN B 340 11.48 21.70 15.75
CA GLN B 340 12.61 22.16 14.94
C GLN B 340 13.69 21.10 14.82
N ALA B 341 13.76 20.15 15.76
CA ALA B 341 14.82 19.14 15.71
C ALA B 341 14.40 17.82 16.35
N HIS B 342 13.55 17.86 17.37
CA HIS B 342 13.23 16.68 18.15
C HIS B 342 11.78 16.26 17.93
N VAL B 343 11.53 14.96 18.09
CA VAL B 343 10.17 14.41 18.12
C VAL B 343 9.78 14.20 19.57
N SER B 344 8.65 14.78 19.97
CA SER B 344 8.17 14.65 21.34
C SER B 344 7.23 13.46 21.45
N PHE B 345 7.39 12.69 22.53
CA PHE B 345 6.53 11.54 22.81
C PHE B 345 5.64 11.92 23.99
N LEU B 346 4.35 12.06 23.72
CA LEU B 346 3.39 12.55 24.69
C LEU B 346 2.50 11.41 25.18
N ASP B 347 2.16 11.46 26.46
CA ASP B 347 1.25 10.49 27.08
C ASP B 347 0.20 11.24 27.89
N PRO B 348 -1.06 11.24 27.46
CA PRO B 348 -2.11 11.95 28.21
C PRO B 348 -2.28 11.46 29.65
N ARG B 349 -1.79 10.26 29.97
CA ARG B 349 -1.90 9.72 31.32
C ARG B 349 -0.77 10.18 32.22
N GLN B 350 0.21 10.91 31.69
CA GLN B 350 1.36 11.35 32.44
C GLN B 350 1.27 12.84 32.75
N PRO B 351 2.07 13.33 33.69
CA PRO B 351 2.08 14.77 33.99
C PRO B 351 2.43 15.59 32.76
N SER B 352 1.97 16.84 32.74
CA SER B 352 2.14 17.69 31.57
C SER B 352 3.60 17.95 31.24
N TYR B 353 4.50 17.77 32.20
CA TYR B 353 5.92 17.99 31.94
C TYR B 353 6.67 16.72 31.57
N ASN B 354 6.02 15.56 31.71
CA ASN B 354 6.70 14.27 31.46
C ASN B 354 6.55 13.88 30.00
N VAL B 355 7.31 14.60 29.15
CA VAL B 355 7.31 14.37 27.71
C VAL B 355 8.74 14.08 27.29
N LYS B 356 8.93 12.96 26.58
CA LYS B 356 10.27 12.60 26.13
C LYS B 356 10.52 13.18 24.75
N SER B 357 11.80 13.42 24.44
CA SER B 357 12.17 13.98 23.15
C SER B 357 13.32 13.17 22.55
N VAL B 358 13.24 12.90 21.26
CA VAL B 358 14.29 12.22 20.52
C VAL B 358 14.76 13.13 19.40
N CYS B 359 16.06 13.34 19.29
CA CYS B 359 16.60 14.25 18.29
C CYS B 359 16.71 13.55 16.95
N SER B 360 16.14 14.16 15.90
CA SER B 360 16.27 13.63 14.55
C SER B 360 17.66 13.86 13.97
N ARG B 361 18.51 14.65 14.65
CA ARG B 361 19.87 14.97 14.23
C ARG B 361 19.90 15.97 13.07
N GLU B 362 18.73 16.32 12.52
CA GLU B 362 18.64 17.29 11.43
C GLU B 362 18.34 18.69 11.98
N ARG B 363 19.26 19.20 12.81
CA ARG B 363 19.03 20.46 13.50
C ARG B 363 19.03 21.64 12.54
N GLY B 364 18.07 22.55 12.74
CA GLY B 364 17.97 23.77 11.95
C GLY B 364 17.10 23.65 10.72
N SER B 365 16.74 22.44 10.31
CA SER B 365 15.89 22.23 9.13
C SER B 365 14.43 22.00 9.46
N GLY B 366 14.13 21.45 10.64
CA GLY B 366 12.75 21.25 11.07
C GLY B 366 12.22 19.89 10.68
N ILE B 367 11.30 19.39 11.50
CA ILE B 367 10.58 18.14 11.22
C ILE B 367 9.26 18.50 10.56
N ARG B 368 9.02 17.97 9.37
CA ARG B 368 7.83 18.34 8.61
C ARG B 368 6.72 17.29 8.64
N SER B 369 7.05 16.02 8.87
CA SER B 369 6.03 14.99 8.92
C SER B 369 6.45 13.91 9.91
N VAL B 370 5.47 13.19 10.45
CA VAL B 370 5.73 12.08 11.35
C VAL B 370 4.61 11.06 11.21
N SER B 371 4.95 9.77 11.32
CA SER B 371 3.95 8.72 11.27
C SER B 371 4.45 7.48 11.99
N PHE B 372 3.50 6.63 12.38
CA PHE B 372 3.80 5.37 13.06
C PHE B 372 3.58 4.20 12.11
N TYR B 373 4.55 3.30 12.05
CA TYR B 373 4.42 2.01 11.37
C TYR B 373 4.77 0.96 12.42
N GLU B 374 3.74 0.43 13.09
CA GLU B 374 3.92 -0.51 14.21
C GLU B 374 4.67 0.21 15.32
N HIS B 375 5.84 -0.24 15.71
CA HIS B 375 6.66 0.37 16.73
C HIS B 375 7.79 1.22 16.14
N ILE B 376 7.77 1.45 14.83
CA ILE B 376 8.78 2.27 14.15
C ILE B 376 8.14 3.61 13.79
N ILE B 377 8.78 4.69 14.22
CA ILE B 377 8.29 6.04 13.92
C ILE B 377 9.09 6.60 12.75
N THR B 378 8.41 7.02 11.69
CA THR B 378 9.03 7.62 10.52
C THR B 378 8.95 9.14 10.63
N VAL B 379 10.10 9.81 10.52
CA VAL B 379 10.21 11.25 10.75
C VAL B 379 10.73 11.91 9.48
N GLY B 380 9.94 12.81 8.89
CA GLY B 380 10.35 13.56 7.71
C GLY B 380 10.89 14.94 8.09
N THR B 381 11.98 15.33 7.44
CA THR B 381 12.69 16.58 7.77
C THR B 381 12.80 17.49 6.55
N GLY B 382 13.23 18.73 6.81
CA GLY B 382 13.39 19.74 5.79
C GLY B 382 14.55 19.50 4.84
N GLN B 383 15.46 18.60 5.18
CA GLN B 383 16.55 18.23 4.30
C GLN B 383 16.13 17.21 3.25
N GLY B 384 14.87 16.80 3.26
CA GLY B 384 14.39 15.80 2.33
C GLY B 384 14.70 14.38 2.70
N SER B 385 14.91 14.11 3.98
CA SER B 385 15.25 12.78 4.46
C SER B 385 14.18 12.28 5.43
N LEU B 386 14.12 10.95 5.58
CA LEU B 386 13.20 10.29 6.49
C LEU B 386 13.97 9.41 7.45
N LEU B 387 13.80 9.65 8.74
CA LEU B 387 14.46 8.90 9.80
C LEU B 387 13.49 7.88 10.40
N PHE B 388 14.03 6.78 10.90
CA PHE B 388 13.23 5.72 11.49
C PHE B 388 13.67 5.52 12.94
N TYR B 389 12.71 5.63 13.87
CA TYR B 389 12.99 5.46 15.29
C TYR B 389 12.31 4.20 15.80
N ASP B 390 13.06 3.35 16.50
CA ASP B 390 12.56 2.08 17.03
C ASP B 390 12.15 2.29 18.48
N ILE B 391 10.84 2.22 18.75
CA ILE B 391 10.33 2.44 20.10
C ILE B 391 10.82 1.36 21.05
N ARG B 392 10.78 0.09 20.61
CA ARG B 392 11.17 -1.02 21.47
C ARG B 392 12.64 -0.93 21.83
N ALA B 393 13.49 -0.58 20.87
CA ALA B 393 14.91 -0.44 21.12
C ALA B 393 15.28 0.95 21.63
N GLN B 394 14.34 1.91 21.58
CA GLN B 394 14.60 3.26 22.05
C GLN B 394 15.79 3.89 21.33
N ARG B 395 15.90 3.65 20.02
CA ARG B 395 17.02 4.17 19.24
C ARG B 395 16.61 4.20 17.77
N PHE B 396 17.36 4.97 16.98
CA PHE B 396 17.12 5.03 15.55
C PHE B 396 17.70 3.80 14.87
N LEU B 397 17.00 3.32 13.84
CA LEU B 397 17.47 2.14 13.11
C LEU B 397 18.75 2.47 12.36
N GLU B 398 19.68 1.52 12.36
CA GLU B 398 20.96 1.71 11.67
C GLU B 398 20.92 1.05 10.29
N GLU B 399 21.68 1.61 9.36
CA GLU B 399 21.73 1.07 8.01
C GLU B 399 22.60 -0.19 7.99
N ARG B 400 22.16 -1.18 7.21
CA ARG B 400 22.89 -2.44 7.07
C ARG B 400 24.27 -2.20 6.44
N GLU B 414 25.59 5.63 12.17
CA GLU B 414 25.06 5.65 10.81
C GLU B 414 23.55 5.33 10.81
N ASN B 415 22.74 6.34 11.14
CA ASN B 415 21.30 6.15 11.17
C ASN B 415 20.75 5.91 9.76
N LEU B 416 19.84 4.95 9.65
CA LEU B 416 19.24 4.63 8.36
C LEU B 416 18.25 5.72 7.97
N LYS B 417 18.35 6.21 6.72
CA LYS B 417 17.46 7.27 6.27
C LYS B 417 17.21 7.18 4.76
N LEU B 418 15.99 7.50 4.35
CA LEU B 418 15.64 7.61 2.95
C LEU B 418 15.79 9.07 2.50
N THR B 419 16.12 9.28 1.23
CA THR B 419 16.29 10.62 0.69
C THR B 419 15.45 10.82 -0.56
N THR B 420 14.89 12.03 -0.70
CA THR B 420 14.07 12.38 -1.85
C THR B 420 14.94 12.73 -3.07
N GLY B 421 14.32 12.69 -4.24
CA GLY B 421 14.99 13.01 -5.48
C GLY B 421 14.91 14.49 -5.82
N LYS B 422 15.31 14.81 -7.06
CA LYS B 422 15.32 16.20 -7.49
C LYS B 422 13.91 16.74 -7.75
N GLY B 423 13.00 15.88 -8.21
CA GLY B 423 11.64 16.35 -8.47
C GLY B 423 11.65 17.46 -9.51
N TRP B 424 11.00 18.57 -9.18
CA TRP B 424 10.93 19.71 -10.09
C TRP B 424 11.02 21.00 -9.29
N LEU B 425 11.93 21.89 -9.67
CA LEU B 425 12.10 23.18 -9.01
C LEU B 425 11.75 24.31 -9.97
N ASN B 426 10.99 25.28 -9.49
CA ASN B 426 10.53 26.41 -10.29
C ASN B 426 11.45 27.60 -10.06
N HIS B 427 12.30 27.90 -11.05
CA HIS B 427 13.18 29.07 -10.99
C HIS B 427 12.40 30.32 -11.41
N ASP B 428 11.41 30.67 -10.59
CA ASP B 428 10.51 31.77 -10.89
C ASP B 428 11.08 33.10 -10.38
N GLU B 429 10.28 34.16 -10.48
CA GLU B 429 10.71 35.49 -10.06
C GLU B 429 11.00 35.53 -8.56
N THR B 430 10.20 34.85 -7.74
CA THR B 430 10.44 34.86 -6.31
C THR B 430 11.79 34.24 -5.97
N TRP B 431 12.11 33.10 -6.59
CA TRP B 431 13.42 32.50 -6.42
C TRP B 431 14.51 33.49 -6.81
N ARG B 432 14.33 34.14 -7.98
CA ARG B 432 15.34 35.08 -8.46
C ARG B 432 15.53 36.24 -7.49
N ASN B 433 14.47 36.64 -6.79
CA ASN B 433 14.56 37.79 -5.91
C ASN B 433 15.17 37.45 -4.57
N TYR B 434 14.94 36.24 -4.05
CA TYR B 434 15.40 35.91 -2.71
C TYR B 434 16.46 34.82 -2.65
N PHE B 435 16.44 33.86 -3.58
CA PHE B 435 17.29 32.68 -3.50
C PHE B 435 18.15 32.52 -4.74
N SER B 436 18.52 33.62 -5.40
CA SER B 436 19.26 33.54 -6.65
C SER B 436 20.65 32.93 -6.49
N ASP B 437 21.16 32.88 -5.26
CA ASP B 437 22.51 32.35 -5.03
C ASP B 437 22.56 30.84 -4.93
N ILE B 438 21.41 30.17 -4.94
CA ILE B 438 21.34 28.71 -4.87
C ILE B 438 20.51 28.20 -6.04
N ASP B 439 21.10 27.29 -6.82
CA ASP B 439 20.40 26.75 -7.98
C ASP B 439 19.47 25.61 -7.63
N PHE B 440 19.80 24.82 -6.60
CA PHE B 440 19.01 23.64 -6.26
C PHE B 440 18.82 23.57 -4.75
N PHE B 441 17.60 23.23 -4.34
CA PHE B 441 17.30 22.99 -2.94
C PHE B 441 16.81 21.57 -2.75
N PRO B 442 17.17 20.91 -1.65
CA PRO B 442 16.65 19.56 -1.39
C PRO B 442 15.14 19.61 -1.20
N ASN B 443 14.47 18.54 -1.62
CA ASN B 443 13.01 18.47 -1.54
C ASN B 443 12.60 17.94 -0.17
N ALA B 444 12.11 18.84 0.68
CA ALA B 444 11.71 18.49 2.03
C ALA B 444 10.56 17.48 2.01
N VAL B 445 10.53 16.62 3.02
CA VAL B 445 9.48 15.61 3.15
C VAL B 445 8.31 16.27 3.88
N TYR B 446 7.29 16.69 3.13
CA TYR B 446 6.12 17.28 3.76
C TYR B 446 5.07 16.26 4.13
N THR B 447 5.01 15.15 3.41
CA THR B 447 4.02 14.13 3.70
C THR B 447 4.58 12.77 3.31
N HIS B 448 4.15 11.74 4.04
CA HIS B 448 4.46 10.37 3.71
C HIS B 448 3.41 9.48 4.35
N CYS B 449 3.21 8.29 3.77
CA CYS B 449 2.19 7.41 4.30
C CYS B 449 2.47 5.98 3.88
N TYR B 450 2.20 5.04 4.80
CA TYR B 450 2.36 3.62 4.52
C TYR B 450 1.07 3.02 3.99
N ASP B 451 1.21 2.04 3.10
CA ASP B 451 0.05 1.37 2.55
C ASP B 451 -0.50 0.37 3.56
N SER B 452 -1.62 -0.27 3.20
CA SER B 452 -2.26 -1.22 4.11
C SER B 452 -1.37 -2.40 4.45
N SER B 453 -0.47 -2.78 3.54
CA SER B 453 0.45 -3.86 3.84
C SER B 453 1.64 -3.40 4.66
N GLY B 454 1.92 -2.10 4.68
CA GLY B 454 3.06 -1.59 5.41
C GLY B 454 4.39 -1.70 4.70
N THR B 455 4.41 -2.22 3.47
CA THR B 455 5.65 -2.38 2.74
C THR B 455 5.91 -1.26 1.74
N LYS B 456 4.89 -0.52 1.32
CA LYS B 456 5.06 0.61 0.42
C LYS B 456 4.95 1.91 1.21
N LEU B 457 5.97 2.76 1.08
CA LEU B 457 6.00 4.06 1.75
C LEU B 457 6.00 5.16 0.69
N PHE B 458 4.91 5.90 0.60
CA PHE B 458 4.83 7.02 -0.33
C PHE B 458 5.44 8.25 0.32
N VAL B 459 6.30 8.94 -0.41
CA VAL B 459 6.98 10.14 0.08
C VAL B 459 6.73 11.26 -0.91
N ALA B 460 6.35 12.44 -0.41
CA ALA B 460 6.13 13.58 -1.29
C ALA B 460 6.44 14.86 -0.54
N GLY B 461 6.77 15.90 -1.32
CA GLY B 461 7.06 17.18 -0.73
C GLY B 461 7.53 18.22 -1.74
N GLY B 462 8.55 18.97 -1.38
CA GLY B 462 9.07 20.03 -2.20
C GLY B 462 10.19 20.76 -1.48
N PRO B 463 10.69 21.83 -2.09
CA PRO B 463 11.79 22.58 -1.45
C PRO B 463 11.39 23.07 -0.07
N LEU B 464 12.35 23.06 0.85
CA LEU B 464 12.08 23.54 2.20
C LEU B 464 11.68 25.01 2.26
N PRO B 465 12.35 25.93 1.56
CA PRO B 465 12.02 27.36 1.72
C PRO B 465 10.58 27.67 1.33
N SER B 466 9.94 28.49 2.16
CA SER B 466 8.56 28.90 1.89
C SER B 466 8.45 29.80 0.67
N GLY B 467 9.53 30.48 0.30
CA GLY B 467 9.50 31.36 -0.85
C GLY B 467 9.71 30.69 -2.19
N LEU B 468 10.00 29.39 -2.22
CA LEU B 468 10.26 28.67 -3.46
C LEU B 468 9.07 27.78 -3.82
N HIS B 469 8.93 27.49 -5.11
CA HIS B 469 7.96 26.54 -5.61
C HIS B 469 8.69 25.36 -6.23
N GLY B 470 8.14 24.15 -6.02
CA GLY B 470 8.77 22.94 -6.51
C GLY B 470 8.19 21.71 -5.85
N ASN B 471 8.28 20.54 -6.49
CA ASN B 471 7.57 19.38 -6.00
C ASN B 471 8.44 18.13 -6.10
N TYR B 472 8.09 17.15 -5.28
CA TYR B 472 8.71 15.83 -5.37
C TYR B 472 7.68 14.79 -4.93
N ALA B 473 7.73 13.61 -5.55
CA ALA B 473 6.99 12.48 -5.05
C ALA B 473 7.65 11.19 -5.54
N GLY B 474 7.50 10.14 -4.76
CA GLY B 474 8.03 8.85 -5.13
C GLY B 474 7.49 7.78 -4.22
N LEU B 475 7.56 6.53 -4.70
CA LEU B 475 7.08 5.39 -3.94
C LEU B 475 8.28 4.52 -3.57
N TRP B 476 8.48 4.32 -2.28
CA TRP B 476 9.54 3.45 -1.79
C TRP B 476 8.98 2.05 -1.59
N SER B 477 9.66 1.06 -2.17
CA SER B 477 9.20 -0.33 -2.09
C SER B 477 10.35 -1.31 -2.25
N LYS C 49 7.23 32.40 39.84
CA LYS C 49 7.76 32.52 38.49
C LYS C 49 6.84 33.34 37.60
N SER C 50 7.36 34.43 37.04
CA SER C 50 6.59 35.31 36.17
C SER C 50 6.91 34.99 34.73
N ARG C 51 5.89 34.66 33.95
CA ARG C 51 6.03 34.32 32.54
C ARG C 51 5.28 35.34 31.70
N LEU C 52 5.88 35.76 30.59
CA LEU C 52 5.24 36.66 29.64
C LEU C 52 4.70 35.83 28.49
N MET C 53 3.38 35.77 28.37
CA MET C 53 2.72 34.90 27.39
C MET C 53 2.40 35.69 26.12
N GLY C 54 2.92 35.22 24.99
CA GLY C 54 2.61 35.79 23.68
C GLY C 54 2.99 37.25 23.51
N LEU C 55 1.98 38.05 23.19
CA LEU C 55 2.20 39.47 22.95
C LEU C 55 2.85 40.12 24.14
N GLU C 56 2.66 39.58 25.35
CA GLU C 56 3.29 40.15 26.53
C GLU C 56 4.81 40.09 26.42
N ALA C 57 5.34 38.96 25.93
CA ALA C 57 6.78 38.85 25.76
C ALA C 57 7.27 39.84 24.73
N LEU C 58 6.50 40.04 23.66
CA LEU C 58 6.92 41.04 22.67
C LEU C 58 6.58 42.47 23.08
N LYS C 59 5.64 42.65 24.01
CA LYS C 59 5.20 43.97 24.40
C LYS C 59 6.35 44.76 24.99
N SER C 60 7.27 44.09 25.69
CA SER C 60 8.45 44.77 26.20
C SER C 60 9.22 45.44 25.07
N HIS C 61 9.40 44.74 23.95
CA HIS C 61 10.08 45.32 22.80
C HIS C 61 9.22 46.37 22.11
N ILE C 62 7.91 46.16 22.06
CA ILE C 62 7.03 47.12 21.39
C ILE C 62 7.05 48.45 22.13
N MET C 63 6.86 48.41 23.44
CA MET C 63 6.85 49.62 24.25
C MET C 63 8.17 50.34 24.17
N ALA C 64 9.30 49.62 24.25
CA ALA C 64 10.58 50.30 24.13
C ALA C 64 10.73 50.96 22.75
N ALA C 65 10.33 50.25 21.69
CA ALA C 65 10.41 50.82 20.35
C ALA C 65 9.52 52.05 20.23
N LYS C 66 8.35 52.04 20.86
CA LYS C 66 7.51 53.23 20.84
C LYS C 66 8.11 54.33 21.69
N ALA C 67 8.75 53.98 22.80
CA ALA C 67 9.34 54.99 23.67
C ALA C 67 10.34 55.85 22.90
N VAL C 68 11.12 55.21 22.02
CA VAL C 68 12.03 55.99 21.18
C VAL C 68 11.31 56.58 19.97
N ALA C 69 10.43 55.82 19.33
CA ALA C 69 9.79 56.30 18.11
C ALA C 69 8.96 57.54 18.40
N ASN C 70 8.43 57.66 19.62
CA ASN C 70 7.65 58.83 20.00
C ASN C 70 8.48 60.10 19.90
N THR C 71 9.79 60.01 20.13
CA THR C 71 10.65 61.17 19.96
C THR C 71 11.23 61.26 18.55
N MET C 72 11.41 60.12 17.89
CA MET C 72 11.95 60.17 16.54
C MET C 72 10.93 60.66 15.53
N ARG C 73 9.65 60.31 15.72
CA ARG C 73 8.61 60.72 14.77
C ARG C 73 8.39 62.23 14.75
N THR C 74 8.75 62.92 15.82
CA THR C 74 8.59 64.38 15.88
C THR C 74 9.82 65.11 15.37
N SER C 75 10.88 64.38 15.01
CA SER C 75 12.13 65.00 14.56
C SER C 75 12.41 64.77 13.08
N LEU C 76 11.50 64.14 12.35
CA LEU C 76 11.75 63.82 10.95
C LEU C 76 11.60 65.05 10.08
N GLY C 77 12.48 65.14 9.07
CA GLY C 77 12.36 66.16 8.05
C GLY C 77 12.82 67.54 8.50
N PRO C 78 12.76 68.51 7.57
CA PRO C 78 13.14 69.88 7.93
C PRO C 78 12.24 70.51 8.98
N ASN C 79 11.04 70.00 9.18
CA ASN C 79 10.12 70.50 10.19
C ASN C 79 10.24 69.75 11.51
N GLY C 80 11.27 68.93 11.65
CA GLY C 80 11.44 68.16 12.88
C GLY C 80 11.73 69.06 14.07
N LEU C 81 11.25 68.64 15.24
CA LEU C 81 11.45 69.36 16.48
C LEU C 81 12.75 68.89 17.11
N ASP C 82 13.58 69.83 17.55
CA ASP C 82 14.85 69.48 18.17
C ASP C 82 14.63 68.98 19.60
N LYS C 83 15.55 68.15 20.06
CA LYS C 83 15.52 67.57 21.40
C LYS C 83 16.59 68.27 22.24
N MET C 84 16.17 68.92 23.32
CA MET C 84 17.08 69.57 24.25
C MET C 84 17.33 68.65 25.43
N MET C 85 18.60 68.51 25.82
CA MET C 85 18.97 67.62 26.91
C MET C 85 20.00 68.30 27.80
N VAL C 86 19.92 68.01 29.09
CA VAL C 86 20.91 68.46 30.07
C VAL C 86 21.72 67.26 30.51
N ASP C 87 23.04 67.37 30.42
CA ASP C 87 23.90 66.24 30.76
C ASP C 87 24.07 66.14 32.27
N LYS C 88 24.77 65.08 32.70
CA LYS C 88 25.04 64.88 34.12
C LYS C 88 25.92 65.98 34.71
N ASP C 89 26.66 66.70 33.86
CA ASP C 89 27.50 67.81 34.31
C ASP C 89 26.77 69.14 34.24
N GLY C 90 25.46 69.13 33.96
CA GLY C 90 24.72 70.36 33.81
C GLY C 90 24.94 71.05 32.49
N ASP C 91 25.34 70.31 31.46
CA ASP C 91 25.63 70.87 30.15
C ASP C 91 24.42 70.66 29.24
N VAL C 92 23.83 71.75 28.78
CA VAL C 92 22.66 71.71 27.91
C VAL C 92 23.13 71.65 26.46
N THR C 93 22.55 70.73 25.70
CA THR C 93 22.85 70.56 24.29
C THR C 93 21.55 70.44 23.52
N VAL C 94 21.56 70.86 22.27
CA VAL C 94 20.38 70.78 21.40
C VAL C 94 20.76 69.97 20.17
N THR C 95 20.06 68.85 19.97
CA THR C 95 20.33 67.97 18.86
C THR C 95 19.03 67.50 18.27
N ASN C 96 19.08 67.10 17.00
CA ASN C 96 17.95 66.43 16.35
C ASN C 96 18.42 65.10 15.77
N ASP C 97 19.58 64.62 16.22
CA ASP C 97 20.17 63.40 15.71
C ASP C 97 19.76 62.25 16.61
N GLY C 98 19.06 61.27 16.03
CA GLY C 98 18.61 60.13 16.81
C GLY C 98 19.73 59.42 17.54
N ALA C 99 20.91 59.35 16.93
CA ALA C 99 22.05 58.69 17.56
C ALA C 99 22.48 59.41 18.83
N THR C 100 22.45 60.75 18.81
CA THR C 100 22.91 61.52 19.97
C THR C 100 21.98 61.33 21.16
N ILE C 101 20.67 61.42 20.92
CA ILE C 101 19.71 61.31 22.02
C ILE C 101 19.69 59.89 22.57
N LEU C 102 19.85 58.89 21.70
CA LEU C 102 19.86 57.51 22.19
C LEU C 102 21.12 57.23 23.00
N SER C 103 22.25 57.84 22.63
CA SER C 103 23.48 57.61 23.39
C SER C 103 23.52 58.44 24.66
N MET C 104 22.90 59.61 24.66
CA MET C 104 22.95 60.49 25.82
C MET C 104 21.96 60.07 26.90
N MET C 105 20.83 59.50 26.52
CA MET C 105 19.85 59.05 27.51
C MET C 105 20.33 57.77 28.17
N ASP C 106 19.94 57.59 29.43
CA ASP C 106 20.34 56.40 30.19
C ASP C 106 19.60 55.19 29.64
N VAL C 107 20.35 54.21 29.14
CA VAL C 107 19.77 53.02 28.54
C VAL C 107 19.32 52.07 29.64
N ASP C 108 18.06 51.64 29.57
CA ASP C 108 17.51 50.71 30.56
C ASP C 108 16.75 49.57 29.89
N HIS C 109 16.91 49.38 28.59
CA HIS C 109 16.18 48.35 27.88
C HIS C 109 17.01 47.86 26.71
N GLN C 110 16.81 46.59 26.35
CA GLN C 110 17.57 45.98 25.26
C GLN C 110 17.34 46.72 23.95
N ILE C 111 16.11 47.16 23.68
CA ILE C 111 15.83 47.91 22.47
C ILE C 111 16.57 49.24 22.47
N ALA C 112 16.53 49.95 23.61
CA ALA C 112 17.24 51.22 23.69
C ALA C 112 18.73 51.05 23.46
N LYS C 113 19.29 49.90 23.86
CA LYS C 113 20.70 49.63 23.61
C LYS C 113 20.94 49.33 22.13
N LEU C 114 20.05 48.55 21.50
CA LEU C 114 20.22 48.19 20.09
C LEU C 114 19.98 49.39 19.17
N MET C 115 19.07 50.29 19.56
CA MET C 115 18.74 51.44 18.74
C MET C 115 19.91 52.39 18.59
N VAL C 116 20.81 52.42 19.58
CA VAL C 116 22.01 53.25 19.48
C VAL C 116 22.82 52.85 18.25
N GLU C 117 23.05 51.55 18.09
CA GLU C 117 23.78 51.07 16.91
C GLU C 117 22.97 51.27 15.64
N LEU C 118 21.65 51.12 15.73
CA LEU C 118 20.81 51.31 14.55
C LEU C 118 20.99 52.71 13.95
N SER C 119 21.01 53.74 14.80
CA SER C 119 21.20 55.11 14.28
C SER C 119 22.67 55.42 13.99
N LYS C 120 23.58 54.84 14.79
CA LYS C 120 24.99 55.10 14.60
C LYS C 120 25.46 54.63 13.23
N SER C 121 24.97 53.47 12.78
CA SER C 121 25.33 52.97 11.46
C SER C 121 24.82 53.88 10.35
N GLN C 122 23.83 54.73 10.64
CA GLN C 122 23.28 55.61 9.61
C GLN C 122 24.12 56.86 9.45
N ASP C 123 24.51 57.47 10.56
CA ASP C 123 25.32 58.70 10.43
C ASP C 123 26.77 58.40 10.05
N ASP C 124 27.28 57.21 10.40
CA ASP C 124 28.67 56.90 10.06
C ASP C 124 28.86 56.77 8.54
N GLU C 125 27.87 56.22 7.85
CA GLU C 125 27.99 55.98 6.42
C GLU C 125 27.25 57.02 5.59
N ILE C 126 26.02 57.37 5.99
CA ILE C 126 25.17 58.26 5.21
C ILE C 126 25.14 59.66 5.80
N GLY C 127 24.94 59.77 7.11
CA GLY C 127 24.74 61.06 7.72
C GLY C 127 23.32 61.24 8.22
N ASP C 128 22.46 61.84 7.40
CA ASP C 128 21.08 62.07 7.81
C ASP C 128 20.28 60.77 7.76
N GLY C 129 19.12 60.80 8.41
CA GLY C 129 18.27 59.64 8.51
C GLY C 129 18.43 58.84 9.78
N THR C 130 19.18 59.37 10.76
CA THR C 130 19.38 58.65 12.02
C THR C 130 18.06 58.48 12.78
N THR C 131 17.14 59.42 12.63
CA THR C 131 15.84 59.29 13.26
C THR C 131 14.87 58.47 12.42
N GLY C 132 15.02 58.50 11.09
CA GLY C 132 14.11 57.77 10.24
C GLY C 132 14.26 56.26 10.33
N VAL C 133 15.50 55.79 10.53
CA VAL C 133 15.72 54.35 10.64
C VAL C 133 15.01 53.78 11.86
N VAL C 134 15.01 54.54 12.96
CA VAL C 134 14.39 54.06 14.19
C VAL C 134 12.88 54.03 14.04
N VAL C 135 12.31 55.08 13.43
CA VAL C 135 10.87 55.14 13.21
C VAL C 135 10.41 53.97 12.35
N LEU C 136 11.16 53.67 11.28
CA LEU C 136 10.79 52.56 10.41
C LEU C 136 10.87 51.22 11.15
N ALA C 137 11.95 51.01 11.93
CA ALA C 137 12.06 49.77 12.69
C ALA C 137 10.92 49.62 13.68
N GLY C 138 10.56 50.72 14.35
CA GLY C 138 9.44 50.67 15.28
C GLY C 138 8.12 50.38 14.59
N ALA C 139 7.93 50.94 13.39
CA ALA C 139 6.70 50.68 12.66
C ALA C 139 6.60 49.22 12.24
N LEU C 140 7.72 48.62 11.82
CA LEU C 140 7.69 47.22 11.46
C LEU C 140 7.32 46.35 12.65
N LEU C 141 7.84 46.69 13.84
CA LEU C 141 7.47 45.94 15.05
C LEU C 141 6.01 46.17 15.43
N GLU C 142 5.55 47.42 15.33
CA GLU C 142 4.18 47.75 15.68
C GLU C 142 3.20 46.97 14.81
N GLU C 143 3.50 46.83 13.53
CA GLU C 143 2.65 46.01 12.66
C GLU C 143 2.82 44.52 12.94
N ALA C 144 4.01 44.11 13.40
CA ALA C 144 4.22 42.71 13.75
C ALA C 144 3.22 42.24 14.80
N GLU C 145 2.87 43.11 15.73
CA GLU C 145 1.86 42.73 16.72
C GLU C 145 0.55 42.29 16.04
N GLN C 146 0.10 43.04 15.03
CA GLN C 146 -1.12 42.69 14.31
C GLN C 146 -0.96 41.36 13.58
N LEU C 147 0.22 41.12 13.02
CA LEU C 147 0.45 39.84 12.37
C LEU C 147 0.30 38.68 13.36
N LEU C 148 0.77 38.87 14.59
CA LEU C 148 0.60 37.82 15.60
C LEU C 148 -0.87 37.57 15.89
N ASP C 149 -1.67 38.63 15.94
CA ASP C 149 -3.11 38.43 16.13
C ASP C 149 -3.73 37.65 14.97
N ARG C 150 -3.17 37.76 13.78
CA ARG C 150 -3.65 36.92 12.69
C ARG C 150 -3.37 35.43 12.93
N GLY C 151 -2.53 35.10 13.90
CA GLY C 151 -2.12 33.74 14.14
C GLY C 151 -0.90 33.33 13.35
N ILE C 152 -0.22 34.28 12.72
CA ILE C 152 0.97 33.99 11.94
C ILE C 152 2.14 33.81 12.89
N HIS C 153 2.92 32.76 12.65
CA HIS C 153 3.99 32.38 13.57
C HIS C 153 4.98 33.53 13.72
N PRO C 154 5.49 33.78 14.92
CA PRO C 154 6.44 34.91 15.11
C PRO C 154 7.65 34.87 14.17
N ILE C 155 8.14 33.67 13.86
CA ILE C 155 9.28 33.57 12.95
C ILE C 155 8.86 33.85 11.52
N ARG C 156 7.67 33.39 11.12
CA ARG C 156 7.22 33.60 9.75
C ARG C 156 7.00 35.07 9.45
N ILE C 157 6.51 35.84 10.43
CA ILE C 157 6.38 37.28 10.24
C ILE C 157 7.76 37.92 10.12
N ALA C 158 8.73 37.47 10.93
CA ALA C 158 10.09 37.99 10.75
C ALA C 158 10.63 37.71 9.34
N ASP C 159 10.35 36.51 8.83
CA ASP C 159 10.81 36.14 7.49
C ASP C 159 10.19 37.06 6.44
N GLY C 160 8.89 37.34 6.57
CA GLY C 160 8.23 38.23 5.64
C GLY C 160 8.78 39.64 5.66
N TYR C 161 9.17 40.14 6.83
CA TYR C 161 9.75 41.48 6.90
C TYR C 161 11.08 41.55 6.18
N GLU C 162 11.90 40.51 6.31
CA GLU C 162 13.18 40.54 5.59
C GLU C 162 12.97 40.49 4.08
N GLN C 163 12.05 39.63 3.61
CA GLN C 163 11.78 39.54 2.17
C GLN C 163 11.29 40.89 1.62
N ALA C 164 10.36 41.52 2.34
CA ALA C 164 9.83 42.79 1.90
C ALA C 164 10.92 43.87 1.89
N ALA C 165 11.84 43.82 2.87
CA ALA C 165 12.91 44.81 2.89
C ALA C 165 13.82 44.67 1.68
N ARG C 166 14.13 43.43 1.28
CA ARG C 166 14.98 43.25 0.11
C ARG C 166 14.37 43.89 -1.13
N VAL C 167 13.06 43.68 -1.33
CA VAL C 167 12.42 44.27 -2.50
C VAL C 167 12.34 45.80 -2.37
N ALA C 168 12.01 46.30 -1.17
CA ALA C 168 11.89 47.74 -0.99
C ALA C 168 13.22 48.44 -1.22
N ILE C 169 14.32 47.79 -0.86
CA ILE C 169 15.64 48.37 -1.07
C ILE C 169 15.98 48.41 -2.54
N GLU C 170 15.80 47.28 -3.24
CA GLU C 170 16.16 47.25 -4.65
C GLU C 170 15.27 48.16 -5.49
N HIS C 171 14.00 48.32 -5.12
CA HIS C 171 13.10 49.17 -5.89
C HIS C 171 13.55 50.62 -5.89
N LEU C 172 14.38 51.02 -4.92
CA LEU C 172 14.88 52.39 -4.85
C LEU C 172 15.77 52.75 -6.03
N ASP C 173 16.34 51.76 -6.72
CA ASP C 173 17.18 52.06 -7.87
C ASP C 173 16.38 52.65 -9.02
N LYS C 174 15.11 52.29 -9.12
CA LYS C 174 14.24 52.85 -10.16
C LYS C 174 13.52 54.11 -9.70
N ILE C 175 13.34 54.29 -8.40
CA ILE C 175 12.65 55.47 -7.90
C ILE C 175 13.56 56.68 -8.00
N SER C 176 13.02 57.78 -8.55
CA SER C 176 13.72 59.06 -8.66
C SER C 176 14.75 59.09 -9.77
N ASP C 177 14.53 59.97 -10.75
CA ASP C 177 15.35 60.05 -11.96
C ASP C 177 16.78 60.49 -11.64
N SER C 178 17.70 60.11 -12.52
CA SER C 178 19.13 60.37 -12.36
C SER C 178 19.60 61.58 -13.17
N VAL C 179 18.69 62.45 -13.59
CA VAL C 179 19.03 63.65 -14.34
C VAL C 179 18.83 64.85 -13.42
N LEU C 180 19.92 65.55 -13.11
CA LEU C 180 19.88 66.70 -12.20
C LEU C 180 20.62 67.87 -12.83
N VAL C 181 19.97 69.04 -12.88
CA VAL C 181 20.59 70.25 -13.40
C VAL C 181 21.31 70.96 -12.27
N ASP C 182 22.55 71.41 -12.55
CA ASP C 182 23.38 72.06 -11.54
C ASP C 182 22.69 73.27 -10.92
N ILE C 183 22.03 74.08 -11.74
CA ILE C 183 21.37 75.28 -11.23
C ILE C 183 20.15 74.92 -10.40
N LYS C 184 19.31 74.02 -10.92
CA LYS C 184 18.12 73.61 -10.19
C LYS C 184 18.46 72.87 -8.92
N ASP C 185 19.57 72.12 -8.91
CA ASP C 185 19.94 71.37 -7.71
C ASP C 185 20.56 72.26 -6.65
N THR C 186 21.19 73.37 -7.04
CA THR C 186 21.81 74.25 -6.05
C THR C 186 20.80 74.75 -5.02
N GLU C 187 19.60 75.13 -5.46
CA GLU C 187 18.60 75.69 -4.55
C GLU C 187 18.16 74.74 -3.45
N PRO C 188 17.69 73.51 -3.73
CA PRO C 188 17.32 72.62 -2.63
C PRO C 188 18.49 72.28 -1.73
N LEU C 189 19.72 72.30 -2.24
CA LEU C 189 20.88 72.07 -1.39
C LEU C 189 21.04 73.19 -0.36
N ILE C 190 20.82 74.43 -0.79
CA ILE C 190 20.89 75.57 0.14
C ILE C 190 19.80 75.47 1.19
N GLN C 191 18.56 75.18 0.75
CA GLN C 191 17.47 75.03 1.70
C GLN C 191 17.70 73.87 2.66
N THR C 192 18.28 72.76 2.14
CA THR C 192 18.55 71.61 2.99
C THR C 192 19.57 71.95 4.06
N ALA C 193 20.64 72.65 3.69
CA ALA C 193 21.64 73.02 4.68
C ALA C 193 21.05 73.96 5.73
N LYS C 194 20.19 74.90 5.30
CA LYS C 194 19.58 75.82 6.24
C LYS C 194 18.67 75.11 7.22
N THR C 195 17.86 74.15 6.75
CA THR C 195 16.98 73.42 7.66
C THR C 195 17.77 72.40 8.49
N THR C 196 18.85 71.85 7.93
CA THR C 196 19.65 70.87 8.65
C THR C 196 20.30 71.51 9.87
N LEU C 197 20.82 72.73 9.72
CA LEU C 197 21.42 73.39 10.87
C LEU C 197 20.38 74.16 11.70
N GLY C 198 19.49 74.90 11.04
CA GLY C 198 18.62 75.84 11.70
C GLY C 198 17.43 75.23 12.43
N SER C 199 17.08 73.97 12.13
CA SER C 199 15.98 73.32 12.81
C SER C 199 16.41 72.18 13.72
N LYS C 200 17.69 71.86 13.75
CA LYS C 200 18.17 70.68 14.47
C LYS C 200 19.09 70.99 15.63
N VAL C 201 20.03 71.93 15.46
CA VAL C 201 21.03 72.18 16.49
C VAL C 201 21.01 73.64 16.90
N VAL C 202 21.12 74.54 15.93
CA VAL C 202 21.28 75.97 16.17
C VAL C 202 20.00 76.67 15.74
N ASN C 203 19.36 77.36 16.68
CA ASN C 203 18.09 78.03 16.43
C ASN C 203 18.22 79.33 15.64
N SER C 204 19.44 79.82 15.40
CA SER C 204 19.63 81.05 14.65
C SER C 204 20.03 80.81 13.20
N CYS C 205 20.11 79.54 12.77
CA CYS C 205 20.42 79.17 11.40
C CYS C 205 21.59 79.98 10.83
N HIS C 206 22.82 79.67 11.25
CA HIS C 206 23.97 80.46 10.83
C HIS C 206 24.04 80.54 9.31
N ARG C 207 24.10 81.77 8.79
CA ARG C 207 24.13 81.95 7.34
C ARG C 207 25.41 81.37 6.75
N GLN C 208 26.54 81.58 7.43
CA GLN C 208 27.83 81.11 6.92
C GLN C 208 27.87 79.59 6.84
N MET C 209 27.39 78.89 7.87
CA MET C 209 27.47 77.43 7.84
C MET C 209 26.60 76.86 6.72
N ALA C 210 25.36 77.32 6.61
CA ALA C 210 24.44 76.78 5.62
C ALA C 210 24.88 77.12 4.20
N GLU C 211 25.44 78.30 3.98
CA GLU C 211 25.83 78.69 2.62
C GLU C 211 27.18 78.11 2.23
N ILE C 212 28.14 78.10 3.15
CA ILE C 212 29.45 77.58 2.84
C ILE C 212 29.40 76.08 2.63
N ALA C 213 28.57 75.36 3.40
CA ALA C 213 28.51 73.92 3.19
C ALA C 213 28.13 73.54 1.77
N VAL C 214 27.29 74.35 1.11
CA VAL C 214 26.89 74.05 -0.26
C VAL C 214 27.93 74.58 -1.25
N ASN C 215 28.36 75.83 -1.04
CA ASN C 215 29.31 76.42 -1.98
C ASN C 215 30.68 75.76 -1.91
N ALA C 216 31.07 75.25 -0.73
CA ALA C 216 32.35 74.59 -0.57
C ALA C 216 32.43 73.33 -1.42
N VAL C 217 31.31 72.66 -1.62
CA VAL C 217 31.28 71.44 -2.42
C VAL C 217 31.11 71.76 -3.91
N LEU C 218 30.19 72.67 -4.22
CA LEU C 218 29.95 73.01 -5.62
C LEU C 218 31.13 73.74 -6.24
N THR C 219 31.82 74.60 -5.47
CA THR C 219 32.90 75.41 -6.02
C THR C 219 34.13 74.56 -6.29
N VAL C 220 34.30 73.47 -5.55
CA VAL C 220 35.45 72.60 -5.76
C VAL C 220 35.16 71.50 -6.78
N ALA C 221 33.89 71.08 -6.89
CA ALA C 221 33.54 70.04 -7.84
C ALA C 221 33.88 70.44 -9.28
N ASP C 222 33.67 71.72 -9.61
CA ASP C 222 33.90 72.18 -10.97
C ASP C 222 35.38 72.15 -11.35
N MET C 223 36.26 72.37 -10.37
CA MET C 223 37.70 72.37 -10.62
C MET C 223 38.32 70.98 -10.50
N GLU C 224 37.54 69.97 -10.16
CA GLU C 224 38.05 68.62 -9.93
C GLU C 224 37.29 67.59 -10.75
N ARG C 225 36.91 67.97 -11.99
CA ARG C 225 36.21 67.10 -12.93
C ARG C 225 34.86 66.60 -12.39
N ARG C 226 34.09 67.51 -11.81
CA ARG C 226 32.75 67.20 -11.31
C ARG C 226 32.76 66.08 -10.27
N ASP C 227 33.70 66.16 -9.33
CA ASP C 227 33.80 65.18 -8.26
C ASP C 227 34.37 65.89 -7.05
N VAL C 228 34.04 65.40 -5.86
CA VAL C 228 34.47 66.03 -4.63
C VAL C 228 35.01 64.97 -3.67
N ASP C 229 36.22 65.19 -3.17
CA ASP C 229 36.82 64.32 -2.17
C ASP C 229 36.67 64.96 -0.79
N PHE C 230 37.11 64.25 0.23
CA PHE C 230 37.00 64.75 1.60
C PHE C 230 38.08 65.76 1.94
N GLU C 231 39.06 65.96 1.07
CA GLU C 231 40.13 66.93 1.30
C GLU C 231 39.81 68.31 0.75
N LEU C 232 38.68 68.46 0.05
CA LEU C 232 38.32 69.74 -0.53
C LEU C 232 37.47 70.59 0.39
N ILE C 233 36.88 69.99 1.42
CA ILE C 233 36.07 70.69 2.41
C ILE C 233 36.51 70.23 3.79
N LYS C 234 36.51 71.15 4.74
CA LYS C 234 36.87 70.81 6.12
C LYS C 234 35.99 71.62 7.07
N VAL C 235 35.60 70.98 8.16
CA VAL C 235 34.82 71.62 9.21
C VAL C 235 35.71 71.73 10.44
N GLU C 236 36.02 72.96 10.84
CA GLU C 236 36.88 73.21 11.99
C GLU C 236 36.03 73.69 13.16
N GLY C 237 36.00 72.89 14.23
CA GLY C 237 35.22 73.23 15.40
C GLY C 237 35.96 73.02 16.71
N LYS C 238 36.12 74.08 17.50
CA LYS C 238 36.88 74.00 18.75
C LYS C 238 36.09 74.63 19.88
N VAL C 239 36.17 74.01 21.06
CA VAL C 239 35.53 74.54 22.26
C VAL C 239 36.41 75.62 22.86
N GLY C 240 35.78 76.63 23.43
CA GLY C 240 36.50 77.70 24.09
C GLY C 240 36.01 79.07 23.67
N GLY C 241 35.21 79.12 22.62
CA GLY C 241 34.66 80.36 22.14
C GLY C 241 33.18 80.49 22.44
N ARG C 242 32.43 81.02 21.47
CA ARG C 242 31.00 81.19 21.61
C ARG C 242 30.30 80.61 20.37
N LEU C 243 29.06 80.15 20.58
CA LEU C 243 28.32 79.51 19.50
C LEU C 243 28.01 80.48 18.36
N GLU C 244 27.81 81.77 18.66
CA GLU C 244 27.47 82.74 17.65
C GLU C 244 28.65 83.13 16.76
N ASP C 245 29.88 82.74 17.14
CA ASP C 245 31.07 83.14 16.41
C ASP C 245 31.30 82.15 15.27
N THR C 246 31.11 82.61 14.04
CA THR C 246 31.38 81.81 12.85
C THR C 246 32.16 82.66 11.85
N LYS C 247 33.13 82.02 11.19
CA LYS C 247 33.99 82.73 10.24
C LYS C 247 34.06 81.97 8.92
N LEU C 248 34.27 82.73 7.85
CA LEU C 248 34.46 82.18 6.52
C LEU C 248 35.95 82.00 6.28
N ILE C 249 36.39 80.76 6.06
CA ILE C 249 37.79 80.47 5.77
C ILE C 249 37.90 80.06 4.31
N LYS C 250 38.59 80.88 3.52
CA LYS C 250 38.76 80.60 2.10
C LYS C 250 39.76 79.49 1.83
N GLY C 251 40.56 79.11 2.83
CA GLY C 251 41.53 78.06 2.66
C GLY C 251 41.45 77.05 3.79
N VAL C 252 42.59 76.69 4.38
CA VAL C 252 42.65 75.70 5.43
C VAL C 252 43.42 76.28 6.61
N ILE C 253 43.22 75.69 7.78
CA ILE C 253 43.90 76.11 9.00
C ILE C 253 44.95 75.05 9.36
N VAL C 254 46.17 75.51 9.62
CA VAL C 254 47.29 74.64 9.93
C VAL C 254 47.81 75.03 11.32
N ASP C 255 48.10 74.01 12.14
CA ASP C 255 48.63 74.26 13.48
C ASP C 255 50.12 74.50 13.42
N LYS C 256 50.56 75.58 14.07
CA LYS C 256 51.98 75.93 14.10
C LYS C 256 52.78 74.83 14.79
N ASP C 257 53.92 74.47 14.19
CA ASP C 257 54.76 73.39 14.71
C ASP C 257 56.13 73.95 15.07
N PHE C 258 56.41 74.02 16.38
CA PHE C 258 57.71 74.44 16.86
C PHE C 258 58.15 73.48 17.97
N SER C 259 59.43 73.09 17.93
CA SER C 259 59.93 72.15 18.94
C SER C 259 60.11 72.82 20.29
N HIS C 260 60.36 74.13 20.33
CA HIS C 260 60.55 74.83 21.58
C HIS C 260 59.89 76.21 21.49
N PRO C 261 59.12 76.60 22.52
CA PRO C 261 58.53 77.95 22.50
C PRO C 261 59.56 79.06 22.58
N GLN C 262 60.79 78.74 22.99
CA GLN C 262 61.84 79.74 23.07
C GLN C 262 62.34 80.16 21.70
N MET C 263 62.04 79.39 20.66
CA MET C 263 62.48 79.72 19.32
C MET C 263 61.50 80.71 18.69
N PRO C 264 62.00 81.71 17.96
CA PRO C 264 61.10 82.73 17.38
C PRO C 264 60.10 82.11 16.41
N LYS C 265 58.87 82.62 16.45
CA LYS C 265 57.79 82.17 15.56
C LYS C 265 57.64 83.20 14.45
N LYS C 266 58.12 82.87 13.26
CA LYS C 266 58.10 83.79 12.14
C LYS C 266 56.95 83.47 11.19
N VAL C 267 56.26 84.52 10.75
CA VAL C 267 55.21 84.43 9.73
C VAL C 267 55.50 85.47 8.68
N GLU C 268 55.35 85.10 7.41
CA GLU C 268 55.70 86.00 6.32
C GLU C 268 54.68 85.96 5.18
N ASP C 269 55.18 86.07 3.95
CA ASP C 269 54.41 86.23 2.72
C ASP C 269 53.54 85.00 2.42
N ALA C 270 52.57 85.19 1.52
CA ALA C 270 51.59 84.18 1.14
C ALA C 270 52.17 83.16 0.16
N LYS C 271 53.21 82.46 0.61
CA LYS C 271 53.85 81.41 -0.17
C LYS C 271 54.23 80.28 0.76
N ILE C 272 53.80 79.06 0.42
CA ILE C 272 54.00 77.88 1.24
C ILE C 272 54.91 76.91 0.49
N ALA C 273 55.97 76.46 1.15
CA ALA C 273 56.92 75.52 0.55
C ALA C 273 56.49 74.11 0.96
N ILE C 274 55.76 73.44 0.08
CA ILE C 274 55.28 72.08 0.33
C ILE C 274 56.31 71.12 -0.24
N LEU C 275 57.07 70.48 0.62
CA LEU C 275 58.19 69.67 0.21
C LEU C 275 57.98 68.22 0.65
N THR C 276 58.36 67.29 -0.23
CA THR C 276 58.53 65.89 0.14
C THR C 276 59.99 65.53 0.30
N CYS C 277 60.88 66.33 -0.28
CA CYS C 277 62.31 66.13 -0.15
C CYS C 277 62.76 66.41 1.29
N PRO C 278 63.88 65.82 1.71
CA PRO C 278 64.39 66.09 3.06
C PRO C 278 64.95 67.50 3.21
N PHE C 279 64.19 68.38 3.85
CA PHE C 279 64.68 69.72 4.19
C PHE C 279 65.39 69.76 5.52
N GLU C 280 65.13 68.78 6.39
CA GLU C 280 65.81 68.59 7.66
C GLU C 280 66.11 67.10 7.75
N PRO C 281 67.27 66.71 8.27
CA PRO C 281 67.68 65.29 8.25
C PRO C 281 66.60 64.38 8.83
N PRO C 282 66.22 63.33 8.12
CA PRO C 282 65.15 62.45 8.59
C PRO C 282 65.61 61.52 9.70
N LYS C 283 64.67 61.17 10.60
CA LYS C 283 64.95 60.19 11.66
C LYS C 283 63.67 59.44 12.02
N PRO C 284 63.26 58.45 11.21
CA PRO C 284 62.04 57.69 11.51
C PRO C 284 62.24 56.66 12.63
N LYS C 285 62.56 57.15 13.83
CA LYS C 285 62.77 56.30 15.01
C LYS C 285 63.95 55.34 14.86
N THR C 286 65.01 55.77 14.18
CA THR C 286 66.18 54.92 13.94
C THR C 286 67.44 55.77 13.93
N LYS C 287 68.57 55.20 13.50
CA LYS C 287 69.84 55.90 13.51
C LYS C 287 70.59 55.74 12.17
N HIS C 288 71.29 56.80 11.77
CA HIS C 288 72.06 56.81 10.53
C HIS C 288 73.36 56.01 10.69
N LYS C 289 73.97 55.69 9.55
CA LYS C 289 75.22 54.95 9.49
C LYS C 289 76.35 55.89 9.09
N LEU C 290 77.53 55.68 9.68
CA LEU C 290 78.71 56.50 9.38
C LEU C 290 79.62 55.75 8.42
N ASP C 291 80.04 56.44 7.35
CA ASP C 291 80.96 55.86 6.36
C ASP C 291 82.02 56.92 6.04
N VAL C 292 83.18 56.80 6.67
CA VAL C 292 84.24 57.79 6.53
C VAL C 292 85.55 57.07 6.24
N THR C 293 86.44 57.76 5.52
CA THR C 293 87.75 57.19 5.20
C THR C 293 88.75 57.35 6.33
N SER C 294 88.65 58.43 7.11
CA SER C 294 89.62 58.70 8.17
C SER C 294 88.97 59.54 9.25
N VAL C 295 89.71 59.74 10.35
CA VAL C 295 89.23 60.59 11.44
C VAL C 295 88.98 62.00 10.93
N GLU C 296 89.92 62.52 10.13
CA GLU C 296 89.74 63.84 9.53
C GLU C 296 88.51 63.88 8.64
N ASP C 297 88.22 62.76 7.95
CA ASP C 297 87.01 62.71 7.13
C ASP C 297 85.76 62.75 7.99
N TYR C 298 85.80 62.17 9.20
CA TYR C 298 84.65 62.25 10.08
C TYR C 298 84.40 63.67 10.55
N LYS C 299 85.47 64.39 10.91
CA LYS C 299 85.30 65.81 11.26
C LYS C 299 84.74 66.60 10.08
N ALA C 300 85.23 66.33 8.88
CA ALA C 300 84.68 66.97 7.70
C ALA C 300 83.22 66.58 7.48
N LEU C 301 82.83 65.37 7.86
CA LEU C 301 81.44 64.94 7.73
C LEU C 301 80.52 65.71 8.68
N GLN C 302 80.99 65.93 9.90
CA GLN C 302 80.21 66.75 10.84
C GLN C 302 80.01 68.17 10.28
N LYS C 303 81.10 68.75 9.75
CA LYS C 303 80.95 70.06 9.12
C LYS C 303 80.06 69.99 7.87
N TYR C 304 80.13 68.88 7.14
CA TYR C 304 79.30 68.73 5.94
C TYR C 304 77.82 68.77 6.29
N GLU C 305 77.43 68.09 7.37
CA GLU C 305 76.04 68.16 7.82
C GLU C 305 75.62 69.60 8.15
N LYS C 306 76.48 70.32 8.87
CA LYS C 306 76.16 71.72 9.16
C LYS C 306 76.02 72.55 7.88
N GLU C 307 76.90 72.30 6.92
CA GLU C 307 76.83 73.02 5.65
C GLU C 307 75.53 72.73 4.92
N LYS C 308 75.05 71.49 5.01
CA LYS C 308 73.79 71.14 4.37
C LYS C 308 72.64 71.96 4.93
N PHE C 309 72.66 72.22 6.25
CA PHE C 309 71.64 73.11 6.79
C PHE C 309 71.70 74.50 6.14
N GLU C 310 72.91 75.06 6.07
CA GLU C 310 73.04 76.39 5.45
C GLU C 310 72.62 76.39 3.98
N GLU C 311 72.96 75.33 3.25
CA GLU C 311 72.64 75.26 1.83
C GLU C 311 71.15 75.12 1.60
N MET C 312 70.48 74.27 2.38
CA MET C 312 69.04 74.12 2.23
C MET C 312 68.31 75.42 2.56
N ILE C 313 68.79 76.13 3.60
CA ILE C 313 68.21 77.42 3.94
C ILE C 313 68.37 78.41 2.80
N GLN C 314 69.58 78.51 2.24
CA GLN C 314 69.83 79.48 1.18
C GLN C 314 69.09 79.13 -0.10
N GLN C 315 68.99 77.85 -0.43
CA GLN C 315 68.35 77.45 -1.67
C GLN C 315 66.86 77.77 -1.64
N ILE C 316 66.19 77.53 -0.50
CA ILE C 316 64.78 77.88 -0.43
C ILE C 316 64.60 79.40 -0.29
N LYS C 317 65.49 80.05 0.47
CA LYS C 317 65.35 81.48 0.73
C LYS C 317 65.44 82.28 -0.56
N GLU C 318 66.27 81.84 -1.51
CA GLU C 318 66.36 82.54 -2.79
C GLU C 318 65.14 82.31 -3.66
N THR C 319 64.35 81.28 -3.37
CA THR C 319 63.16 80.98 -4.16
C THR C 319 61.89 81.51 -3.51
N GLY C 320 61.87 81.67 -2.20
CA GLY C 320 60.71 82.12 -1.47
C GLY C 320 60.07 80.98 -0.71
N ALA C 321 59.00 81.31 0.01
CA ALA C 321 58.23 80.35 0.80
C ALA C 321 59.12 79.69 1.86
N ASN C 322 59.53 80.48 2.85
CA ASN C 322 60.45 79.99 3.86
C ASN C 322 59.82 79.00 4.84
N LEU C 323 58.50 78.84 4.84
CA LEU C 323 57.86 77.87 5.73
C LEU C 323 57.81 76.52 5.02
N ALA C 324 58.67 75.59 5.45
CA ALA C 324 58.77 74.29 4.82
C ALA C 324 57.83 73.30 5.51
N ILE C 325 57.03 72.60 4.72
CA ILE C 325 56.13 71.57 5.23
C ILE C 325 56.62 70.23 4.67
N CYS C 326 57.12 69.37 5.55
CA CYS C 326 57.69 68.09 5.14
C CYS C 326 57.03 66.95 5.89
N GLN C 327 56.84 65.83 5.20
CA GLN C 327 56.32 64.64 5.86
C GLN C 327 57.37 63.97 6.74
N TRP C 328 58.65 64.10 6.40
CA TRP C 328 59.70 63.51 7.21
C TRP C 328 59.80 64.22 8.54
N GLY C 329 60.09 63.46 9.60
CA GLY C 329 60.28 64.00 10.92
C GLY C 329 61.70 63.83 11.44
N PHE C 330 61.95 64.43 12.60
CA PHE C 330 63.25 64.39 13.25
C PHE C 330 63.07 64.85 14.69
N ASP C 331 64.15 64.81 15.47
CA ASP C 331 64.17 65.32 16.83
C ASP C 331 64.29 66.85 16.83
N ASP C 332 64.29 67.43 18.03
CA ASP C 332 64.43 68.88 18.17
C ASP C 332 65.86 69.36 17.92
N GLU C 333 66.83 68.43 17.93
CA GLU C 333 68.24 68.81 17.79
C GLU C 333 68.50 69.51 16.47
N ALA C 334 67.88 69.05 15.39
CA ALA C 334 68.04 69.75 14.11
C ALA C 334 66.99 70.81 13.89
N ASN C 335 65.87 70.75 14.61
CA ASN C 335 64.81 71.73 14.40
C ASN C 335 65.24 73.12 14.88
N HIS C 336 65.96 73.18 16.00
CA HIS C 336 66.44 74.49 16.42
C HIS C 336 67.49 75.07 15.48
N LEU C 337 68.14 74.24 14.65
CA LEU C 337 69.12 74.78 13.70
C LEU C 337 68.43 75.59 12.62
N LEU C 338 67.27 75.12 12.15
CA LEU C 338 66.51 75.89 11.16
C LEU C 338 65.82 77.08 11.81
N LEU C 339 65.33 76.92 13.04
CA LEU C 339 64.66 78.04 13.70
C LEU C 339 65.64 79.13 14.12
N GLN C 340 66.86 78.74 14.49
CA GLN C 340 67.88 79.70 14.88
C GLN C 340 68.23 80.63 13.73
N ASN C 341 68.03 80.18 12.49
CA ASN C 341 68.22 81.00 11.30
C ASN C 341 66.93 81.67 10.85
N ASN C 342 65.89 81.65 11.69
CA ASN C 342 64.62 82.31 11.42
C ASN C 342 63.89 81.73 10.21
N LEU C 343 63.92 80.40 10.08
CA LEU C 343 63.22 79.71 9.00
C LEU C 343 62.36 78.61 9.59
N PRO C 344 61.05 78.83 9.75
CA PRO C 344 60.20 77.80 10.36
C PRO C 344 59.98 76.63 9.42
N ALA C 345 59.74 75.46 10.02
CA ALA C 345 59.44 74.25 9.26
C ALA C 345 58.50 73.37 10.07
N VAL C 346 57.60 72.67 9.38
CA VAL C 346 56.65 71.76 10.01
C VAL C 346 57.15 70.33 9.81
N ARG C 347 57.26 69.59 10.91
CA ARG C 347 57.81 68.24 10.87
C ARG C 347 56.76 67.22 11.28
N TRP C 348 56.96 65.98 10.84
CA TRP C 348 56.05 64.87 11.14
C TRP C 348 54.67 65.10 10.56
N VAL C 349 54.62 65.62 9.33
CA VAL C 349 53.36 65.90 8.66
C VAL C 349 52.80 64.60 8.09
N GLY C 350 51.52 64.34 8.33
CA GLY C 350 50.89 63.15 7.81
C GLY C 350 50.51 63.28 6.34
N GLY C 351 50.20 62.14 5.74
CA GLY C 351 49.82 62.08 4.34
C GLY C 351 48.72 63.06 3.94
N PRO C 352 47.53 62.90 4.52
CA PRO C 352 46.44 63.84 4.21
C PRO C 352 46.73 65.27 4.60
N GLU C 353 47.60 65.52 5.58
CA GLU C 353 47.87 66.89 5.99
C GLU C 353 48.66 67.65 4.94
N ILE C 354 49.65 67.01 4.33
CA ILE C 354 50.39 67.67 3.25
C ILE C 354 49.53 67.75 1.99
N GLU C 355 48.74 66.69 1.73
CA GLU C 355 47.88 66.73 0.55
C GLU C 355 46.79 67.79 0.69
N LEU C 356 46.34 68.06 1.91
CA LEU C 356 45.27 69.04 2.12
C LEU C 356 45.74 70.43 1.73
N ILE C 357 46.92 70.84 2.17
CA ILE C 357 47.44 72.15 1.79
C ILE C 357 47.78 72.18 0.31
N ALA C 358 48.38 71.08 -0.20
CA ALA C 358 48.77 71.03 -1.60
C ALA C 358 47.55 71.17 -2.51
N ILE C 359 46.45 70.48 -2.18
CA ILE C 359 45.25 70.57 -2.98
C ILE C 359 44.57 71.91 -2.79
N ALA C 360 44.65 72.48 -1.58
CA ALA C 360 44.05 73.79 -1.36
C ALA C 360 44.59 74.81 -2.34
N THR C 361 45.89 74.74 -2.64
CA THR C 361 46.43 75.67 -3.62
C THR C 361 46.38 75.14 -5.05
N GLY C 362 46.42 73.82 -5.22
CA GLY C 362 46.45 73.23 -6.55
C GLY C 362 47.82 73.11 -7.18
N GLY C 363 48.88 73.46 -6.47
CA GLY C 363 50.22 73.39 -6.99
C GLY C 363 50.84 72.01 -6.82
N ARG C 364 52.11 71.91 -7.13
CA ARG C 364 52.85 70.65 -7.03
C ARG C 364 53.64 70.60 -5.73
N ILE C 365 54.20 69.43 -5.46
CA ILE C 365 55.02 69.19 -4.28
C ILE C 365 56.44 68.92 -4.73
N VAL C 366 57.41 69.49 -4.02
CA VAL C 366 58.82 69.40 -4.40
C VAL C 366 59.36 68.01 -4.08
N PRO C 367 59.71 67.20 -5.09
CA PRO C 367 60.29 65.88 -4.78
C PRO C 367 61.74 65.93 -4.32
N ARG C 368 62.49 66.96 -4.68
CA ARG C 368 63.92 67.04 -4.36
C ARG C 368 64.28 68.44 -3.89
N PHE C 369 65.18 68.51 -2.90
CA PHE C 369 65.58 69.80 -2.33
C PHE C 369 66.36 70.66 -3.31
N SER C 370 66.99 70.05 -4.32
CA SER C 370 67.78 70.81 -5.28
C SER C 370 66.93 71.43 -6.38
N GLU C 371 65.72 70.92 -6.60
CA GLU C 371 64.84 71.41 -7.68
C GLU C 371 63.76 72.28 -7.05
N LEU C 372 63.91 73.60 -7.17
CA LEU C 372 62.97 74.54 -6.57
C LEU C 372 62.44 75.50 -7.64
N THR C 373 61.12 75.50 -7.84
CA THR C 373 60.48 76.40 -8.78
C THR C 373 59.12 76.83 -8.23
N ALA C 374 58.59 77.93 -8.79
CA ALA C 374 57.34 78.48 -8.33
C ALA C 374 56.16 77.54 -8.52
N GLU C 375 56.20 76.71 -9.58
CA GLU C 375 55.09 75.80 -9.84
C GLU C 375 54.97 74.72 -8.78
N LYS C 376 56.05 74.43 -8.06
CA LYS C 376 56.04 73.41 -7.02
C LYS C 376 55.80 74.00 -5.64
N LEU C 377 55.51 75.29 -5.55
CA LEU C 377 55.20 75.96 -4.30
C LEU C 377 53.70 76.25 -4.23
N GLY C 378 53.23 76.46 -3.01
CA GLY C 378 51.83 76.81 -2.82
C GLY C 378 51.53 78.23 -3.27
N PHE C 379 50.29 78.44 -3.70
CA PHE C 379 49.82 79.74 -4.18
C PHE C 379 48.71 80.20 -3.23
N ALA C 380 49.09 80.94 -2.20
CA ALA C 380 48.14 81.44 -1.22
C ALA C 380 47.77 82.89 -1.52
N GLY C 381 46.58 83.28 -1.10
CA GLY C 381 46.10 84.63 -1.30
C GLY C 381 46.28 85.50 -0.08
N LEU C 382 46.14 84.91 1.11
CA LEU C 382 46.30 85.66 2.35
C LEU C 382 46.69 84.70 3.46
N VAL C 383 47.77 85.01 4.17
CA VAL C 383 48.22 84.24 5.31
C VAL C 383 48.07 85.11 6.55
N GLN C 384 47.22 84.70 7.47
CA GLN C 384 46.95 85.48 8.67
C GLN C 384 46.79 84.54 9.85
N GLU C 385 46.83 85.11 11.05
CA GLU C 385 46.64 84.33 12.27
C GLU C 385 45.18 84.37 12.68
N ILE C 386 44.65 83.22 13.06
CA ILE C 386 43.28 83.07 13.54
C ILE C 386 43.33 82.56 14.98
N SER C 387 42.58 83.20 15.87
CA SER C 387 42.64 82.86 17.28
C SER C 387 41.99 81.52 17.56
N PHE C 388 42.55 80.78 18.53
CA PHE C 388 41.99 79.53 19.02
C PHE C 388 41.20 79.83 20.28
N GLY C 389 39.88 79.71 20.21
CA GLY C 389 39.05 80.09 21.33
C GLY C 389 39.10 81.59 21.55
N THR C 390 39.29 81.99 22.80
CA THR C 390 39.46 83.39 23.15
C THR C 390 40.80 83.70 23.81
N THR C 391 41.35 82.76 24.57
CA THR C 391 42.60 83.00 25.28
C THR C 391 43.59 81.84 25.22
N LYS C 392 43.28 80.75 24.51
CA LYS C 392 44.13 79.56 24.61
C LYS C 392 45.36 79.65 23.69
N ASP C 393 45.14 79.78 22.39
CA ASP C 393 46.25 79.68 21.44
C ASP C 393 45.89 80.42 20.16
N LYS C 394 46.80 80.34 19.19
CA LYS C 394 46.58 80.91 17.87
C LYS C 394 46.95 79.88 16.80
N MET C 395 46.16 79.84 15.74
CA MET C 395 46.41 78.98 14.60
C MET C 395 46.76 79.82 13.38
N LEU C 396 47.47 79.22 12.44
CA LEU C 396 47.88 79.89 11.22
C LEU C 396 46.97 79.43 10.09
N VAL C 397 46.22 80.36 9.51
CA VAL C 397 45.28 80.05 8.44
C VAL C 397 45.85 80.53 7.12
N ILE C 398 45.90 79.65 6.14
CA ILE C 398 46.39 79.97 4.80
C ILE C 398 45.18 79.96 3.87
N GLU C 399 44.79 81.13 3.40
CA GLU C 399 43.64 81.30 2.53
C GLU C 399 44.10 81.50 1.10
N GLN C 400 43.27 81.06 0.16
CA GLN C 400 43.54 81.21 -1.26
C GLN C 400 42.53 82.15 -1.89
N CYS C 401 43.04 83.14 -2.62
CA CYS C 401 42.19 84.11 -3.32
C CYS C 401 42.15 83.87 -4.82
N LYS C 402 42.85 82.86 -5.31
CA LYS C 402 42.88 82.54 -6.73
C LYS C 402 42.14 81.25 -7.06
N ASN C 403 42.29 80.22 -6.24
CA ASN C 403 41.64 78.93 -6.47
C ASN C 403 41.08 78.42 -5.15
N SER C 404 39.76 78.43 -5.02
CA SER C 404 39.08 77.97 -3.81
C SER C 404 38.92 76.45 -3.84
N ARG C 405 40.05 75.76 -3.80
CA ARG C 405 40.03 74.30 -3.83
C ARG C 405 39.85 73.67 -2.46
N ALA C 406 39.93 74.46 -1.39
CA ALA C 406 39.73 73.93 -0.05
C ALA C 406 39.03 75.02 0.77
N VAL C 407 37.72 74.86 0.95
CA VAL C 407 36.92 75.82 1.69
C VAL C 407 36.64 75.24 3.06
N THR C 408 37.00 75.97 4.11
CA THR C 408 36.86 75.50 5.48
C THR C 408 35.81 76.32 6.21
N ILE C 409 34.93 75.61 6.94
CA ILE C 409 33.91 76.23 7.78
C ILE C 409 34.48 76.33 9.18
N PHE C 410 34.57 77.53 9.72
CA PHE C 410 35.17 77.75 11.03
C PHE C 410 34.08 78.11 12.02
N ILE C 411 33.86 77.24 13.01
CA ILE C 411 32.82 77.42 14.01
C ILE C 411 33.45 77.31 15.40
N ARG C 412 32.80 77.94 16.37
CA ARG C 412 33.25 77.88 17.75
C ARG C 412 32.08 77.51 18.65
N GLY C 413 32.41 77.13 19.87
CA GLY C 413 31.39 76.85 20.86
C GLY C 413 31.98 76.89 22.25
N GLY C 414 31.11 77.07 23.23
CA GLY C 414 31.51 77.04 24.62
C GLY C 414 31.26 75.71 25.29
N ASN C 415 30.82 74.70 24.54
CA ASN C 415 30.46 73.41 25.08
C ASN C 415 30.86 72.34 24.07
N LYS C 416 31.45 71.25 24.58
CA LYS C 416 31.84 70.15 23.70
C LYS C 416 30.63 69.51 23.01
N MET C 417 29.49 69.48 23.71
CA MET C 417 28.30 68.85 23.16
C MET C 417 27.75 69.66 21.97
N ILE C 418 27.72 70.98 22.11
CA ILE C 418 27.16 71.81 21.04
C ILE C 418 28.10 71.87 19.85
N ILE C 419 29.41 71.86 20.07
CA ILE C 419 30.34 71.91 18.94
C ILE C 419 30.27 70.62 18.14
N GLU C 420 30.14 69.48 18.83
CA GLU C 420 29.99 68.23 18.07
C GLU C 420 28.69 68.22 17.30
N GLU C 421 27.61 68.74 17.89
CA GLU C 421 26.34 68.78 17.17
C GLU C 421 26.39 69.74 15.98
N ALA C 422 27.05 70.89 16.13
CA ALA C 422 27.20 71.81 15.02
C ALA C 422 27.98 71.15 13.87
N LYS C 423 29.03 70.41 14.22
CA LYS C 423 29.74 69.64 13.21
C LYS C 423 28.86 68.58 12.59
N ARG C 424 27.98 67.95 13.36
CA ARG C 424 27.08 66.93 12.80
C ARG C 424 26.09 67.54 11.81
N SER C 425 25.58 68.74 12.11
CA SER C 425 24.71 69.42 11.16
C SER C 425 25.45 69.60 9.83
N LEU C 426 26.71 70.05 9.89
CA LEU C 426 27.49 70.12 8.66
C LEU C 426 27.81 68.75 8.09
N HIS C 427 27.96 67.72 8.93
CA HIS C 427 28.26 66.38 8.44
C HIS C 427 27.12 65.88 7.55
N ASP C 428 25.89 66.03 8.03
CA ASP C 428 24.75 65.59 7.22
C ASP C 428 24.61 66.41 5.94
N ALA C 429 24.75 67.74 6.05
CA ALA C 429 24.63 68.58 4.85
C ALA C 429 25.71 68.24 3.82
N LEU C 430 26.95 68.03 4.29
CA LEU C 430 28.06 67.75 3.39
C LEU C 430 28.01 66.34 2.82
N CYS C 431 27.42 65.38 3.54
CA CYS C 431 27.31 64.03 3.01
C CYS C 431 26.27 63.96 1.89
N VAL C 432 25.11 64.58 2.11
CA VAL C 432 24.07 64.56 1.07
C VAL C 432 24.59 65.22 -0.21
N ILE C 433 25.18 66.42 -0.07
CA ILE C 433 25.64 67.10 -1.28
C ILE C 433 26.81 66.36 -1.92
N ARG C 434 27.70 65.77 -1.12
CA ARG C 434 28.86 65.08 -1.67
C ARG C 434 28.43 63.94 -2.59
N ASN C 435 27.44 63.16 -2.13
CA ASN C 435 26.99 62.06 -2.97
C ASN C 435 26.22 62.55 -4.19
N LEU C 436 25.43 63.63 -4.04
CA LEU C 436 24.65 64.11 -5.18
C LEU C 436 25.52 64.78 -6.24
N ILE C 437 26.66 65.34 -5.85
CA ILE C 437 27.56 65.94 -6.84
C ILE C 437 28.42 64.89 -7.49
N ARG C 438 28.87 63.89 -6.72
CA ARG C 438 29.71 62.85 -7.30
C ARG C 438 28.92 62.01 -8.31
N ASP C 439 27.66 61.73 -7.99
CA ASP C 439 26.79 60.95 -8.85
C ASP C 439 25.40 61.57 -8.76
N ASN C 440 24.56 61.29 -9.76
CA ASN C 440 23.23 61.86 -9.82
C ASN C 440 22.16 60.94 -9.22
N ARG C 441 22.58 59.99 -8.39
CA ARG C 441 21.67 59.01 -7.80
C ARG C 441 21.01 59.66 -6.58
N VAL C 442 19.77 60.10 -6.75
CA VAL C 442 19.04 60.81 -5.71
C VAL C 442 17.71 60.09 -5.46
N VAL C 443 17.20 60.22 -4.23
CA VAL C 443 15.91 59.69 -3.87
C VAL C 443 15.08 60.81 -3.24
N TYR C 444 13.86 61.00 -3.72
CA TYR C 444 12.95 61.99 -3.16
C TYR C 444 12.11 61.32 -2.08
N GLY C 445 12.70 61.17 -0.89
CA GLY C 445 12.04 60.53 0.22
C GLY C 445 11.10 61.48 0.94
N GLY C 446 10.52 60.97 2.03
CA GLY C 446 9.55 61.72 2.80
C GLY C 446 8.12 61.38 2.48
N GLY C 447 7.86 60.31 1.74
CA GLY C 447 6.51 59.93 1.40
C GLY C 447 6.36 59.49 -0.04
N ALA C 448 7.26 59.94 -0.92
CA ALA C 448 7.20 59.53 -2.32
C ALA C 448 7.91 58.20 -2.56
N ALA C 449 9.18 58.13 -2.17
CA ALA C 449 9.93 56.89 -2.32
C ALA C 449 9.36 55.79 -1.43
N GLU C 450 8.86 56.14 -0.24
CA GLU C 450 8.34 55.14 0.69
C GLU C 450 7.08 54.49 0.14
N ILE C 451 6.16 55.29 -0.41
CA ILE C 451 4.92 54.72 -0.95
C ILE C 451 5.23 53.87 -2.17
N SER C 452 6.20 54.28 -2.99
CA SER C 452 6.55 53.47 -4.15
C SER C 452 7.11 52.10 -3.73
N CYS C 453 7.99 52.10 -2.72
CA CYS C 453 8.49 50.82 -2.22
C CYS C 453 7.37 49.98 -1.61
N ALA C 454 6.41 50.63 -0.96
CA ALA C 454 5.28 49.90 -0.39
C ALA C 454 4.51 49.16 -1.46
N LEU C 455 4.33 49.79 -2.63
CA LEU C 455 3.63 49.11 -3.72
C LEU C 455 4.41 47.90 -4.20
N ALA C 456 5.73 48.07 -4.38
CA ALA C 456 6.55 46.94 -4.84
C ALA C 456 6.45 45.75 -3.90
N VAL C 457 6.37 46.01 -2.59
CA VAL C 457 6.24 44.90 -1.63
C VAL C 457 4.84 44.28 -1.69
N SER C 458 3.80 45.12 -1.76
CA SER C 458 2.43 44.61 -1.80
C SER C 458 2.19 43.75 -3.04
N GLN C 459 2.81 44.13 -4.17
CA GLN C 459 2.66 43.34 -5.38
C GLN C 459 3.18 41.93 -5.18
N GLU C 460 4.30 41.79 -4.48
CA GLU C 460 4.82 40.46 -4.18
C GLU C 460 3.93 39.70 -3.22
N ALA C 461 3.29 40.41 -2.28
CA ALA C 461 2.35 39.72 -1.38
C ALA C 461 1.21 39.09 -2.16
N ASP C 462 0.77 39.73 -3.24
CA ASP C 462 -0.29 39.13 -4.07
C ASP C 462 0.25 38.05 -5.00
N LYS C 463 1.48 38.21 -5.50
CA LYS C 463 2.05 37.20 -6.39
C LYS C 463 2.41 35.93 -5.63
N CYS C 464 2.83 36.05 -4.37
CA CYS C 464 3.25 34.90 -3.59
C CYS C 464 2.05 34.31 -2.86
N PRO C 465 1.67 33.06 -3.13
CA PRO C 465 0.52 32.46 -2.47
C PRO C 465 0.78 32.01 -1.03
N THR C 466 1.96 32.30 -0.47
CA THR C 466 2.43 31.70 0.77
C THR C 466 1.94 32.44 2.01
N LEU C 467 2.31 31.88 3.17
CA LEU C 467 1.93 32.38 4.49
C LEU C 467 2.55 33.74 4.81
N GLU C 468 3.73 34.03 4.27
CA GLU C 468 4.43 35.28 4.55
C GLU C 468 3.83 36.47 3.82
N GLN C 469 2.83 36.25 2.95
CA GLN C 469 2.27 37.34 2.15
C GLN C 469 1.69 38.43 3.03
N TYR C 470 1.10 38.05 4.17
CA TYR C 470 0.54 39.06 5.08
C TYR C 470 1.65 39.85 5.75
N ALA C 471 2.74 39.18 6.13
CA ALA C 471 3.85 39.88 6.75
C ALA C 471 4.46 40.90 5.79
N MET C 472 4.57 40.53 4.52
CA MET C 472 5.08 41.48 3.53
C MET C 472 4.15 42.68 3.39
N ARG C 473 2.83 42.45 3.40
CA ARG C 473 1.92 43.59 3.37
C ARG C 473 2.14 44.50 4.58
N ALA C 474 2.37 43.90 5.75
CA ALA C 474 2.66 44.70 6.94
C ALA C 474 3.87 45.59 6.71
N PHE C 475 4.91 45.04 6.07
CA PHE C 475 6.08 45.87 5.76
C PHE C 475 5.69 47.05 4.88
N ALA C 476 4.90 46.80 3.84
CA ALA C 476 4.48 47.87 2.94
C ALA C 476 3.75 48.97 3.71
N ASP C 477 2.94 48.59 4.70
CA ASP C 477 2.26 49.61 5.50
C ASP C 477 3.22 50.34 6.42
N ALA C 478 4.21 49.62 6.94
CA ALA C 478 5.16 50.25 7.85
C ALA C 478 5.98 51.33 7.15
N LEU C 479 6.22 51.17 5.86
CA LEU C 479 6.94 52.20 5.12
C LEU C 479 6.25 53.56 5.18
N GLU C 480 4.95 53.59 5.41
CA GLU C 480 4.19 54.83 5.45
C GLU C 480 4.31 55.55 6.79
N VAL C 481 4.99 54.96 7.77
CA VAL C 481 5.14 55.63 9.06
C VAL C 481 5.86 56.96 8.90
N ILE C 482 6.76 57.05 7.93
CA ILE C 482 7.56 58.24 7.70
C ILE C 482 6.70 59.42 7.25
N PRO C 483 5.99 59.35 6.11
CA PRO C 483 5.10 60.47 5.78
C PRO C 483 4.07 60.72 6.86
N MET C 484 3.57 59.66 7.49
CA MET C 484 2.63 59.82 8.58
C MET C 484 3.23 60.68 9.69
N ALA C 485 4.41 60.30 10.19
CA ALA C 485 5.06 61.07 11.24
C ALA C 485 5.36 62.50 10.80
N LEU C 486 5.76 62.67 9.53
CA LEU C 486 6.08 64.02 9.06
C LEU C 486 4.85 64.91 9.08
N SER C 487 3.68 64.35 8.79
CA SER C 487 2.44 65.11 8.87
C SER C 487 1.81 65.07 10.25
N GLU C 488 2.25 64.15 11.10
CA GLU C 488 1.70 64.05 12.45
C GLU C 488 2.25 65.16 13.33
N ASN C 489 3.52 65.51 13.14
CA ASN C 489 4.09 66.62 13.89
C ASN C 489 3.54 67.96 13.40
N SER C 490 3.09 68.03 12.15
CA SER C 490 2.54 69.26 11.62
C SER C 490 1.07 69.38 12.00
N GLY C 491 0.48 70.54 11.69
CA GLY C 491 -0.94 70.73 11.92
C GLY C 491 -1.84 70.07 10.91
N MET C 492 -1.26 69.45 9.88
CA MET C 492 -2.04 68.81 8.85
C MET C 492 -2.53 67.45 9.32
N ASN C 493 -3.66 67.01 8.75
CA ASN C 493 -4.18 65.69 9.07
C ASN C 493 -3.35 64.66 8.32
N PRO C 494 -2.60 63.80 9.02
CA PRO C 494 -1.73 62.84 8.31
C PRO C 494 -2.49 61.86 7.43
N ILE C 495 -3.72 61.50 7.80
CA ILE C 495 -4.50 60.54 7.02
C ILE C 495 -4.94 61.17 5.70
N GLN C 496 -5.54 62.36 5.78
CA GLN C 496 -5.96 63.06 4.57
C GLN C 496 -4.76 63.49 3.73
N THR C 497 -3.65 63.82 4.37
CA THR C 497 -2.46 64.25 3.64
C THR C 497 -1.85 63.10 2.87
N MET C 498 -1.76 61.92 3.48
CA MET C 498 -1.21 60.77 2.77
C MET C 498 -2.17 60.22 1.72
N THR C 499 -3.46 60.57 1.81
CA THR C 499 -4.42 60.08 0.82
C THR C 499 -4.02 60.45 -0.61
N GLU C 500 -3.59 61.70 -0.83
CA GLU C 500 -3.25 62.15 -2.18
C GLU C 500 -2.02 61.43 -2.71
N VAL C 501 -1.00 61.24 -1.86
CA VAL C 501 0.22 60.58 -2.30
C VAL C 501 -0.03 59.11 -2.59
N ARG C 502 -0.85 58.44 -1.78
CA ARG C 502 -1.20 57.05 -2.05
C ARG C 502 -1.95 56.92 -3.38
N ALA C 503 -2.93 57.81 -3.59
CA ALA C 503 -3.67 57.79 -4.85
C ALA C 503 -2.72 58.01 -6.04
N ARG C 504 -1.76 58.92 -5.89
CA ARG C 504 -0.80 59.15 -6.96
C ARG C 504 0.08 57.94 -7.20
N GLN C 505 0.43 57.19 -6.15
CA GLN C 505 1.20 55.97 -6.34
C GLN C 505 0.46 54.99 -7.24
N VAL C 506 -0.87 54.95 -7.13
CA VAL C 506 -1.62 54.10 -8.06
C VAL C 506 -1.62 54.71 -9.46
N LYS C 507 -1.82 56.02 -9.57
CA LYS C 507 -1.95 56.64 -10.88
C LYS C 507 -0.65 56.54 -11.68
N GLU C 508 0.49 56.71 -11.02
CA GLU C 508 1.77 56.71 -11.72
C GLU C 508 2.81 55.96 -10.90
N MET C 509 3.77 55.36 -11.60
CA MET C 509 4.81 54.58 -10.95
C MET C 509 6.04 55.44 -10.68
N ASN C 510 6.75 55.10 -9.61
CA ASN C 510 7.96 55.80 -9.18
C ASN C 510 7.75 57.32 -9.05
N PRO C 511 6.74 57.76 -8.31
CA PRO C 511 6.52 59.21 -8.19
C PRO C 511 7.60 59.88 -7.36
N ALA C 512 7.86 61.15 -7.70
CA ALA C 512 8.72 62.02 -6.91
C ALA C 512 7.90 63.07 -6.17
N LEU C 513 6.59 62.85 -6.08
CA LEU C 513 5.65 63.79 -5.48
C LEU C 513 5.13 63.16 -4.19
N GLY C 514 5.68 63.58 -3.06
CA GLY C 514 5.23 63.11 -1.77
C GLY C 514 4.60 64.24 -0.98
N ILE C 515 4.52 64.10 0.34
CA ILE C 515 3.93 65.16 1.15
C ILE C 515 4.97 66.24 1.42
N ASP C 516 4.50 67.45 1.65
CA ASP C 516 5.39 68.55 1.98
C ASP C 516 5.85 68.46 3.43
N CYS C 517 7.03 68.99 3.70
CA CYS C 517 7.57 69.04 5.06
C CYS C 517 7.83 70.47 5.50
N LEU C 518 7.47 71.44 4.67
CA LEU C 518 7.58 72.85 4.99
C LEU C 518 6.22 73.45 5.33
N HIS C 519 5.20 72.59 5.48
CA HIS C 519 3.84 73.00 5.81
C HIS C 519 3.29 73.98 4.78
N LYS C 520 3.59 73.74 3.51
CA LYS C 520 3.07 74.57 2.44
C LYS C 520 1.81 74.00 1.81
N GLY C 521 1.54 72.72 2.03
CA GLY C 521 0.36 72.07 1.50
C GLY C 521 0.49 71.60 0.07
N THR C 522 1.66 71.77 -0.55
CA THR C 522 1.88 71.34 -1.93
C THR C 522 2.61 70.01 -1.90
N ASN C 523 1.99 68.98 -2.48
CA ASN C 523 2.53 67.62 -2.44
C ASN C 523 3.62 67.50 -3.49
N ASP C 524 4.85 67.81 -3.10
CA ASP C 524 5.99 67.72 -3.99
C ASP C 524 7.24 67.47 -3.15
N MET C 525 8.33 67.16 -3.84
CA MET C 525 9.64 67.06 -3.23
C MET C 525 10.69 67.89 -3.94
N LYS C 526 10.42 68.34 -5.16
CA LYS C 526 11.30 69.22 -5.91
C LYS C 526 11.07 70.69 -5.59
N GLN C 527 9.86 71.05 -5.16
CA GLN C 527 9.59 72.41 -4.71
C GLN C 527 9.68 72.56 -3.19
N GLN C 528 9.54 71.46 -2.46
CA GLN C 528 9.69 71.48 -1.01
C GLN C 528 11.14 71.30 -0.58
N HIS C 529 12.03 71.01 -1.53
CA HIS C 529 13.47 70.90 -1.29
C HIS C 529 13.81 69.78 -0.31
N VAL C 530 13.05 68.70 -0.34
CA VAL C 530 13.29 67.55 0.52
C VAL C 530 13.97 66.49 -0.35
N ILE C 531 15.30 66.41 -0.26
CA ILE C 531 16.09 65.50 -1.07
C ILE C 531 17.02 64.72 -0.16
N GLU C 532 17.22 63.45 -0.48
CA GLU C 532 18.15 62.59 0.24
C GLU C 532 18.94 61.77 -0.78
N THR C 533 20.03 61.16 -0.33
CA THR C 533 20.82 60.34 -1.24
C THR C 533 20.16 58.98 -1.43
N LEU C 534 20.26 58.45 -2.66
CA LEU C 534 19.63 57.17 -2.98
C LEU C 534 20.15 56.06 -2.07
N ILE C 535 21.48 56.00 -1.90
CA ILE C 535 22.09 55.03 -1.00
C ILE C 535 21.62 55.25 0.42
N GLY C 536 21.29 56.50 0.78
CA GLY C 536 20.84 56.78 2.14
C GLY C 536 19.53 56.10 2.47
N LYS C 537 18.56 56.17 1.55
CA LYS C 537 17.28 55.50 1.78
C LYS C 537 17.45 53.99 1.79
N LYS C 538 18.31 53.48 0.89
CA LYS C 538 18.58 52.03 0.93
C LYS C 538 19.15 51.61 2.28
N GLN C 539 20.05 52.40 2.85
CA GLN C 539 20.65 52.07 4.14
C GLN C 539 19.62 52.11 5.24
N GLN C 540 18.70 53.08 5.20
CA GLN C 540 17.68 53.18 6.23
C GLN C 540 16.80 51.92 6.27
N ILE C 541 16.36 51.46 5.10
CA ILE C 541 15.52 50.26 5.07
C ILE C 541 16.31 49.02 5.49
N SER C 542 17.54 48.88 4.97
CA SER C 542 18.36 47.71 5.30
C SER C 542 18.58 47.60 6.81
N LEU C 543 18.93 48.72 7.45
CA LEU C 543 19.18 48.70 8.89
C LEU C 543 17.90 48.40 9.68
N ALA C 544 16.77 49.03 9.29
CA ALA C 544 15.53 48.83 10.04
C ALA C 544 15.09 47.37 10.01
N THR C 545 15.20 46.73 8.85
CA THR C 545 14.78 45.34 8.78
C THR C 545 15.69 44.42 9.59
N GLN C 546 16.99 44.75 9.67
CA GLN C 546 17.86 43.96 10.54
C GLN C 546 17.40 44.01 12.00
N MET C 547 16.99 45.20 12.45
CA MET C 547 16.48 45.30 13.83
C MET C 547 15.29 44.36 14.05
N VAL C 548 14.38 44.33 13.07
CA VAL C 548 13.20 43.46 13.23
C VAL C 548 13.60 42.00 13.35
N ARG C 549 14.48 41.53 12.46
CA ARG C 549 14.87 40.12 12.50
C ARG C 549 15.49 39.75 13.83
N MET C 550 16.31 40.64 14.39
CA MET C 550 16.99 40.30 15.64
C MET C 550 16.03 40.22 16.82
N ILE C 551 14.99 41.06 16.85
CA ILE C 551 14.08 41.04 18.00
C ILE C 551 12.97 40.00 17.87
N LEU C 552 12.67 39.54 16.66
CA LEU C 552 11.66 38.51 16.42
C LEU C 552 12.28 37.13 16.26
N LYS C 553 13.56 36.99 16.65
CA LYS C 553 14.28 35.72 16.78
C LYS C 553 14.18 35.32 18.27
N ILE C 554 13.06 34.67 18.61
CA ILE C 554 12.62 34.62 20.02
C ILE C 554 13.49 33.66 20.85
N ASP C 555 13.64 32.40 20.42
CA ASP C 555 14.44 31.44 21.17
C ASP C 555 15.12 30.36 20.31
N ASP C 556 15.17 30.52 18.99
CA ASP C 556 15.89 29.60 18.10
C ASP C 556 17.40 29.76 18.26
N ILE C 557 18.08 28.70 18.74
CA ILE C 557 19.52 28.73 18.98
C ILE C 557 20.31 28.52 17.68
N ARG C 558 19.99 27.45 16.95
CA ARG C 558 20.55 27.24 15.60
C ARG C 558 19.84 28.14 14.60
N LYS C 559 20.61 28.72 13.67
CA LYS C 559 20.06 29.57 12.60
C LYS C 559 19.31 28.73 11.57
N PRO C 560 18.00 28.89 11.39
CA PRO C 560 17.25 28.05 10.45
C PRO C 560 17.20 28.64 9.04
N GLY C 561 16.71 27.81 8.11
CA GLY C 561 16.23 28.34 6.85
C GLY C 561 14.85 28.95 7.02
N GLU C 562 14.32 29.54 5.94
CA GLU C 562 12.94 30.04 5.98
C GLU C 562 12.00 28.86 5.76
N SER C 563 11.85 28.05 6.80
CA SER C 563 11.12 26.79 6.68
C SER C 563 9.71 27.04 6.13
N GLU C 564 9.19 26.03 5.42
CA GLU C 564 7.82 26.11 4.91
C GLU C 564 6.84 25.98 6.07
N GLU C 565 5.57 25.79 5.75
CA GLU C 565 4.54 25.66 6.76
C GLU C 565 4.22 24.21 7.03
#